data_3T05
#
_entry.id   3T05
#
_cell.length_a   84.017
_cell.length_b   111.263
_cell.length_c   111.155
_cell.angle_alpha   85.360
_cell.angle_beta   80.150
_cell.angle_gamma   70.460
#
_symmetry.space_group_name_H-M   'P 1'
#
loop_
_entity.id
_entity.type
_entity.pdbx_description
1 polymer 'Pyruvate kinase'
2 non-polymer 'PHOSPHATE ION'
#
_entity_poly.entity_id   1
_entity_poly.type   'polypeptide(L)'
_entity_poly.pdbx_seq_one_letter_code
;MGSSHHHHHHSSGLVPRGSHMMRKTKIVCTIGPASESEEMIEKLINAGMNVARLNFSHGSHEEHKGRIDTIRKVAKRLDK
IVAILLDTKGPEIRTHNMKDGIIELERGNEVIVSMNEVEGTPEKFSVTYENLINDVQVGSYILLDDGLIELQVKDIDHAK
KEVKCDILNSGELKNKKGVNLPGVRVSLPGITEKDAEDIRFGIKENVDFIAASFVRRPSDVLEIREILEEQKANISVFPK
IENQEGIDNIEEILEVSDGLMVARGDMGVEIPPEKVPMVQKDLIRQCNKLGKPVITATQMLDSMQRNPRATRAEASDVAN
AIYDGTDAVMLSGETAAGLYPEEAVKTMRNIAVSAEAAQDYKKLLSDRTKLVETSLVNAIGISVAHTALNLNVKAIVAAT
ESGSTARTISKYRPHSDIIAVTPSEETARQCSIVWGVQPVVKKGRKSTDALLNNAVATAVETGRVTNGDLIIITAGVPTG
ETGTTNMMKIHLVGDEIANGQGIGRGSVVGTTLVAETVKDLEGKDLSDKVIVTNSIDETFVPYVEKALGLITEENGITSP
SAIVGLEKGIPTVVGVEKAVKNISNNVLVTIDAAQGKIFEGYANVL
;
_entity_poly.pdbx_strand_id   A,B,C,D
#
# COMPACT_ATOMS: atom_id res chain seq x y z
N MET A 22 12.98 -13.81 24.39
CA MET A 22 12.00 -12.69 24.19
C MET A 22 12.45 -11.55 25.07
N ARG A 23 13.41 -10.75 24.59
CA ARG A 23 13.95 -9.62 25.38
C ARG A 23 14.43 -8.45 24.54
N LYS A 24 15.14 -8.70 23.44
CA LYS A 24 15.30 -7.75 22.30
C LYS A 24 16.20 -6.52 22.54
N THR A 25 15.74 -5.62 23.41
CA THR A 25 16.46 -4.38 23.69
C THR A 25 17.55 -4.58 24.78
N LYS A 26 18.79 -4.30 24.42
CA LYS A 26 19.93 -4.69 25.25
C LYS A 26 20.28 -3.64 26.30
N ILE A 27 20.77 -4.11 27.45
CA ILE A 27 21.03 -3.24 28.61
C ILE A 27 22.54 -2.99 28.87
N VAL A 28 23.02 -1.77 28.65
CA VAL A 28 24.39 -1.39 29.00
C VAL A 28 24.48 -0.78 30.42
N CYS A 29 25.45 -1.18 31.22
CA CYS A 29 25.54 -0.66 32.61
C CYS A 29 26.87 -0.05 32.92
N THR A 30 26.87 1.12 33.51
CA THR A 30 28.12 1.76 33.96
C THR A 30 28.60 1.19 35.29
N ILE A 31 29.76 0.57 35.27
CA ILE A 31 30.36 0.06 36.51
C ILE A 31 31.06 1.16 37.35
N GLY A 32 30.79 1.15 38.65
CA GLY A 32 31.39 2.11 39.56
C GLY A 32 31.54 1.53 40.95
N PRO A 33 31.97 2.35 41.91
CA PRO A 33 32.12 1.96 43.32
C PRO A 33 30.98 1.08 43.85
N ALA A 34 29.75 1.31 43.37
CA ALA A 34 28.55 0.61 43.88
C ALA A 34 28.45 -0.80 43.37
N SER A 35 29.26 -1.11 42.36
CA SER A 35 29.11 -2.33 41.58
C SER A 35 30.45 -2.85 41.01
N GLU A 36 31.53 -2.66 41.78
CA GLU A 36 32.83 -3.30 41.44
C GLU A 36 32.78 -4.72 41.96
N SER A 37 32.00 -4.89 43.02
CA SER A 37 31.95 -6.12 43.79
C SER A 37 31.56 -7.33 42.93
N GLU A 38 32.46 -8.32 42.86
CA GLU A 38 32.18 -9.64 42.27
C GLU A 38 30.73 -10.11 42.53
N GLU A 39 30.30 -10.02 43.80
CA GLU A 39 28.93 -10.37 44.23
C GLU A 39 27.86 -9.57 43.48
N MET A 40 28.11 -8.27 43.29
CA MET A 40 27.14 -7.35 42.65
C MET A 40 27.18 -7.42 41.12
N ILE A 41 28.38 -7.60 40.55
CA ILE A 41 28.51 -7.82 39.11
C ILE A 41 27.80 -9.11 38.71
N GLU A 42 27.85 -10.14 39.55
CA GLU A 42 27.03 -11.34 39.33
C GLU A 42 25.54 -10.96 39.28
N LYS A 43 25.06 -10.19 40.24
CA LYS A 43 23.64 -9.90 40.32
C LYS A 43 23.17 -9.11 39.12
N LEU A 44 24.03 -8.26 38.56
CA LEU A 44 23.68 -7.41 37.39
C LEU A 44 23.64 -8.23 36.10
N ILE A 45 24.56 -9.17 35.98
CA ILE A 45 24.57 -10.06 34.85
C ILE A 45 23.26 -10.85 34.89
N ASN A 46 22.93 -11.39 36.05
CA ASN A 46 21.67 -12.12 36.22
C ASN A 46 20.44 -11.24 36.01
N ALA A 47 20.59 -9.94 36.21
CA ALA A 47 19.47 -9.01 36.09
C ALA A 47 19.36 -8.42 34.69
N GLY A 48 20.24 -8.85 33.80
CA GLY A 48 20.09 -8.61 32.36
C GLY A 48 21.21 -7.86 31.69
N MET A 49 22.25 -7.48 32.43
CA MET A 49 23.30 -6.64 31.85
C MET A 49 23.98 -7.32 30.68
N ASN A 50 24.14 -6.61 29.59
CA ASN A 50 24.70 -7.19 28.35
C ASN A 50 26.06 -6.58 28.06
N VAL A 51 26.26 -5.35 28.49
CA VAL A 51 27.49 -4.68 28.16
C VAL A 51 27.92 -3.85 29.38
N ALA A 52 29.22 -3.87 29.67
CA ALA A 52 29.78 -3.12 30.84
C ALA A 52 30.48 -1.87 30.41
N ARG A 53 29.89 -0.73 30.72
CA ARG A 53 30.49 0.56 30.42
C ARG A 53 31.59 0.92 31.48
N LEU A 54 32.77 1.24 30.97
CA LEU A 54 33.79 1.85 31.80
C LEU A 54 33.94 3.32 31.35
N ASN A 55 33.60 4.24 32.23
CA ASN A 55 33.67 5.64 31.89
C ASN A 55 35.03 6.19 32.29
N PHE A 56 35.79 6.56 31.25
CA PHE A 56 37.15 7.05 31.41
C PHE A 56 37.24 8.55 31.68
N SER A 57 36.11 9.19 31.95
CA SER A 57 36.11 10.53 32.47
C SER A 57 36.81 10.55 33.83
N HIS A 58 36.60 9.51 34.62
CA HIS A 58 37.17 9.37 35.95
C HIS A 58 37.90 8.08 36.05
N GLY A 59 38.58 7.87 37.17
CA GLY A 59 39.27 6.62 37.47
C GLY A 59 40.58 6.43 36.71
N SER A 60 41.49 5.67 37.33
CA SER A 60 42.81 5.38 36.76
C SER A 60 42.76 4.07 36.00
N HIS A 61 43.73 3.88 35.11
CA HIS A 61 43.84 2.62 34.38
C HIS A 61 43.84 1.45 35.32
N GLU A 62 44.59 1.60 36.41
CA GLU A 62 44.66 0.65 37.53
C GLU A 62 43.29 0.16 38.00
N GLU A 63 42.37 1.11 38.24
CA GLU A 63 41.00 0.80 38.67
C GLU A 63 40.23 0.09 37.56
N HIS A 64 40.25 0.67 36.37
CA HIS A 64 39.49 0.14 35.21
C HIS A 64 39.95 -1.26 34.86
N LYS A 65 41.24 -1.52 34.97
CA LYS A 65 41.76 -2.86 34.76
C LYS A 65 41.23 -3.82 35.83
N GLY A 66 40.99 -3.32 37.03
CA GLY A 66 40.55 -4.17 38.13
C GLY A 66 39.16 -4.68 37.92
N ARG A 67 38.30 -3.79 37.45
CA ARG A 67 36.91 -4.11 37.12
C ARG A 67 36.81 -5.03 35.88
N ILE A 68 37.64 -4.77 34.88
CA ILE A 68 37.63 -5.59 33.68
C ILE A 68 37.88 -7.02 34.04
N ASP A 69 38.88 -7.28 34.86
CA ASP A 69 39.14 -8.63 35.29
C ASP A 69 37.93 -9.27 35.98
N THR A 70 37.26 -8.50 36.83
CA THR A 70 36.13 -9.02 37.62
C THR A 70 35.02 -9.44 36.70
N ILE A 71 34.72 -8.55 35.76
CA ILE A 71 33.67 -8.78 34.77
C ILE A 71 34.02 -10.04 33.98
N ARG A 72 35.20 -10.08 33.38
CA ARG A 72 35.59 -11.28 32.66
C ARG A 72 35.37 -12.53 33.52
N LYS A 73 35.95 -12.50 34.72
CA LYS A 73 35.95 -13.65 35.61
C LYS A 73 34.54 -14.09 35.95
N VAL A 74 33.73 -13.16 36.46
CA VAL A 74 32.36 -13.51 36.86
C VAL A 74 31.46 -13.88 35.63
N ALA A 75 31.83 -13.37 34.44
CA ALA A 75 31.12 -13.70 33.17
C ALA A 75 31.35 -15.13 32.77
N LYS A 76 32.63 -15.52 32.74
CA LYS A 76 32.96 -16.87 32.29
C LYS A 76 32.76 -17.94 33.37
N ARG A 77 32.46 -17.52 34.60
CA ARG A 77 31.99 -18.48 35.60
C ARG A 77 30.52 -18.73 35.34
N LEU A 78 29.73 -17.66 35.25
CA LEU A 78 28.29 -17.78 34.95
C LEU A 78 28.01 -18.17 33.49
N ASP A 79 29.07 -18.28 32.71
CA ASP A 79 29.00 -18.78 31.33
C ASP A 79 28.04 -17.92 30.52
N LYS A 80 28.27 -16.61 30.57
CA LYS A 80 27.45 -15.65 29.86
C LYS A 80 28.33 -14.69 29.08
N ILE A 81 27.75 -14.11 28.02
CA ILE A 81 28.46 -13.21 27.11
C ILE A 81 28.11 -11.82 27.53
N VAL A 82 29.12 -11.11 28.06
CA VAL A 82 28.98 -9.68 28.39
C VAL A 82 30.09 -8.94 27.69
N ALA A 83 29.77 -7.85 27.01
CA ALA A 83 30.79 -7.06 26.30
C ALA A 83 31.42 -6.05 27.30
N ILE A 84 32.59 -5.50 26.94
CA ILE A 84 33.06 -4.30 27.60
C ILE A 84 33.03 -3.07 26.66
N LEU A 85 32.34 -2.02 27.10
CA LEU A 85 32.43 -0.71 26.48
C LEU A 85 33.33 0.28 27.25
N LEU A 86 34.25 0.91 26.51
CA LEU A 86 35.13 1.98 27.06
C LEU A 86 34.69 3.35 26.51
N ASP A 87 34.19 4.18 27.44
CA ASP A 87 33.71 5.51 27.10
C ASP A 87 34.81 6.54 27.43
N THR A 88 35.33 7.17 26.38
CA THR A 88 36.36 8.21 26.46
C THR A 88 35.82 9.44 27.20
N LYS A 89 36.70 10.32 27.66
CA LYS A 89 36.24 11.57 28.28
C LYS A 89 35.90 12.57 27.17
N GLY A 90 36.84 12.75 26.26
CA GLY A 90 36.69 13.66 25.13
C GLY A 90 37.40 15.01 25.29
N PRO A 91 37.45 15.78 24.20
CA PRO A 91 37.82 17.16 24.27
C PRO A 91 36.80 17.91 25.06
N GLU A 92 37.16 19.06 25.61
CA GLU A 92 36.20 19.90 26.34
C GLU A 92 36.71 21.30 26.48
N ILE A 93 35.82 22.23 26.80
CA ILE A 93 36.15 23.62 27.04
C ILE A 93 35.79 23.99 28.46
N ARG A 94 36.75 23.91 29.37
CA ARG A 94 36.49 24.31 30.73
C ARG A 94 36.88 25.77 30.98
N THR A 95 36.33 26.30 32.05
CA THR A 95 36.85 27.47 32.71
C THR A 95 38.12 27.06 33.42
N HIS A 96 39.08 28.00 33.50
CA HIS A 96 40.23 27.90 34.41
C HIS A 96 39.79 28.20 35.82
N ASN A 97 40.72 28.12 36.76
CA ASN A 97 40.44 28.42 38.17
C ASN A 97 39.86 29.81 38.43
N MET A 98 39.12 29.92 39.52
CA MET A 98 38.36 31.12 39.85
C MET A 98 38.75 31.69 41.22
N LYS A 99 38.73 33.02 41.34
CA LYS A 99 39.25 33.68 42.55
C LYS A 99 38.32 33.45 43.74
N ASP A 100 38.92 33.08 44.87
CA ASP A 100 38.22 32.63 46.08
C ASP A 100 37.48 31.30 45.91
N GLY A 101 37.70 30.58 44.81
CA GLY A 101 37.02 29.32 44.56
C GLY A 101 35.64 29.47 43.93
N ILE A 102 34.91 30.50 44.36
CA ILE A 102 33.60 30.84 43.83
C ILE A 102 33.63 32.29 43.34
N ILE A 103 32.90 32.58 42.27
CA ILE A 103 32.76 33.95 41.76
C ILE A 103 31.32 34.13 41.30
N GLU A 104 30.82 35.37 41.31
CA GLU A 104 29.44 35.67 40.90
C GLU A 104 29.39 36.56 39.67
N LEU A 105 28.25 36.56 38.98
CA LEU A 105 28.07 37.37 37.78
C LEU A 105 26.67 37.99 37.77
N GLU A 106 26.58 39.32 37.73
CA GLU A 106 25.29 40.03 37.78
C GLU A 106 24.55 39.81 36.44
N ARG A 107 23.27 40.16 36.42
CA ARG A 107 22.36 39.74 35.34
C ARG A 107 22.28 40.67 34.12
N GLY A 108 22.49 41.97 34.30
CA GLY A 108 22.44 42.92 33.18
C GLY A 108 23.81 43.44 32.84
N ASN A 109 24.83 42.75 33.33
CA ASN A 109 26.21 43.22 33.32
C ASN A 109 27.02 42.77 32.11
N GLU A 110 28.35 42.97 32.19
CA GLU A 110 29.26 42.51 31.15
C GLU A 110 30.38 41.64 31.76
N VAL A 111 30.90 40.71 30.96
CA VAL A 111 32.08 39.94 31.31
C VAL A 111 32.99 39.77 30.10
N ILE A 112 34.29 39.72 30.39
CA ILE A 112 35.30 39.54 29.36
C ILE A 112 35.78 38.10 29.49
N VAL A 113 35.81 37.39 28.38
CA VAL A 113 36.33 36.04 28.37
C VAL A 113 37.72 36.05 27.73
N SER A 114 38.76 35.92 28.56
CA SER A 114 40.14 35.99 28.08
C SER A 114 40.55 34.68 27.46
N MET A 115 41.23 34.74 26.33
CA MET A 115 41.83 33.54 25.78
C MET A 115 43.13 33.22 26.50
N ASN A 116 43.66 34.15 27.30
CA ASN A 116 44.81 33.88 28.17
C ASN A 116 44.35 33.58 29.57
N GLU A 117 45.05 32.65 30.22
CA GLU A 117 44.65 32.22 31.56
C GLU A 117 44.73 33.36 32.55
N VAL A 118 43.71 33.44 33.40
CA VAL A 118 43.64 34.43 34.48
C VAL A 118 42.85 33.85 35.67
N GLU A 119 42.99 34.49 36.83
CA GLU A 119 42.10 34.23 37.98
C GLU A 119 40.75 34.91 37.73
N GLY A 120 39.69 34.22 38.15
CA GLY A 120 38.33 34.62 37.86
C GLY A 120 37.84 35.85 38.59
N THR A 121 37.24 36.75 37.84
CA THR A 121 36.69 37.97 38.40
C THR A 121 35.43 38.27 37.61
N PRO A 122 34.43 38.87 38.25
CA PRO A 122 33.22 39.32 37.54
C PRO A 122 33.46 40.05 36.20
N GLU A 123 34.71 40.47 35.96
CA GLU A 123 35.06 41.15 34.72
C GLU A 123 35.93 40.23 33.83
N LYS A 124 37.08 39.81 34.36
CA LYS A 124 38.07 39.04 33.62
C LYS A 124 37.92 37.60 34.07
N PHE A 125 38.03 36.70 33.11
CA PHE A 125 37.51 35.37 33.26
C PHE A 125 38.04 34.56 32.09
N SER A 126 38.64 33.41 32.36
CA SER A 126 39.48 32.71 31.36
C SER A 126 38.89 31.38 30.94
N VAL A 127 39.19 30.93 29.71
CA VAL A 127 38.72 29.60 29.18
C VAL A 127 39.86 28.76 28.57
N THR A 128 39.82 27.45 28.74
CA THR A 128 40.96 26.62 28.35
C THR A 128 41.17 26.52 26.85
N TYR A 129 40.10 26.72 26.09
CA TYR A 129 40.14 26.59 24.63
C TYR A 129 40.44 27.95 24.09
N GLU A 130 41.74 28.23 23.97
CA GLU A 130 42.25 29.57 23.60
C GLU A 130 41.73 29.99 22.24
N ASN A 131 41.43 29.01 21.39
CA ASN A 131 41.00 29.30 20.05
C ASN A 131 39.51 29.59 19.90
N LEU A 132 38.82 29.78 21.04
CA LEU A 132 37.38 30.15 21.08
C LEU A 132 37.07 31.40 20.27
N ILE A 133 37.92 32.39 20.43
CA ILE A 133 37.80 33.66 19.73
C ILE A 133 37.64 33.53 18.19
N ASN A 134 38.21 32.47 17.60
CA ASN A 134 38.12 32.20 16.17
C ASN A 134 36.80 31.49 15.74
N ASP A 135 36.12 30.88 16.70
CA ASP A 135 34.90 30.10 16.41
C ASP A 135 33.65 30.96 16.57
N VAL A 136 33.64 31.86 17.54
CA VAL A 136 32.45 32.69 17.82
C VAL A 136 32.42 33.97 17.00
N GLN A 137 31.33 34.70 17.16
CA GLN A 137 31.23 36.04 16.59
C GLN A 137 30.20 36.82 17.39
N VAL A 138 30.09 38.12 17.10
CA VAL A 138 29.14 39.00 17.79
C VAL A 138 27.74 38.46 17.59
N GLY A 139 27.01 38.33 18.68
CA GLY A 139 25.68 37.72 18.67
C GLY A 139 25.65 36.28 19.19
N SER A 140 26.78 35.56 19.08
CA SER A 140 26.85 34.15 19.50
C SER A 140 26.58 34.01 21.00
N TYR A 141 25.95 32.92 21.41
CA TYR A 141 25.71 32.65 22.83
C TYR A 141 26.82 31.76 23.38
N ILE A 142 27.15 31.94 24.67
CA ILE A 142 28.12 31.12 25.37
C ILE A 142 27.46 30.63 26.66
N LEU A 143 27.64 29.36 27.00
CA LEU A 143 26.99 28.77 28.16
C LEU A 143 28.01 28.21 29.14
N LEU A 144 27.73 28.39 30.43
CA LEU A 144 28.69 28.09 31.46
C LEU A 144 28.11 27.12 32.47
N ASP A 145 28.95 26.21 32.96
CA ASP A 145 28.58 25.23 33.99
C ASP A 145 27.38 24.39 33.56
N ASP A 146 27.56 23.69 32.42
CA ASP A 146 26.50 22.89 31.81
C ASP A 146 25.21 23.69 31.60
N GLY A 147 25.37 24.90 31.06
CA GLY A 147 24.22 25.75 30.74
C GLY A 147 23.51 26.34 31.96
N LEU A 148 24.28 26.61 33.02
CA LEU A 148 23.74 27.28 34.22
C LEU A 148 23.45 28.77 33.94
N ILE A 149 24.40 29.45 33.31
CA ILE A 149 24.25 30.87 33.02
C ILE A 149 24.75 31.11 31.61
N GLU A 150 23.98 31.83 30.82
CA GLU A 150 24.39 32.08 29.46
C GLU A 150 24.88 33.51 29.29
N LEU A 151 25.82 33.67 28.36
CA LEU A 151 26.37 34.96 28.01
C LEU A 151 26.08 35.19 26.53
N GLN A 152 26.38 36.39 26.03
CA GLN A 152 26.29 36.66 24.59
C GLN A 152 27.32 37.67 24.09
N VAL A 153 27.94 37.35 22.96
CA VAL A 153 29.10 38.07 22.45
C VAL A 153 28.71 39.48 22.00
N LYS A 154 29.28 40.48 22.69
CA LYS A 154 29.15 41.89 22.37
C LYS A 154 30.25 42.37 21.39
N ASP A 155 31.53 42.23 21.77
CA ASP A 155 32.66 42.63 20.90
C ASP A 155 33.75 41.57 20.92
N ILE A 156 34.55 41.58 19.87
CA ILE A 156 35.74 40.76 19.78
C ILE A 156 36.95 41.70 19.57
N ASP A 157 38.01 41.45 20.34
CA ASP A 157 39.29 42.11 20.18
C ASP A 157 40.38 41.07 19.98
N HIS A 158 40.96 41.04 18.79
CA HIS A 158 41.99 40.06 18.46
C HIS A 158 43.37 40.53 18.83
N ALA A 159 43.51 41.81 19.16
CA ALA A 159 44.78 42.32 19.66
C ALA A 159 45.00 41.76 21.05
N LYS A 160 44.09 42.11 21.96
CA LYS A 160 44.13 41.60 23.34
C LYS A 160 43.67 40.16 23.45
N LYS A 161 43.09 39.62 22.37
CA LYS A 161 42.50 38.28 22.35
C LYS A 161 41.53 38.14 23.51
N GLU A 162 40.53 39.00 23.54
CA GLU A 162 39.52 38.97 24.59
C GLU A 162 38.16 39.21 23.98
N VAL A 163 37.20 38.42 24.44
CA VAL A 163 35.83 38.44 23.92
C VAL A 163 34.92 39.05 24.99
N LYS A 164 34.39 40.25 24.69
CA LYS A 164 33.55 41.00 25.62
C LYS A 164 32.11 40.54 25.47
N CYS A 165 31.48 40.18 26.58
CA CYS A 165 30.14 39.56 26.55
C CYS A 165 29.14 40.18 27.51
N ASP A 166 27.86 40.03 27.16
CA ASP A 166 26.76 40.47 28.02
C ASP A 166 26.26 39.28 28.81
N ILE A 167 26.40 39.33 30.14
CA ILE A 167 25.84 38.31 31.03
C ILE A 167 24.31 38.43 31.07
N LEU A 168 23.60 37.29 31.18
CA LEU A 168 22.12 37.23 31.00
C LEU A 168 21.34 36.56 32.15
N ASN A 169 21.92 35.52 32.76
CA ASN A 169 21.21 34.74 33.79
C ASN A 169 21.98 34.62 35.08
N SER A 170 22.44 35.74 35.61
CA SER A 170 23.19 35.81 36.89
C SER A 170 23.21 34.55 37.76
N GLY A 171 24.39 33.96 37.93
CA GLY A 171 24.59 32.79 38.80
C GLY A 171 26.03 32.68 39.28
N GLU A 172 26.27 31.76 40.21
CA GLU A 172 27.64 31.56 40.73
C GLU A 172 28.48 30.76 39.74
N LEU A 173 29.81 30.83 39.90
CA LEU A 173 30.76 30.18 38.99
C LEU A 173 31.95 29.58 39.75
N LYS A 174 31.92 28.28 39.97
CA LYS A 174 33.01 27.52 40.59
C LYS A 174 34.15 27.32 39.58
N ASN A 175 35.23 26.66 40.02
CA ASN A 175 36.47 26.59 39.26
C ASN A 175 36.32 25.96 37.86
N LYS A 176 36.67 24.69 37.77
CA LYS A 176 36.85 24.05 36.48
C LYS A 176 35.49 23.63 35.88
N LYS A 177 34.66 24.62 35.57
CA LYS A 177 33.31 24.37 35.06
C LYS A 177 33.26 24.47 33.53
N GLY A 178 32.41 23.66 32.92
CA GLY A 178 32.37 23.50 31.47
C GLY A 178 31.73 24.64 30.72
N VAL A 179 32.13 24.80 29.46
CA VAL A 179 31.64 25.86 28.59
C VAL A 179 31.12 25.25 27.30
N ASN A 180 29.98 25.74 26.81
CA ASN A 180 29.37 25.17 25.59
C ASN A 180 28.95 26.23 24.60
N LEU A 181 29.48 26.16 23.37
CA LEU A 181 29.12 27.13 22.32
C LEU A 181 28.07 26.52 21.40
N PRO A 182 26.80 26.92 21.52
CA PRO A 182 25.75 26.33 20.69
C PRO A 182 25.96 26.44 19.16
N GLY A 183 26.80 25.54 18.66
CA GLY A 183 27.05 25.28 17.23
C GLY A 183 26.86 26.40 16.23
N VAL A 184 27.90 27.10 15.81
CA VAL A 184 29.30 26.95 16.25
C VAL A 184 29.99 25.60 15.93
N ARG A 185 30.76 25.61 14.85
CA ARG A 185 31.67 24.51 14.54
C ARG A 185 32.84 24.57 15.51
N VAL A 186 32.65 24.06 16.72
CA VAL A 186 33.72 24.05 17.71
C VAL A 186 34.90 23.24 17.17
N SER A 187 36.08 23.85 17.13
CA SER A 187 37.20 23.30 16.37
C SER A 187 38.24 22.55 17.24
N LEU A 188 37.79 21.94 18.33
CA LEU A 188 38.64 21.08 19.14
C LEU A 188 39.23 19.98 18.28
N PRO A 189 40.18 19.20 18.81
CA PRO A 189 40.56 17.98 18.08
C PRO A 189 39.50 16.88 18.22
N GLY A 190 39.69 15.78 17.50
CA GLY A 190 38.77 14.64 17.60
C GLY A 190 38.90 13.88 18.92
N ILE A 191 40.15 13.66 19.32
CA ILE A 191 40.54 13.06 20.61
C ILE A 191 41.67 13.82 21.30
N THR A 192 41.66 13.81 22.63
CA THR A 192 42.73 14.43 23.44
C THR A 192 43.93 13.48 23.47
N GLU A 193 45.02 13.91 24.08
CA GLU A 193 46.17 13.04 24.25
C GLU A 193 45.75 11.86 25.14
N LYS A 194 44.99 12.18 26.18
CA LYS A 194 44.55 11.22 27.18
C LYS A 194 43.76 10.15 26.52
N ASP A 195 42.72 10.58 25.82
CA ASP A 195 41.86 9.68 25.02
C ASP A 195 42.71 8.77 24.15
N ALA A 196 43.64 9.34 23.38
CA ALA A 196 44.58 8.55 22.60
C ALA A 196 45.28 7.45 23.44
N GLU A 197 45.70 7.76 24.67
CA GLU A 197 46.27 6.76 25.58
C GLU A 197 45.24 5.81 26.18
N ASP A 198 44.06 6.34 26.49
CA ASP A 198 42.93 5.52 26.98
C ASP A 198 42.48 4.45 25.97
N ILE A 199 42.46 4.80 24.70
CA ILE A 199 42.01 3.85 23.69
C ILE A 199 43.08 2.78 23.42
N ARG A 200 44.36 3.06 23.70
CA ARG A 200 45.41 2.04 23.51
C ARG A 200 45.38 1.08 24.67
N PHE A 201 44.75 1.51 25.76
CA PHE A 201 44.57 0.67 26.93
C PHE A 201 43.42 -0.29 26.59
N GLY A 202 42.38 0.27 25.99
CA GLY A 202 41.35 -0.55 25.40
C GLY A 202 41.93 -1.56 24.41
N ILE A 203 42.86 -1.13 23.57
CA ILE A 203 43.50 -2.05 22.65
C ILE A 203 44.22 -3.14 23.44
N LYS A 204 44.82 -2.78 24.58
CA LYS A 204 45.59 -3.72 25.37
C LYS A 204 44.70 -4.78 26.01
N GLU A 205 43.48 -4.44 26.43
CA GLU A 205 42.55 -5.46 27.00
C GLU A 205 41.52 -6.08 26.02
N ASN A 206 41.77 -6.05 24.71
CA ASN A 206 40.78 -6.51 23.72
C ASN A 206 39.34 -6.03 24.02
N VAL A 207 39.23 -4.83 24.58
CA VAL A 207 37.93 -4.27 24.97
C VAL A 207 37.02 -4.25 23.74
N ASP A 208 35.71 -4.46 23.93
CA ASP A 208 34.80 -4.68 22.80
C ASP A 208 34.28 -3.43 22.05
N PHE A 209 34.07 -2.34 22.79
CA PHE A 209 33.46 -1.15 22.25
C PHE A 209 34.18 0.08 22.73
N ILE A 210 34.36 1.05 21.84
CA ILE A 210 34.79 2.41 22.23
C ILE A 210 33.74 3.50 21.83
N ALA A 211 32.98 3.96 22.82
CA ALA A 211 32.10 5.10 22.69
C ALA A 211 32.97 6.37 22.69
N ALA A 212 33.01 7.09 21.55
CA ALA A 212 33.87 8.30 21.36
C ALA A 212 33.10 9.55 21.70
N SER A 213 33.71 10.46 22.46
CA SER A 213 32.96 11.58 22.99
C SER A 213 33.03 12.81 22.08
N PHE A 214 31.97 13.62 22.15
CA PHE A 214 31.85 14.88 21.42
C PHE A 214 32.18 14.74 19.95
N VAL A 215 31.83 13.63 19.35
CA VAL A 215 32.07 13.48 17.93
C VAL A 215 31.14 14.44 17.17
N ARG A 216 31.58 14.84 15.99
CA ARG A 216 30.84 15.85 15.26
C ARG A 216 31.24 15.96 13.79
N ARG A 217 32.35 15.35 13.39
CA ARG A 217 32.63 15.15 11.99
C ARG A 217 33.34 13.81 11.85
N PRO A 218 33.32 13.22 10.62
CA PRO A 218 33.97 11.95 10.35
C PRO A 218 35.43 11.89 10.80
N SER A 219 36.19 12.97 10.57
CA SER A 219 37.58 13.10 11.07
C SER A 219 37.70 12.46 12.43
N ASP A 220 36.88 12.94 13.35
CA ASP A 220 36.97 12.63 14.78
C ASP A 220 36.92 11.12 15.04
N VAL A 221 36.19 10.38 14.23
CA VAL A 221 36.16 8.93 14.36
C VAL A 221 37.45 8.36 13.76
N LEU A 222 37.70 8.71 12.48
CA LEU A 222 38.86 8.23 11.75
C LEU A 222 40.14 8.28 12.58
N GLU A 223 40.24 9.32 13.42
CA GLU A 223 41.34 9.49 14.39
C GLU A 223 41.41 8.31 15.38
N ILE A 224 40.26 7.86 15.87
CA ILE A 224 40.28 6.63 16.68
C ILE A 224 40.63 5.45 15.80
N ARG A 225 40.04 5.37 14.60
CA ARG A 225 40.21 4.17 13.73
C ARG A 225 41.62 4.00 13.17
N GLU A 226 42.37 5.09 13.02
CA GLU A 226 43.79 4.98 12.61
C GLU A 226 44.69 4.45 13.75
N ILE A 227 44.30 4.72 15.00
CA ILE A 227 45.01 4.17 16.16
C ILE A 227 44.70 2.69 16.30
N LEU A 228 43.47 2.32 15.97
CA LEU A 228 43.07 0.92 16.01
C LEU A 228 43.78 0.14 14.92
N GLU A 229 43.73 0.64 13.68
CA GLU A 229 44.28 -0.10 12.55
C GLU A 229 45.78 -0.39 12.70
N GLU A 230 46.49 0.41 13.50
CA GLU A 230 47.92 0.17 13.74
C GLU A 230 48.15 -1.15 14.45
N GLN A 231 47.42 -1.39 15.53
CA GLN A 231 47.53 -2.66 16.24
C GLN A 231 46.52 -3.71 15.73
N LYS A 232 46.03 -3.55 14.50
CA LYS A 232 45.00 -4.43 13.94
C LYS A 232 43.99 -4.73 15.03
N ALA A 233 43.36 -3.70 15.59
CA ALA A 233 42.67 -3.85 16.86
C ALA A 233 41.36 -4.61 16.76
N ASN A 234 40.51 -4.27 15.79
CA ASN A 234 39.11 -4.71 15.77
C ASN A 234 38.38 -4.42 17.11
N ILE A 235 37.85 -3.20 17.18
CA ILE A 235 36.93 -2.76 18.21
C ILE A 235 35.86 -1.90 17.54
N SER A 236 34.64 -2.00 18.02
CA SER A 236 33.58 -1.21 17.44
C SER A 236 33.65 0.18 18.03
N VAL A 237 33.50 1.19 17.17
CA VAL A 237 33.54 2.59 17.57
C VAL A 237 32.13 3.23 17.42
N PHE A 238 31.66 3.82 18.53
CA PHE A 238 30.32 4.35 18.67
C PHE A 238 30.42 5.81 19.09
N PRO A 239 30.23 6.74 18.17
CA PRO A 239 30.23 8.18 18.46
C PRO A 239 29.20 8.66 19.48
N LYS A 240 29.42 9.82 20.10
CA LYS A 240 28.46 10.33 21.09
C LYS A 240 27.63 11.58 20.70
N ILE A 241 27.75 12.08 19.48
CA ILE A 241 26.80 13.11 19.02
C ILE A 241 26.14 13.89 20.15
N GLU A 242 26.72 15.05 20.50
CA GLU A 242 26.19 15.89 21.57
C GLU A 242 25.80 17.32 21.13
N ASN A 243 25.95 17.66 19.86
CA ASN A 243 25.66 19.02 19.41
C ASN A 243 25.20 19.13 17.97
N GLN A 244 24.83 20.33 17.55
CA GLN A 244 24.29 20.50 16.22
C GLN A 244 25.19 19.96 15.12
N GLU A 245 26.45 20.31 15.15
CA GLU A 245 27.37 19.87 14.09
C GLU A 245 27.32 18.36 13.93
N GLY A 246 27.08 17.65 15.01
CA GLY A 246 27.01 16.19 14.96
C GLY A 246 25.67 15.66 14.45
N ILE A 247 24.58 16.28 14.91
CA ILE A 247 23.24 16.03 14.41
C ILE A 247 23.25 16.32 12.89
N ASP A 248 23.78 17.48 12.52
CA ASP A 248 23.83 17.88 11.11
C ASP A 248 24.62 16.90 10.25
N ASN A 249 25.68 16.29 10.80
CA ASN A 249 26.51 15.38 10.01
C ASN A 249 26.24 13.90 10.28
N ILE A 250 25.02 13.58 10.69
CA ILE A 250 24.78 12.24 11.22
C ILE A 250 25.09 11.18 10.21
N GLU A 251 24.73 11.43 8.96
CA GLU A 251 24.87 10.41 7.91
C GLU A 251 26.33 10.10 7.62
N GLU A 252 27.13 11.16 7.52
CA GLU A 252 28.55 11.02 7.20
C GLU A 252 29.36 10.39 8.35
N ILE A 253 28.86 10.54 9.59
CA ILE A 253 29.53 10.03 10.78
C ILE A 253 29.32 8.56 10.81
N LEU A 254 28.06 8.16 10.70
CA LEU A 254 27.67 6.75 10.62
C LEU A 254 28.40 6.05 9.46
N GLU A 255 28.52 6.72 8.33
CA GLU A 255 29.27 6.18 7.20
C GLU A 255 30.56 5.55 7.69
N VAL A 256 31.22 6.24 8.61
CA VAL A 256 32.53 5.88 9.12
C VAL A 256 32.50 5.12 10.46
N SER A 257 31.34 5.03 11.10
CA SER A 257 31.24 4.46 12.43
C SER A 257 30.65 3.07 12.42
N ASP A 258 30.83 2.37 13.53
CA ASP A 258 30.29 1.01 13.70
C ASP A 258 29.00 1.03 14.48
N GLY A 259 28.57 2.19 14.96
CA GLY A 259 27.37 2.22 15.80
C GLY A 259 27.11 3.63 16.24
N LEU A 260 26.41 3.83 17.36
CA LEU A 260 26.14 5.20 17.84
C LEU A 260 25.63 5.31 19.32
N MET A 261 25.89 6.45 19.93
CA MET A 261 25.31 6.70 21.22
C MET A 261 24.58 8.03 21.17
N VAL A 262 23.45 8.11 21.86
CA VAL A 262 22.73 9.35 22.00
C VAL A 262 22.72 9.74 23.50
N ALA A 263 23.62 10.69 23.80
CA ALA A 263 23.69 11.24 25.12
C ALA A 263 22.71 12.39 25.16
N ARG A 264 21.58 12.22 25.85
CA ARG A 264 20.55 13.26 25.92
C ARG A 264 20.91 14.38 26.86
N GLY A 265 21.40 14.05 28.07
CA GLY A 265 21.83 15.09 29.02
C GLY A 265 22.74 16.12 28.34
N ASP A 266 23.79 15.61 27.73
CA ASP A 266 24.80 16.45 27.11
C ASP A 266 24.20 17.27 25.97
N MET A 267 23.28 16.66 25.25
CA MET A 267 22.61 17.29 24.11
C MET A 267 21.68 18.41 24.54
N GLY A 268 21.03 18.20 25.68
CA GLY A 268 20.04 19.13 26.23
C GLY A 268 20.60 20.46 26.68
N VAL A 269 21.93 20.55 26.74
CA VAL A 269 22.58 21.82 27.00
C VAL A 269 22.60 22.65 25.73
N GLU A 270 23.10 22.07 24.63
CA GLU A 270 23.33 22.84 23.37
C GLU A 270 22.06 23.01 22.51
N ILE A 271 21.14 22.04 22.60
CA ILE A 271 19.84 22.14 21.90
C ILE A 271 18.70 21.91 22.89
N PRO A 272 17.61 22.69 22.76
CA PRO A 272 16.57 22.86 23.78
C PRO A 272 15.96 21.56 24.21
N PRO A 273 15.82 21.34 25.53
CA PRO A 273 15.14 20.14 26.00
C PRO A 273 13.89 19.79 25.14
N GLU A 274 13.04 20.81 24.93
CA GLU A 274 11.79 20.71 24.16
C GLU A 274 11.94 19.92 22.85
N LYS A 275 13.08 20.08 22.19
CA LYS A 275 13.29 19.57 20.84
C LYS A 275 13.98 18.20 20.82
N VAL A 276 14.62 17.83 21.93
CA VAL A 276 15.54 16.65 21.95
C VAL A 276 14.86 15.36 21.57
N PRO A 277 13.65 15.13 22.07
CA PRO A 277 12.98 13.87 21.75
C PRO A 277 12.76 13.65 20.27
N MET A 278 12.46 14.73 19.54
CA MET A 278 12.28 14.66 18.09
C MET A 278 13.61 14.38 17.38
N VAL A 279 14.68 15.02 17.85
CA VAL A 279 16.03 14.80 17.33
C VAL A 279 16.46 13.39 17.60
N GLN A 280 16.18 12.92 18.81
CA GLN A 280 16.54 11.56 19.17
C GLN A 280 15.93 10.60 18.17
N LYS A 281 14.59 10.65 18.04
CA LYS A 281 13.85 9.82 17.07
C LYS A 281 14.58 9.79 15.76
N ASP A 282 14.92 10.96 15.23
CA ASP A 282 15.46 11.01 13.88
C ASP A 282 16.86 10.46 13.77
N LEU A 283 17.60 10.45 14.87
CA LEU A 283 18.93 9.86 14.87
C LEU A 283 18.77 8.34 14.82
N ILE A 284 18.01 7.84 15.79
CA ILE A 284 17.81 6.41 15.93
C ILE A 284 17.39 5.91 14.59
N ARG A 285 16.41 6.60 13.98
CA ARG A 285 15.84 6.27 12.63
C ARG A 285 16.93 6.10 11.60
N GLN A 286 17.87 7.04 11.60
CA GLN A 286 18.98 7.02 10.65
C GLN A 286 20.00 5.87 10.91
N CYS A 287 19.90 5.23 12.07
CA CYS A 287 20.80 4.14 12.40
C CYS A 287 20.15 2.86 12.03
N ASN A 288 18.92 2.70 12.45
CA ASN A 288 18.07 1.63 11.93
C ASN A 288 18.19 1.58 10.39
N LYS A 289 18.19 2.71 9.70
CA LYS A 289 18.32 2.66 8.23
C LYS A 289 19.56 1.89 7.74
N LEU A 290 20.70 2.18 8.33
CA LEU A 290 21.97 1.56 7.93
C LEU A 290 22.34 0.32 8.80
N GLY A 291 21.48 -0.06 9.74
CA GLY A 291 21.69 -1.27 10.55
C GLY A 291 22.82 -1.17 11.55
N LYS A 292 23.11 0.05 11.98
CA LYS A 292 24.08 0.29 13.05
C LYS A 292 23.33 0.33 14.38
N PRO A 293 23.83 -0.40 15.36
CA PRO A 293 23.26 -0.35 16.71
C PRO A 293 23.33 1.03 17.35
N VAL A 294 22.29 1.36 18.11
CA VAL A 294 22.20 2.65 18.77
C VAL A 294 21.98 2.41 20.23
N ILE A 295 22.73 3.14 21.06
CA ILE A 295 22.52 3.14 22.50
C ILE A 295 21.89 4.42 22.90
N THR A 296 20.76 4.36 23.58
CA THR A 296 20.16 5.56 24.09
C THR A 296 20.65 5.71 25.50
N ALA A 297 21.18 6.91 25.79
CA ALA A 297 22.07 7.12 26.90
C ALA A 297 21.63 8.28 27.80
N THR A 298 21.77 8.09 29.12
CA THR A 298 21.59 9.14 30.13
C THR A 298 20.12 9.46 30.44
N GLN A 299 19.86 9.91 31.66
CA GLN A 299 18.53 10.35 32.05
C GLN A 299 17.46 9.27 31.88
N MET A 300 17.86 8.02 32.09
CA MET A 300 16.90 6.96 31.99
C MET A 300 16.19 6.83 33.32
N LEU A 301 16.87 6.22 34.30
CA LEU A 301 16.26 5.96 35.59
C LEU A 301 17.02 6.64 36.73
N ASP A 302 17.41 7.89 36.51
CA ASP A 302 18.33 8.59 37.43
C ASP A 302 17.87 8.68 38.89
N SER A 303 16.56 8.73 39.15
CA SER A 303 16.04 8.75 40.52
C SER A 303 16.29 7.43 41.27
N MET A 304 16.81 6.40 40.58
CA MET A 304 17.09 5.12 41.22
C MET A 304 18.53 4.99 41.75
N GLN A 305 19.24 6.13 41.75
CA GLN A 305 20.44 6.29 42.56
C GLN A 305 19.99 6.35 44.01
N ARG A 306 18.89 7.06 44.24
CA ARG A 306 18.39 7.31 45.60
C ARG A 306 17.24 6.39 46.00
N ASN A 307 16.33 6.09 45.05
CA ASN A 307 15.11 5.34 45.35
C ASN A 307 15.16 3.91 44.81
N PRO A 308 14.35 3.01 45.39
CA PRO A 308 14.28 1.62 44.93
C PRO A 308 13.32 1.40 43.76
N ARG A 309 12.55 2.40 43.38
CA ARG A 309 11.69 2.28 42.20
C ARG A 309 11.61 3.60 41.43
N ALA A 310 11.59 3.50 40.10
CA ALA A 310 11.65 4.68 39.24
C ALA A 310 10.29 5.35 39.14
N THR A 311 10.33 6.62 38.76
CA THR A 311 9.12 7.39 38.65
C THR A 311 8.52 7.18 37.29
N ARG A 312 7.23 7.45 37.20
CA ARG A 312 6.48 7.29 35.98
C ARG A 312 7.14 8.02 34.81
N ALA A 313 7.48 9.29 35.03
CA ALA A 313 8.11 10.11 34.00
C ALA A 313 9.35 9.43 33.45
N GLU A 314 10.08 8.74 34.32
CA GLU A 314 11.28 7.99 33.92
C GLU A 314 10.93 6.76 33.14
N ALA A 315 10.00 5.97 33.64
CA ALA A 315 9.57 4.80 32.91
C ALA A 315 9.19 5.21 31.47
N SER A 316 8.30 6.21 31.34
CA SER A 316 7.83 6.73 30.02
C SER A 316 8.99 6.99 29.08
N ASP A 317 10.00 7.60 29.63
CA ASP A 317 11.21 7.90 28.89
C ASP A 317 11.80 6.63 28.26
N VAL A 318 12.03 5.64 29.12
CA VAL A 318 12.70 4.43 28.70
C VAL A 318 11.88 3.83 27.60
N ALA A 319 10.58 3.70 27.83
CA ALA A 319 9.71 3.11 26.81
C ALA A 319 9.92 3.84 25.48
N ASN A 320 9.72 5.17 25.46
CA ASN A 320 9.87 5.92 24.20
C ASN A 320 11.18 5.58 23.54
N ALA A 321 12.19 5.30 24.34
CA ALA A 321 13.47 4.91 23.81
C ALA A 321 13.26 3.69 22.91
N ILE A 322 12.44 2.78 23.39
CA ILE A 322 12.24 1.53 22.69
C ILE A 322 11.36 1.77 21.49
N TYR A 323 10.23 2.42 21.69
CA TYR A 323 9.35 2.73 20.58
C TYR A 323 10.10 3.47 19.48
N ASP A 324 11.05 4.32 19.85
CA ASP A 324 11.82 5.08 18.85
C ASP A 324 12.73 4.16 18.03
N GLY A 325 13.19 3.08 18.64
CA GLY A 325 13.85 2.00 17.90
C GLY A 325 15.24 1.63 18.31
N THR A 326 15.50 1.67 19.62
CA THR A 326 16.88 1.66 20.08
C THR A 326 17.31 0.24 20.15
N ASP A 327 18.53 -0.04 19.74
CA ASP A 327 19.07 -1.39 19.92
C ASP A 327 19.45 -1.55 21.41
N ALA A 328 19.74 -0.47 22.12
CA ALA A 328 20.11 -0.63 23.54
C ALA A 328 19.83 0.53 24.49
N VAL A 329 19.72 0.19 25.76
CA VAL A 329 19.43 1.17 26.78
C VAL A 329 20.58 1.22 27.82
N MET A 330 20.98 2.41 28.26
CA MET A 330 22.14 2.56 29.15
C MET A 330 21.83 3.11 30.53
N LEU A 331 22.36 2.48 31.56
CA LEU A 331 22.31 3.04 32.89
C LEU A 331 23.67 3.71 33.21
N SER A 332 23.64 4.95 33.71
CA SER A 332 24.86 5.64 34.14
C SER A 332 25.10 5.50 35.66
N GLY A 333 24.84 6.58 36.40
CA GLY A 333 25.10 6.62 37.84
C GLY A 333 24.32 5.60 38.64
N GLU A 334 23.12 5.29 38.17
CA GLU A 334 22.24 4.31 38.85
C GLU A 334 23.01 3.08 39.29
N THR A 335 23.87 2.56 38.41
CA THR A 335 24.60 1.31 38.67
C THR A 335 26.02 1.52 39.19
N ALA A 336 26.61 2.66 38.84
CA ALA A 336 27.99 2.97 39.20
C ALA A 336 28.15 3.47 40.64
N ALA A 337 27.32 4.43 41.03
CA ALA A 337 27.40 4.97 42.38
C ALA A 337 26.02 5.27 42.94
N GLY A 338 25.12 4.31 42.82
CA GLY A 338 23.75 4.44 43.32
C GLY A 338 23.52 3.39 44.39
N LEU A 339 22.53 3.63 45.25
CA LEU A 339 22.26 2.74 46.39
C LEU A 339 21.51 1.52 45.91
N TYR A 340 20.75 1.71 44.84
CA TYR A 340 20.04 0.60 44.20
C TYR A 340 20.63 0.47 42.78
N PRO A 341 21.40 -0.59 42.55
CA PRO A 341 21.89 -0.91 41.24
C PRO A 341 21.17 -2.14 40.60
N GLU A 342 21.23 -3.30 41.25
CA GLU A 342 20.45 -4.45 40.82
C GLU A 342 19.05 -4.01 40.45
N GLU A 343 18.39 -3.35 41.39
CA GLU A 343 17.00 -2.92 41.21
C GLU A 343 16.89 -2.08 39.95
N ALA A 344 17.85 -1.17 39.79
CA ALA A 344 17.93 -0.36 38.56
C ALA A 344 18.02 -1.19 37.22
N VAL A 345 18.67 -2.34 37.25
CA VAL A 345 18.79 -3.14 36.09
C VAL A 345 17.52 -4.00 35.94
N LYS A 346 17.15 -4.68 37.02
CA LYS A 346 15.92 -5.44 37.03
C LYS A 346 14.79 -4.57 36.45
N THR A 347 14.69 -3.34 36.92
CA THR A 347 13.60 -2.51 36.51
C THR A 347 13.76 -2.09 35.05
N MET A 348 15.00 -1.93 34.62
CA MET A 348 15.25 -1.52 33.25
C MET A 348 14.77 -2.62 32.32
N ARG A 349 15.01 -3.86 32.72
CA ARG A 349 14.56 -5.03 31.98
C ARG A 349 13.03 -5.05 31.91
N ASN A 350 12.38 -5.08 33.06
CA ASN A 350 10.92 -5.14 33.11
C ASN A 350 10.26 -4.14 32.16
N ILE A 351 10.73 -2.90 32.18
CA ILE A 351 10.15 -1.88 31.33
C ILE A 351 10.36 -2.23 29.88
N ALA A 352 11.57 -2.69 29.55
CA ALA A 352 11.88 -3.20 28.21
C ALA A 352 10.86 -4.26 27.80
N VAL A 353 10.81 -5.38 28.53
CA VAL A 353 9.92 -6.46 28.13
C VAL A 353 8.50 -5.95 27.90
N SER A 354 7.99 -5.15 28.83
CA SER A 354 6.62 -4.62 28.76
C SER A 354 6.41 -3.74 27.56
N ALA A 355 7.34 -2.82 27.34
CA ALA A 355 7.25 -1.88 26.23
C ALA A 355 7.39 -2.54 24.87
N GLU A 356 7.96 -3.74 24.84
CA GLU A 356 8.06 -4.51 23.62
C GLU A 356 6.76 -5.28 23.46
N ALA A 357 6.41 -6.02 24.50
CA ALA A 357 5.21 -6.85 24.48
C ALA A 357 4.10 -6.16 23.69
N ALA A 358 3.88 -4.90 24.00
CA ALA A 358 2.77 -4.18 23.40
C ALA A 358 3.25 -3.26 22.27
N GLN A 359 3.90 -3.86 21.27
CA GLN A 359 4.18 -3.15 20.03
C GLN A 359 4.02 -4.07 18.81
N ASP A 360 3.73 -3.45 17.67
CA ASP A 360 3.25 -4.17 16.48
C ASP A 360 4.34 -4.48 15.48
N TYR A 361 4.80 -5.72 15.46
CA TYR A 361 5.94 -6.10 14.63
C TYR A 361 5.62 -6.07 13.14
N LYS A 362 4.35 -5.88 12.82
CA LYS A 362 3.92 -5.68 11.45
C LYS A 362 4.29 -4.26 11.07
N LYS A 363 3.89 -3.29 11.89
CA LYS A 363 4.24 -1.88 11.68
C LYS A 363 5.73 -1.77 11.63
N LEU A 364 6.40 -2.35 12.62
CA LEU A 364 7.85 -2.21 12.75
C LEU A 364 8.51 -2.62 11.45
N LEU A 365 8.04 -3.74 10.88
CA LEU A 365 8.57 -4.24 9.61
C LEU A 365 8.18 -3.32 8.47
N SER A 366 6.89 -2.98 8.43
CA SER A 366 6.35 -2.09 7.41
C SER A 366 7.13 -0.76 7.34
N ASP A 367 7.45 -0.20 8.50
CA ASP A 367 8.36 0.96 8.58
C ASP A 367 9.74 0.70 7.95
N ARG A 368 10.40 -0.40 8.32
CA ARG A 368 11.72 -0.68 7.80
C ARG A 368 11.72 -1.11 6.35
N THR A 369 10.65 -1.76 5.90
CA THR A 369 10.55 -2.16 4.51
C THR A 369 10.68 -0.94 3.59
N LYS A 370 9.98 0.13 3.92
CA LYS A 370 10.02 1.36 3.14
C LYS A 370 11.36 2.12 3.31
N LEU A 371 11.87 2.11 4.54
CA LEU A 371 12.99 2.98 5.00
C LEU A 371 14.38 2.60 4.45
N VAL A 372 14.70 1.29 4.47
CA VAL A 372 16.01 0.75 3.99
C VAL A 372 16.03 0.49 2.47
N GLU A 373 17.27 0.42 1.95
CA GLU A 373 17.55 0.47 0.51
C GLU A 373 17.54 -0.93 -0.08
N THR A 374 17.53 -1.00 -1.42
CA THR A 374 17.62 -2.27 -2.16
C THR A 374 19.11 -2.62 -2.41
N SER A 375 19.51 -3.81 -1.94
CA SER A 375 20.87 -4.35 -2.12
C SER A 375 20.79 -5.86 -2.03
N LEU A 376 21.81 -6.54 -2.55
CA LEU A 376 21.89 -7.99 -2.41
C LEU A 376 21.72 -8.43 -0.95
N VAL A 377 22.43 -7.76 -0.05
CA VAL A 377 22.40 -8.18 1.36
C VAL A 377 21.04 -7.93 1.97
N ASN A 378 20.47 -6.77 1.64
CA ASN A 378 19.19 -6.41 2.19
C ASN A 378 18.04 -7.21 1.64
N ALA A 379 18.18 -7.68 0.39
CA ALA A 379 17.22 -8.60 -0.24
C ALA A 379 16.94 -9.77 0.69
N ILE A 380 18.01 -10.42 1.14
CA ILE A 380 17.86 -11.50 2.14
C ILE A 380 17.27 -11.06 3.49
N GLY A 381 17.59 -9.85 3.89
CA GLY A 381 16.96 -9.29 5.07
C GLY A 381 15.46 -9.23 4.95
N ILE A 382 15.02 -8.53 3.92
CA ILE A 382 13.55 -8.42 3.65
C ILE A 382 12.85 -9.79 3.40
N SER A 383 13.58 -10.68 2.76
CA SER A 383 13.03 -11.98 2.60
C SER A 383 12.85 -12.61 3.97
N VAL A 384 13.92 -12.65 4.78
CA VAL A 384 13.83 -13.30 6.11
C VAL A 384 12.81 -12.59 7.03
N ALA A 385 12.72 -11.30 6.85
CA ALA A 385 11.74 -10.55 7.62
C ALA A 385 10.31 -11.00 7.36
N HIS A 386 9.84 -10.78 6.11
CA HIS A 386 8.47 -11.07 5.71
C HIS A 386 8.13 -12.50 6.01
N THR A 387 9.02 -13.39 5.57
CA THR A 387 8.83 -14.81 5.77
C THR A 387 8.59 -15.15 7.24
N ALA A 388 9.45 -14.63 8.11
CA ALA A 388 9.34 -14.91 9.53
C ALA A 388 7.96 -14.45 10.06
N LEU A 389 7.55 -13.26 9.64
CA LEU A 389 6.24 -12.76 10.03
C LEU A 389 5.08 -13.60 9.53
N ASN A 390 5.09 -13.94 8.24
CA ASN A 390 3.99 -14.69 7.58
C ASN A 390 3.82 -16.10 8.09
N LEU A 391 4.94 -16.81 8.19
CA LEU A 391 4.94 -18.21 8.54
C LEU A 391 5.08 -18.38 10.04
N ASN A 392 5.19 -17.25 10.76
CA ASN A 392 5.22 -17.23 12.22
C ASN A 392 6.32 -18.16 12.70
N VAL A 393 7.55 -17.90 12.26
CA VAL A 393 8.71 -18.74 12.60
C VAL A 393 9.17 -18.47 14.04
N LYS A 394 9.54 -19.50 14.77
CA LYS A 394 9.94 -19.36 16.17
C LYS A 394 11.35 -18.74 16.33
N ALA A 395 12.23 -18.91 15.35
CA ALA A 395 13.62 -18.44 15.48
C ALA A 395 14.38 -18.34 14.16
N ILE A 396 15.14 -17.26 14.02
CA ILE A 396 16.01 -17.03 12.89
C ILE A 396 17.44 -17.18 13.38
N VAL A 397 18.10 -18.23 12.93
CA VAL A 397 19.43 -18.56 13.36
C VAL A 397 20.37 -18.01 12.29
N ALA A 398 21.17 -17.03 12.71
CA ALA A 398 22.03 -16.25 11.83
C ALA A 398 23.47 -16.74 12.03
N ALA A 399 24.08 -17.34 11.01
CA ALA A 399 25.44 -17.85 11.08
C ALA A 399 26.36 -16.80 10.51
N THR A 400 27.17 -16.25 11.44
CA THR A 400 28.08 -15.12 11.15
C THR A 400 29.44 -15.44 11.68
N GLU A 401 30.45 -14.85 11.07
CA GLU A 401 31.81 -14.85 11.58
C GLU A 401 32.09 -13.44 12.14
N SER A 402 31.65 -12.42 11.39
CA SER A 402 31.81 -11.03 11.78
C SER A 402 30.67 -10.52 12.68
N GLY A 403 29.46 -10.78 12.25
CA GLY A 403 28.29 -10.28 12.94
C GLY A 403 27.32 -9.57 11.99
N SER A 404 27.82 -9.19 10.81
CA SER A 404 26.98 -8.42 9.87
C SER A 404 25.70 -9.15 9.46
N THR A 405 25.68 -10.48 9.40
CA THR A 405 24.43 -11.11 9.09
C THR A 405 23.50 -10.81 10.23
N ALA A 406 23.86 -11.19 11.43
CA ALA A 406 23.02 -10.87 12.61
C ALA A 406 22.38 -9.47 12.52
N ARG A 407 23.20 -8.51 12.09
CA ARG A 407 22.75 -7.15 12.03
C ARG A 407 21.87 -6.94 10.81
N THR A 408 22.28 -7.40 9.64
CA THR A 408 21.36 -7.37 8.50
C THR A 408 19.99 -7.93 8.91
N ILE A 409 19.93 -9.02 9.67
CA ILE A 409 18.64 -9.53 10.19
C ILE A 409 18.00 -8.67 11.26
N SER A 410 18.83 -8.00 12.08
CA SER A 410 18.28 -7.31 13.25
C SER A 410 17.66 -5.96 12.86
N LYS A 411 18.06 -5.41 11.72
CA LYS A 411 17.63 -4.05 11.38
C LYS A 411 16.14 -4.05 11.02
N TYR A 412 15.68 -5.16 10.42
CA TYR A 412 14.28 -5.32 10.02
C TYR A 412 13.37 -5.73 11.16
N ARG A 413 13.95 -6.01 12.34
CA ARG A 413 13.20 -6.07 13.59
C ARG A 413 12.07 -7.06 13.55
N PRO A 414 12.37 -8.34 13.50
CA PRO A 414 11.25 -9.27 13.40
C PRO A 414 10.90 -9.86 14.77
N HIS A 415 9.67 -10.37 14.92
CA HIS A 415 9.22 -10.93 16.19
C HIS A 415 10.10 -12.07 16.58
N SER A 416 10.51 -12.85 15.58
CA SER A 416 11.29 -14.06 15.77
C SER A 416 12.53 -13.76 16.53
N ASP A 417 12.92 -14.68 17.40
CA ASP A 417 14.16 -14.53 18.14
C ASP A 417 15.29 -14.67 17.14
N ILE A 418 16.32 -13.86 17.31
CA ILE A 418 17.49 -13.99 16.48
C ILE A 418 18.52 -14.76 17.30
N ILE A 419 19.28 -15.62 16.62
CA ILE A 419 20.30 -16.44 17.27
C ILE A 419 21.54 -16.35 16.38
N ALA A 420 22.58 -15.69 16.89
CA ALA A 420 23.82 -15.48 16.13
C ALA A 420 24.82 -16.55 16.51
N VAL A 421 24.89 -17.61 15.70
CA VAL A 421 25.87 -18.67 15.91
C VAL A 421 27.14 -18.24 15.24
N THR A 422 28.21 -18.27 16.05
CA THR A 422 29.50 -17.77 15.60
C THR A 422 30.68 -18.59 16.15
N PRO A 423 31.80 -18.65 15.41
CA PRO A 423 32.98 -19.27 15.99
C PRO A 423 33.81 -18.31 16.82
N SER A 424 33.65 -17.00 16.59
CA SER A 424 34.46 -15.93 17.21
C SER A 424 33.84 -15.45 18.51
N GLU A 425 34.64 -15.57 19.59
CA GLU A 425 34.25 -15.22 20.93
C GLU A 425 34.10 -13.71 21.05
N GLU A 426 34.94 -12.95 20.34
CA GLU A 426 34.75 -11.50 20.31
C GLU A 426 33.51 -11.10 19.52
N THR A 427 33.28 -11.68 18.32
CA THR A 427 32.11 -11.24 17.56
C THR A 427 30.82 -11.65 18.27
N ALA A 428 30.90 -12.69 19.10
CA ALA A 428 29.80 -12.95 20.04
C ALA A 428 29.53 -11.71 20.88
N ARG A 429 30.54 -11.20 21.58
CA ARG A 429 30.38 -10.00 22.40
C ARG A 429 29.99 -8.73 21.58
N GLN A 430 30.44 -8.69 20.32
CA GLN A 430 30.06 -7.62 19.40
C GLN A 430 28.54 -7.62 19.18
N CYS A 431 27.89 -8.77 19.39
CA CYS A 431 26.48 -8.89 19.15
C CYS A 431 25.64 -8.66 20.38
N SER A 432 26.23 -8.79 21.55
CA SER A 432 25.44 -8.62 22.76
C SER A 432 24.60 -7.33 22.67
N ILE A 433 25.12 -6.29 22.01
CA ILE A 433 24.45 -4.98 22.00
C ILE A 433 23.40 -4.81 20.91
N VAL A 434 23.41 -5.73 19.96
CA VAL A 434 22.50 -5.66 18.85
C VAL A 434 21.13 -6.15 19.29
N TRP A 435 20.12 -5.42 18.83
CA TRP A 435 18.71 -5.73 19.04
C TRP A 435 18.34 -7.10 18.55
N GLY A 436 17.59 -7.81 19.38
CA GLY A 436 17.10 -9.11 19.08
C GLY A 436 18.05 -10.25 19.14
N VAL A 437 19.32 -10.01 18.85
CA VAL A 437 20.30 -11.10 18.69
C VAL A 437 20.77 -11.71 20.02
N GLN A 438 20.59 -13.02 20.18
CA GLN A 438 21.16 -13.80 21.30
C GLN A 438 22.22 -14.70 20.71
N PRO A 439 23.48 -14.40 21.00
CA PRO A 439 24.61 -15.08 20.38
C PRO A 439 25.02 -16.36 21.09
N VAL A 440 25.41 -17.38 20.33
CA VAL A 440 26.09 -18.55 20.87
C VAL A 440 27.36 -18.75 20.08
N VAL A 441 28.34 -19.40 20.72
CA VAL A 441 29.66 -19.63 20.13
C VAL A 441 29.88 -21.13 19.90
N LYS A 442 29.66 -21.58 18.66
CA LYS A 442 29.87 -22.99 18.26
C LYS A 442 30.99 -23.01 17.25
N LYS A 443 31.86 -24.02 17.37
CA LYS A 443 33.06 -24.09 16.56
C LYS A 443 32.72 -24.37 15.12
N GLY A 444 33.37 -23.65 14.23
CA GLY A 444 32.92 -23.52 12.83
C GLY A 444 32.89 -24.81 12.03
N ARG A 445 31.83 -24.98 11.24
CA ARG A 445 31.74 -26.08 10.29
C ARG A 445 32.45 -25.63 9.04
N LYS A 446 32.55 -26.51 8.05
CA LYS A 446 33.03 -26.06 6.77
C LYS A 446 31.89 -26.01 5.78
N SER A 447 31.35 -27.17 5.44
CA SER A 447 30.34 -27.26 4.40
C SER A 447 28.98 -26.71 4.87
N THR A 448 28.23 -26.13 3.92
CA THR A 448 26.91 -25.61 4.18
C THR A 448 26.08 -26.68 4.83
N ASP A 449 26.20 -27.92 4.38
CA ASP A 449 25.27 -28.92 4.87
C ASP A 449 25.42 -29.11 6.35
N ALA A 450 26.68 -29.08 6.81
CA ALA A 450 26.98 -29.13 8.23
C ALA A 450 26.52 -27.85 8.90
N LEU A 451 26.82 -26.71 8.29
CA LEU A 451 26.33 -25.41 8.78
C LEU A 451 24.85 -25.45 9.16
N LEU A 452 24.05 -25.91 8.23
CA LEU A 452 22.61 -25.96 8.41
C LEU A 452 22.28 -26.84 9.60
N ASN A 453 22.88 -28.03 9.64
CA ASN A 453 22.54 -28.99 10.69
C ASN A 453 22.95 -28.51 12.06
N ASN A 454 24.07 -27.81 12.13
CA ASN A 454 24.48 -27.18 13.37
C ASN A 454 23.42 -26.16 13.75
N ALA A 455 23.13 -25.22 12.87
CA ALA A 455 22.06 -24.25 13.17
C ALA A 455 20.94 -24.95 13.97
N VAL A 456 20.30 -25.90 13.31
CA VAL A 456 19.13 -26.56 13.85
C VAL A 456 19.44 -27.04 15.26
N ALA A 457 20.58 -27.74 15.41
CA ALA A 457 21.12 -28.19 16.73
C ALA A 457 21.14 -27.04 17.72
N THR A 458 21.82 -25.97 17.33
CA THR A 458 22.04 -24.85 18.23
C THR A 458 20.71 -24.23 18.66
N ALA A 459 19.74 -24.26 17.74
CA ALA A 459 18.47 -23.63 17.99
C ALA A 459 17.78 -24.39 19.10
N VAL A 460 17.95 -25.71 19.08
CA VAL A 460 17.16 -26.53 19.94
C VAL A 460 17.82 -26.51 21.29
N GLU A 461 19.14 -26.47 21.27
CA GLU A 461 19.89 -26.55 22.50
C GLU A 461 19.69 -25.30 23.32
N THR A 462 19.18 -24.25 22.70
CA THR A 462 18.82 -23.05 23.46
C THR A 462 17.51 -23.22 24.24
N GLY A 463 16.75 -24.26 23.92
CA GLY A 463 15.45 -24.50 24.55
C GLY A 463 14.39 -23.57 23.96
N ARG A 464 14.80 -22.78 22.96
CA ARG A 464 13.96 -21.76 22.41
C ARG A 464 13.04 -22.32 21.30
N VAL A 465 13.44 -23.45 20.70
CA VAL A 465 12.64 -24.16 19.68
C VAL A 465 12.57 -25.66 20.02
N THR A 466 11.42 -26.28 19.81
CA THR A 466 11.33 -27.77 19.84
C THR A 466 10.80 -28.29 18.49
N ASN A 467 10.23 -29.49 18.46
CA ASN A 467 9.96 -30.17 17.21
C ASN A 467 8.89 -29.56 16.34
N GLY A 468 7.84 -29.08 16.98
CA GLY A 468 6.78 -28.46 16.18
C GLY A 468 7.20 -27.25 15.35
N ASP A 469 8.38 -26.70 15.61
CA ASP A 469 8.66 -25.31 15.29
C ASP A 469 9.30 -25.05 13.94
N LEU A 470 9.12 -23.81 13.49
CA LEU A 470 9.68 -23.35 12.24
C LEU A 470 10.85 -22.41 12.47
N ILE A 471 11.90 -22.64 11.72
CA ILE A 471 13.19 -22.03 11.96
C ILE A 471 13.64 -21.55 10.61
N ILE A 472 14.21 -20.38 10.59
CA ILE A 472 14.79 -19.92 9.34
C ILE A 472 16.28 -19.78 9.58
N ILE A 473 17.07 -20.23 8.61
CA ILE A 473 18.51 -20.32 8.77
C ILE A 473 19.13 -19.46 7.69
N THR A 474 19.68 -18.32 8.07
CA THR A 474 20.36 -17.45 7.15
C THR A 474 21.86 -17.41 7.50
N ALA A 475 22.68 -17.23 6.48
CA ALA A 475 24.11 -17.33 6.58
C ALA A 475 24.75 -16.95 5.26
N GLY A 476 26.06 -16.81 5.28
CA GLY A 476 26.82 -16.31 4.12
C GLY A 476 27.74 -17.39 3.57
N VAL A 477 27.21 -18.15 2.60
CA VAL A 477 27.93 -19.28 2.04
C VAL A 477 28.48 -19.00 0.63
N PRO A 478 29.61 -19.63 0.27
CA PRO A 478 30.48 -20.43 1.14
C PRO A 478 31.14 -19.53 2.20
N THR A 479 31.49 -20.11 3.34
CA THR A 479 31.93 -19.31 4.51
C THR A 479 33.37 -18.76 4.41
N GLY A 480 34.10 -19.12 3.35
CA GLY A 480 35.38 -18.48 3.00
C GLY A 480 35.25 -16.97 2.81
N GLU A 481 34.79 -16.55 1.63
CA GLU A 481 34.61 -15.11 1.30
C GLU A 481 33.75 -14.41 2.34
N THR A 482 32.67 -15.09 2.74
CA THR A 482 31.68 -14.58 3.67
C THR A 482 31.28 -13.12 3.33
N GLY A 483 31.79 -12.13 4.06
CA GLY A 483 31.49 -10.72 3.77
C GLY A 483 29.99 -10.39 3.83
N THR A 484 29.28 -10.67 2.73
CA THR A 484 27.82 -10.53 2.67
C THR A 484 27.15 -11.82 3.10
N THR A 485 25.92 -11.69 3.56
CA THR A 485 25.04 -12.82 3.77
C THR A 485 24.22 -13.04 2.50
N ASN A 486 24.13 -14.29 2.03
CA ASN A 486 23.58 -14.53 0.69
C ASN A 486 22.63 -15.74 0.56
N MET A 487 22.12 -16.26 1.67
CA MET A 487 21.12 -17.32 1.56
C MET A 487 20.32 -17.60 2.83
N MET A 488 19.15 -18.21 2.61
CA MET A 488 18.25 -18.60 3.68
C MET A 488 17.59 -19.93 3.39
N LYS A 489 17.37 -20.69 4.46
CA LYS A 489 16.61 -21.94 4.40
C LYS A 489 15.49 -21.91 5.44
N ILE A 490 14.28 -22.30 5.02
CA ILE A 490 13.15 -22.43 5.96
C ILE A 490 13.18 -23.89 6.38
N HIS A 491 12.92 -24.18 7.67
CA HIS A 491 13.16 -25.53 8.25
C HIS A 491 12.22 -25.84 9.36
N LEU A 492 11.44 -26.92 9.21
CA LEU A 492 10.49 -27.40 10.24
C LEU A 492 11.19 -28.47 11.02
N VAL A 493 11.31 -28.28 12.33
CA VAL A 493 12.29 -29.04 13.16
C VAL A 493 11.88 -30.52 13.33
N GLY A 494 12.02 -31.29 12.25
CA GLY A 494 11.67 -32.73 12.23
C GLY A 494 10.24 -32.97 12.67
N ASP A 495 9.80 -34.21 12.73
CA ASP A 495 10.49 -35.30 12.14
C ASP A 495 9.49 -36.43 11.93
N GLU A 496 8.34 -36.10 11.34
CA GLU A 496 7.31 -37.07 10.84
C GLU A 496 7.18 -38.43 11.53
N ILE A 497 6.18 -38.58 12.38
CA ILE A 497 5.91 -39.84 13.07
C ILE A 497 5.57 -40.98 12.11
N ALA A 498 4.72 -40.71 11.14
CA ALA A 498 4.44 -41.65 10.07
C ALA A 498 4.39 -40.89 8.78
N ASN A 499 4.25 -41.61 7.68
CA ASN A 499 3.90 -40.96 6.42
C ASN A 499 3.17 -41.88 5.47
N GLY A 500 2.70 -41.31 4.38
CA GLY A 500 2.02 -42.07 3.38
C GLY A 500 1.47 -41.13 2.32
N GLN A 501 0.37 -41.56 1.72
CA GLN A 501 -0.19 -40.87 0.58
C GLN A 501 -1.27 -39.94 1.07
N GLY A 502 -1.00 -38.65 1.01
CA GLY A 502 -1.97 -37.67 1.46
C GLY A 502 -3.02 -37.37 0.41
N ILE A 503 -4.28 -37.34 0.84
CA ILE A 503 -5.36 -36.90 -0.01
C ILE A 503 -5.83 -35.55 0.50
N GLY A 504 -6.14 -34.64 -0.43
CA GLY A 504 -6.44 -33.26 -0.11
C GLY A 504 -5.13 -32.50 0.01
N ARG A 505 -5.20 -31.21 0.35
CA ARG A 505 -4.01 -30.38 0.55
C ARG A 505 -3.95 -29.67 1.91
N GLY A 506 -4.98 -29.83 2.76
CA GLY A 506 -5.04 -29.07 4.01
C GLY A 506 -4.22 -29.63 5.15
N SER A 507 -4.60 -29.30 6.37
CA SER A 507 -3.96 -29.84 7.58
C SER A 507 -4.73 -29.53 8.85
N VAL A 508 -4.50 -30.33 9.89
CA VAL A 508 -5.08 -30.07 11.20
C VAL A 508 -4.29 -30.71 12.36
N VAL A 509 -4.62 -30.25 13.55
CA VAL A 509 -4.09 -30.85 14.77
C VAL A 509 -5.26 -31.34 15.61
N GLY A 510 -5.05 -32.44 16.31
CA GLY A 510 -6.10 -33.05 17.13
C GLY A 510 -5.67 -34.40 17.63
N THR A 511 -6.35 -34.90 18.66
CA THR A 511 -5.91 -36.13 19.32
C THR A 511 -6.40 -37.34 18.53
N THR A 512 -5.55 -38.38 18.44
CA THR A 512 -5.93 -39.60 17.76
C THR A 512 -7.08 -40.33 18.45
N LEU A 513 -7.80 -41.13 17.65
CA LEU A 513 -8.68 -42.19 18.15
C LEU A 513 -8.49 -43.47 17.30
N VAL A 514 -7.54 -44.32 17.73
CA VAL A 514 -7.28 -45.57 17.04
C VAL A 514 -8.54 -46.41 17.16
N ALA A 515 -9.21 -46.60 16.03
CA ALA A 515 -10.42 -47.44 15.97
C ALA A 515 -10.13 -48.74 15.23
N GLU A 516 -10.13 -49.86 15.96
CA GLU A 516 -9.83 -51.15 15.38
C GLU A 516 -11.08 -51.70 14.69
N THR A 517 -12.24 -51.19 15.09
CA THR A 517 -13.52 -51.56 14.49
C THR A 517 -14.50 -50.39 14.58
N VAL A 518 -15.66 -50.52 13.93
CA VAL A 518 -16.67 -49.46 13.90
C VAL A 518 -17.28 -49.20 15.27
N LYS A 519 -17.41 -50.26 16.06
CA LYS A 519 -17.94 -50.20 17.41
C LYS A 519 -16.92 -49.61 18.38
N ASP A 520 -15.66 -49.54 17.93
CA ASP A 520 -14.56 -48.99 18.73
C ASP A 520 -14.58 -47.45 18.77
N LEU A 521 -15.65 -46.84 18.26
CA LEU A 521 -15.86 -45.40 18.34
C LEU A 521 -17.35 -45.03 18.23
N GLU A 522 -18.22 -45.96 18.65
CA GLU A 522 -19.65 -45.83 18.37
C GLU A 522 -20.31 -44.76 19.24
N GLY A 523 -20.35 -45.00 20.55
CA GLY A 523 -21.04 -44.11 21.46
C GLY A 523 -20.12 -43.13 22.16
N LYS A 524 -18.83 -43.27 21.93
CA LYS A 524 -17.81 -42.45 22.61
C LYS A 524 -17.20 -41.47 21.62
N ASP A 525 -18.02 -40.59 21.07
CA ASP A 525 -17.60 -39.77 19.94
C ASP A 525 -17.98 -38.29 20.05
N LEU A 526 -16.96 -37.44 20.16
CA LEU A 526 -17.08 -36.02 19.86
C LEU A 526 -16.32 -35.77 18.55
N SER A 527 -16.24 -34.49 18.16
CA SER A 527 -15.48 -34.06 16.99
C SER A 527 -13.99 -34.07 17.31
N ASP A 528 -13.29 -32.97 16.99
CA ASP A 528 -11.90 -32.66 17.44
C ASP A 528 -10.86 -33.81 17.48
N LYS A 529 -11.09 -34.88 16.72
CA LYS A 529 -10.17 -36.03 16.72
C LYS A 529 -9.85 -36.49 15.30
N VAL A 530 -8.70 -37.14 15.13
CA VAL A 530 -8.31 -37.71 13.86
C VAL A 530 -8.26 -39.22 14.06
N ILE A 531 -9.20 -39.92 13.41
CA ILE A 531 -9.35 -41.35 13.60
C ILE A 531 -8.30 -42.13 12.79
N VAL A 532 -7.79 -43.20 13.40
CA VAL A 532 -6.80 -44.08 12.79
C VAL A 532 -7.30 -45.53 12.67
N THR A 533 -7.77 -45.93 11.49
CA THR A 533 -8.38 -47.24 11.31
C THR A 533 -7.60 -48.05 10.30
N ASN A 534 -8.11 -49.24 9.95
CA ASN A 534 -7.56 -50.06 8.87
C ASN A 534 -8.00 -49.57 7.50
N SER A 535 -9.29 -49.71 7.22
CA SER A 535 -9.89 -49.12 6.03
C SER A 535 -11.25 -48.51 6.40
N ILE A 536 -11.93 -47.94 5.40
CA ILE A 536 -13.29 -47.42 5.59
C ILE A 536 -14.31 -48.35 4.92
N ASP A 537 -15.23 -48.88 5.73
CA ASP A 537 -16.43 -49.60 5.26
C ASP A 537 -17.54 -48.60 4.96
N GLU A 538 -18.74 -49.10 4.75
CA GLU A 538 -19.94 -48.26 4.78
C GLU A 538 -20.31 -47.87 6.22
N THR A 539 -19.87 -48.68 7.20
CA THR A 539 -20.17 -48.47 8.62
C THR A 539 -19.27 -47.40 9.23
N PHE A 540 -18.13 -47.17 8.60
CA PHE A 540 -17.22 -46.13 9.04
C PHE A 540 -17.60 -44.76 8.49
N VAL A 541 -18.11 -44.72 7.26
CA VAL A 541 -18.36 -43.45 6.53
C VAL A 541 -19.23 -42.43 7.29
N PRO A 542 -20.17 -42.88 8.12
CA PRO A 542 -20.94 -41.90 8.89
C PRO A 542 -20.12 -41.24 9.99
N TYR A 543 -19.22 -41.99 10.61
CA TYR A 543 -18.41 -41.46 11.69
C TYR A 543 -17.28 -40.57 11.16
N VAL A 544 -16.67 -40.93 10.05
CA VAL A 544 -15.51 -40.19 9.51
C VAL A 544 -15.80 -38.70 9.27
N GLU A 545 -16.96 -38.39 8.71
CA GLU A 545 -17.32 -37.01 8.38
C GLU A 545 -17.60 -36.15 9.60
N LYS A 546 -17.81 -36.75 10.75
CA LYS A 546 -17.90 -36.00 12.01
C LYS A 546 -16.53 -35.55 12.56
N ALA A 547 -15.44 -36.11 12.03
CA ALA A 547 -14.13 -35.99 12.61
C ALA A 547 -13.38 -34.75 12.11
N LEU A 548 -12.14 -34.55 12.59
CA LEU A 548 -11.21 -33.53 12.06
C LEU A 548 -10.30 -34.06 10.96
N GLY A 549 -9.72 -35.24 11.19
CA GLY A 549 -8.80 -35.86 10.23
C GLY A 549 -9.04 -37.35 10.07
N LEU A 550 -8.17 -38.02 9.31
CA LEU A 550 -8.30 -39.46 9.08
C LEU A 550 -6.98 -40.05 8.67
N ILE A 551 -6.57 -41.15 9.31
CA ILE A 551 -5.39 -41.87 8.86
C ILE A 551 -5.78 -43.31 8.71
N THR A 552 -5.53 -43.89 7.53
CA THR A 552 -5.96 -45.26 7.24
C THR A 552 -4.75 -46.14 6.94
N GLU A 553 -4.91 -47.45 7.17
CA GLU A 553 -3.77 -48.37 7.27
C GLU A 553 -3.07 -48.55 5.95
N GLU A 554 -3.84 -48.83 4.92
CA GLU A 554 -3.27 -49.10 3.62
C GLU A 554 -4.04 -48.25 2.62
N ASN A 555 -4.37 -48.82 1.45
CA ASN A 555 -5.28 -48.20 0.49
C ASN A 555 -4.54 -47.40 -0.59
N GLY A 556 -5.27 -47.03 -1.64
CA GLY A 556 -4.78 -46.20 -2.75
C GLY A 556 -5.60 -44.92 -2.83
N ILE A 557 -5.56 -44.24 -3.98
CA ILE A 557 -6.12 -42.87 -4.08
C ILE A 557 -7.62 -42.78 -4.27
N THR A 558 -8.23 -43.76 -4.93
CA THR A 558 -9.69 -43.73 -5.14
C THR A 558 -10.42 -44.65 -4.16
N SER A 559 -9.68 -45.21 -3.20
CA SER A 559 -10.22 -46.12 -2.17
C SER A 559 -11.39 -45.50 -1.42
N PRO A 560 -12.18 -46.34 -0.72
CA PRO A 560 -13.27 -45.79 0.10
C PRO A 560 -12.76 -44.78 1.14
N SER A 561 -11.61 -45.07 1.72
CA SER A 561 -11.00 -44.23 2.74
C SER A 561 -10.55 -42.87 2.18
N ALA A 562 -9.90 -42.92 1.02
CA ALA A 562 -9.39 -41.73 0.36
C ALA A 562 -10.50 -40.86 -0.20
N ILE A 563 -11.44 -41.50 -0.86
CA ILE A 563 -12.48 -40.78 -1.59
C ILE A 563 -13.34 -39.95 -0.64
N VAL A 564 -13.70 -40.53 0.51
CA VAL A 564 -14.62 -39.88 1.45
C VAL A 564 -14.01 -38.62 2.03
N GLY A 565 -12.70 -38.62 2.27
CA GLY A 565 -12.03 -37.44 2.79
C GLY A 565 -12.13 -36.26 1.82
N LEU A 566 -11.73 -36.49 0.56
CA LEU A 566 -11.75 -35.43 -0.45
C LEU A 566 -13.18 -34.91 -0.67
N GLU A 567 -14.20 -35.76 -0.57
CA GLU A 567 -15.58 -35.30 -0.77
C GLU A 567 -16.01 -34.35 0.34
N LYS A 568 -15.67 -34.69 1.58
CA LYS A 568 -16.14 -33.93 2.75
C LYS A 568 -15.08 -32.99 3.27
N GLY A 569 -14.06 -32.70 2.46
CA GLY A 569 -13.04 -31.69 2.79
C GLY A 569 -12.16 -31.99 4.01
N ILE A 570 -12.03 -33.24 4.38
CA ILE A 570 -11.25 -33.62 5.54
C ILE A 570 -9.84 -34.03 5.13
N PRO A 571 -8.83 -33.41 5.76
CA PRO A 571 -7.46 -33.81 5.47
C PRO A 571 -7.22 -35.25 5.90
N THR A 572 -6.69 -36.05 4.98
CA THR A 572 -6.50 -37.45 5.23
C THR A 572 -5.14 -37.89 4.72
N VAL A 573 -4.66 -39.03 5.23
CA VAL A 573 -3.51 -39.73 4.65
C VAL A 573 -3.89 -41.21 4.49
N VAL A 574 -3.46 -41.82 3.38
CA VAL A 574 -3.71 -43.23 3.13
C VAL A 574 -2.37 -43.97 2.93
N GLY A 575 -2.37 -45.29 3.05
CA GLY A 575 -1.17 -46.07 2.82
C GLY A 575 -0.15 -45.86 3.92
N VAL A 576 -0.62 -45.83 5.17
CA VAL A 576 0.21 -45.57 6.35
C VAL A 576 0.67 -46.85 7.06
N GLU A 577 1.78 -47.42 6.54
CA GLU A 577 2.33 -48.74 6.91
C GLU A 577 1.59 -49.53 7.97
N LYS A 578 1.69 -49.12 9.23
CA LYS A 578 1.03 -49.87 10.31
C LYS A 578 0.42 -48.89 11.29
N ALA A 579 -0.47 -48.08 10.77
CA ALA A 579 -1.06 -47.00 11.56
C ALA A 579 -1.67 -47.43 12.91
N VAL A 580 -2.39 -48.55 12.94
CA VAL A 580 -3.14 -48.92 14.16
C VAL A 580 -2.17 -49.35 15.27
N LYS A 581 -1.11 -50.06 14.88
CA LYS A 581 -0.08 -50.56 15.80
C LYS A 581 0.89 -49.46 16.22
N ASN A 582 1.44 -48.75 15.23
CA ASN A 582 2.52 -47.77 15.45
C ASN A 582 2.06 -46.45 16.07
N ILE A 583 0.98 -45.88 15.54
CA ILE A 583 0.40 -44.63 16.10
C ILE A 583 -0.40 -44.87 17.39
N SER A 584 -0.04 -44.14 18.45
CA SER A 584 -0.66 -44.34 19.76
C SER A 584 -2.06 -43.73 19.84
N ASN A 585 -2.78 -44.15 20.87
CA ASN A 585 -4.14 -43.68 21.10
C ASN A 585 -4.15 -42.44 21.97
N ASN A 586 -5.06 -41.54 21.64
CA ASN A 586 -5.31 -40.33 22.42
C ASN A 586 -4.13 -39.36 22.54
N VAL A 587 -3.11 -39.50 21.69
CA VAL A 587 -2.00 -38.56 21.66
C VAL A 587 -2.24 -37.54 20.57
N LEU A 588 -1.99 -36.27 20.88
CA LEU A 588 -2.19 -35.15 19.93
C LEU A 588 -1.25 -35.28 18.76
N VAL A 589 -1.76 -35.05 17.56
CA VAL A 589 -0.99 -35.26 16.35
C VAL A 589 -1.35 -34.19 15.32
N THR A 590 -0.46 -33.95 14.36
CA THR A 590 -0.73 -33.03 13.24
C THR A 590 -0.60 -33.71 11.89
N ILE A 591 -1.62 -33.61 11.05
CA ILE A 591 -1.56 -34.29 9.74
C ILE A 591 -1.46 -33.27 8.63
N ASP A 592 -0.61 -33.55 7.65
CA ASP A 592 -0.36 -32.61 6.56
C ASP A 592 -0.78 -33.24 5.26
N ALA A 593 -1.89 -32.79 4.70
CA ALA A 593 -2.48 -33.37 3.47
C ALA A 593 -1.51 -33.32 2.27
N ALA A 594 -0.97 -32.15 1.93
CA ALA A 594 0.15 -32.13 0.97
C ALA A 594 1.27 -32.87 1.70
N GLN A 595 2.37 -33.17 1.03
CA GLN A 595 3.53 -33.89 1.67
C GLN A 595 3.20 -35.28 2.19
N GLY A 596 2.09 -35.42 2.88
CA GLY A 596 1.64 -36.72 3.32
C GLY A 596 2.35 -37.18 4.55
N LYS A 597 2.54 -36.26 5.49
CA LYS A 597 3.31 -36.53 6.68
C LYS A 597 2.39 -36.43 7.87
N ILE A 598 2.80 -37.06 8.97
CA ILE A 598 2.07 -37.05 10.24
C ILE A 598 3.04 -36.78 11.37
N PHE A 599 2.72 -35.82 12.22
CA PHE A 599 3.70 -35.32 13.19
C PHE A 599 3.33 -35.53 14.67
N GLU A 600 4.35 -35.48 15.51
CA GLU A 600 4.26 -35.83 16.93
C GLU A 600 3.23 -35.02 17.71
N GLY A 601 3.02 -33.74 17.37
CA GLY A 601 1.98 -32.92 18.05
C GLY A 601 2.14 -31.42 17.86
N TYR A 602 1.50 -30.91 16.82
CA TYR A 602 1.64 -29.51 16.37
C TYR A 602 2.87 -29.26 15.50
N ALA A 603 2.67 -28.62 14.34
CA ALA A 603 3.81 -28.31 13.46
C ALA A 603 3.63 -27.07 12.52
N ASN A 604 3.35 -27.30 11.24
CA ASN A 604 3.12 -26.24 10.22
C ASN A 604 2.97 -26.83 8.81
N MET B 22 14.98 -16.47 -23.42
CA MET B 22 13.92 -15.44 -23.45
C MET B 22 12.89 -15.96 -24.40
N ARG B 23 11.98 -16.82 -23.93
CA ARG B 23 10.87 -17.37 -24.78
C ARG B 23 9.59 -17.65 -24.01
N LYS B 24 9.69 -18.28 -22.84
CA LYS B 24 8.65 -18.26 -21.80
C LYS B 24 7.41 -19.11 -22.10
N THR B 25 6.64 -18.70 -23.10
CA THR B 25 5.38 -19.38 -23.41
C THR B 25 5.62 -20.57 -24.37
N LYS B 26 5.22 -21.77 -23.93
CA LYS B 26 5.59 -23.01 -24.62
C LYS B 26 4.60 -23.42 -25.70
N ILE B 27 5.13 -24.04 -26.75
CA ILE B 27 4.36 -24.38 -27.97
C ILE B 27 4.05 -25.88 -28.12
N VAL B 28 2.80 -26.25 -27.95
CA VAL B 28 2.34 -27.63 -28.22
C VAL B 28 1.87 -27.79 -29.69
N CYS B 29 2.30 -28.87 -30.35
CA CYS B 29 1.92 -29.09 -31.77
C CYS B 29 1.26 -30.45 -32.06
N THR B 30 0.15 -30.42 -32.76
CA THR B 30 -0.52 -31.66 -33.12
C THR B 30 0.15 -32.29 -34.34
N ILE B 31 0.69 -33.49 -34.16
CA ILE B 31 1.30 -34.21 -35.27
C ILE B 31 0.23 -34.92 -36.10
N GLY B 32 0.33 -34.78 -37.42
CA GLY B 32 -0.60 -35.43 -38.35
C GLY B 32 0.10 -35.70 -39.66
N PRO B 33 -0.64 -36.21 -40.67
CA PRO B 33 -0.11 -36.52 -42.02
C PRO B 33 0.88 -35.49 -42.59
N ALA B 34 0.68 -34.21 -42.25
CA ALA B 34 1.50 -33.10 -42.78
C ALA B 34 2.85 -33.04 -42.17
N SER B 35 3.02 -33.71 -41.03
CA SER B 35 4.19 -33.57 -40.14
C SER B 35 4.59 -34.87 -39.40
N GLU B 36 4.37 -36.03 -40.02
CA GLU B 36 4.88 -37.32 -39.52
C GLU B 36 6.36 -37.40 -39.91
N SER B 37 6.68 -36.74 -41.03
CA SER B 37 7.98 -36.83 -41.69
C SER B 37 9.13 -36.42 -40.77
N GLU B 38 10.06 -37.35 -40.55
CA GLU B 38 11.32 -37.10 -39.85
C GLU B 38 11.91 -35.73 -40.21
N GLU B 39 11.95 -35.41 -41.51
CA GLU B 39 12.42 -34.11 -42.01
C GLU B 39 11.64 -32.93 -41.44
N MET B 40 10.31 -33.09 -41.35
CA MET B 40 9.38 -32.03 -40.91
C MET B 40 9.38 -31.91 -39.39
N ILE B 41 9.40 -33.05 -38.69
CA ILE B 41 9.48 -33.07 -37.22
C ILE B 41 10.76 -32.40 -36.71
N GLU B 42 11.86 -32.57 -37.45
CA GLU B 42 13.07 -31.81 -37.21
C GLU B 42 12.80 -30.30 -37.34
N LYS B 43 12.15 -29.88 -38.43
CA LYS B 43 11.93 -28.44 -38.66
C LYS B 43 11.06 -27.81 -37.55
N LEU B 44 10.10 -28.56 -37.04
CA LEU B 44 9.17 -28.08 -36.04
C LEU B 44 9.88 -27.93 -34.71
N ILE B 45 10.76 -28.88 -34.40
CA ILE B 45 11.54 -28.83 -33.18
C ILE B 45 12.43 -27.59 -33.21
N ASN B 46 13.08 -27.38 -34.35
CA ASN B 46 13.89 -26.19 -34.54
C ASN B 46 13.07 -24.92 -34.52
N ALA B 47 11.80 -25.01 -34.87
CA ALA B 47 10.91 -23.83 -34.95
C ALA B 47 10.19 -23.57 -33.62
N GLY B 48 10.50 -24.38 -32.61
CA GLY B 48 10.16 -24.07 -31.22
C GLY B 48 9.29 -25.08 -30.52
N MET B 49 8.89 -26.15 -31.20
CA MET B 49 7.93 -27.11 -30.61
C MET B 49 8.49 -27.64 -29.31
N ASN B 50 7.65 -27.64 -28.28
CA ASN B 50 8.04 -28.15 -26.95
C ASN B 50 7.32 -29.43 -26.56
N VAL B 51 6.13 -29.63 -27.14
CA VAL B 51 5.34 -30.79 -26.78
C VAL B 51 4.64 -31.26 -28.02
N ALA B 52 4.59 -32.58 -28.19
CA ALA B 52 3.95 -33.19 -29.36
C ALA B 52 2.60 -33.74 -28.94
N ARG B 53 1.53 -33.18 -29.49
CA ARG B 53 0.20 -33.71 -29.26
C ARG B 53 -0.12 -34.86 -30.21
N LEU B 54 -0.59 -35.97 -29.65
CA LEU B 54 -1.16 -37.06 -30.42
C LEU B 54 -2.65 -37.11 -30.13
N ASN B 55 -3.48 -36.83 -31.15
CA ASN B 55 -4.92 -36.80 -30.95
C ASN B 55 -5.58 -38.14 -31.26
N PHE B 56 -6.05 -38.77 -30.19
CA PHE B 56 -6.57 -40.13 -30.27
C PHE B 56 -8.03 -40.18 -30.69
N SER B 57 -8.57 -39.02 -31.08
CA SER B 57 -9.86 -39.00 -31.75
C SER B 57 -9.80 -39.85 -33.02
N HIS B 58 -8.66 -39.75 -33.71
CA HIS B 58 -8.45 -40.47 -34.97
C HIS B 58 -7.19 -41.28 -34.88
N GLY B 59 -6.93 -42.07 -35.92
CA GLY B 59 -5.70 -42.84 -36.03
C GLY B 59 -5.69 -44.09 -35.17
N SER B 60 -4.92 -45.08 -35.61
CA SER B 60 -4.76 -46.33 -34.88
C SER B 60 -3.52 -46.28 -34.02
N HIS B 61 -3.47 -47.15 -33.00
CA HIS B 61 -2.30 -47.26 -32.13
C HIS B 61 -1.04 -47.46 -32.95
N GLU B 62 -1.15 -48.29 -33.98
CA GLU B 62 -0.12 -48.51 -34.98
C GLU B 62 0.48 -47.18 -35.47
N GLU B 63 -0.38 -46.25 -35.89
CA GLU B 63 0.06 -44.96 -36.45
C GLU B 63 0.72 -44.11 -35.38
N HIS B 64 0.03 -43.97 -34.24
CA HIS B 64 0.52 -43.16 -33.14
C HIS B 64 1.85 -43.64 -32.63
N LYS B 65 2.02 -44.96 -32.53
CA LYS B 65 3.30 -45.53 -32.14
C LYS B 65 4.41 -45.15 -33.15
N GLY B 66 4.04 -45.04 -34.42
CA GLY B 66 5.02 -44.73 -35.47
C GLY B 66 5.57 -43.34 -35.35
N ARG B 67 4.69 -42.39 -35.02
CA ARG B 67 5.07 -41.00 -34.83
C ARG B 67 5.86 -40.81 -33.50
N ILE B 68 5.47 -41.54 -32.47
CA ILE B 68 6.17 -41.46 -31.20
C ILE B 68 7.64 -41.80 -31.40
N ASP B 69 7.90 -42.89 -32.10
CA ASP B 69 9.26 -43.30 -32.37
C ASP B 69 10.04 -42.21 -33.11
N THR B 70 9.40 -41.58 -34.10
CA THR B 70 10.04 -40.54 -34.91
C THR B 70 10.42 -39.34 -34.07
N ILE B 71 9.48 -38.92 -33.22
CA ILE B 71 9.69 -37.79 -32.34
C ILE B 71 10.84 -38.08 -31.38
N ARG B 72 10.77 -39.22 -30.70
CA ARG B 72 11.86 -39.62 -29.83
C ARG B 72 13.19 -39.53 -30.59
N LYS B 73 13.25 -40.25 -31.70
CA LYS B 73 14.48 -40.41 -32.48
C LYS B 73 15.05 -39.06 -32.91
N VAL B 74 14.21 -38.25 -33.56
CA VAL B 74 14.66 -36.93 -34.05
C VAL B 74 14.99 -35.98 -32.85
N ALA B 75 14.34 -36.17 -31.71
CA ALA B 75 14.58 -35.35 -30.51
C ALA B 75 15.95 -35.61 -29.94
N LYS B 76 16.28 -36.89 -29.76
CA LYS B 76 17.55 -37.28 -29.16
C LYS B 76 18.72 -37.28 -30.14
N ARG B 77 18.45 -37.06 -31.42
CA ARG B 77 19.51 -36.73 -32.38
C ARG B 77 19.84 -35.25 -32.25
N LEU B 78 18.81 -34.40 -32.33
CA LEU B 78 18.99 -32.95 -32.13
C LEU B 78 19.29 -32.57 -30.68
N ASP B 79 19.25 -33.56 -29.78
CA ASP B 79 19.61 -33.37 -28.39
C ASP B 79 18.74 -32.30 -27.77
N LYS B 80 17.43 -32.47 -27.90
CA LYS B 80 16.47 -31.52 -27.38
C LYS B 80 15.38 -32.26 -26.61
N ILE B 81 14.73 -31.54 -25.69
CA ILE B 81 13.70 -32.09 -24.80
C ILE B 81 12.36 -31.71 -25.37
N VAL B 82 11.66 -32.72 -25.88
CA VAL B 82 10.29 -32.55 -26.34
C VAL B 82 9.45 -33.55 -25.56
N ALA B 83 8.28 -33.11 -25.07
CA ALA B 83 7.33 -34.00 -24.40
C ALA B 83 6.33 -34.63 -25.43
N ILE B 84 5.71 -35.75 -25.05
CA ILE B 84 4.59 -36.25 -25.82
C ILE B 84 3.32 -36.08 -25.01
N LEU B 85 2.34 -35.37 -25.59
CA LEU B 85 0.98 -35.29 -25.09
C LEU B 85 -0.03 -36.20 -25.86
N LEU B 86 -0.76 -37.05 -25.10
CA LEU B 86 -1.81 -37.91 -25.63
C LEU B 86 -3.16 -37.33 -25.28
N ASP B 87 -3.88 -36.90 -26.32
CA ASP B 87 -5.22 -36.33 -26.17
C ASP B 87 -6.28 -37.41 -26.46
N THR B 88 -7.04 -37.76 -25.43
CA THR B 88 -8.12 -38.74 -25.53
C THR B 88 -9.25 -38.21 -26.44
N LYS B 89 -10.13 -39.11 -26.90
CA LYS B 89 -11.28 -38.65 -27.67
C LYS B 89 -12.38 -38.19 -26.74
N GLY B 90 -12.69 -39.03 -25.76
CA GLY B 90 -13.68 -38.71 -24.73
C GLY B 90 -15.03 -39.35 -24.94
N PRO B 91 -15.91 -39.23 -23.95
CA PRO B 91 -17.32 -39.54 -24.11
C PRO B 91 -17.94 -38.53 -25.03
N GLU B 92 -19.02 -38.91 -25.69
CA GLU B 92 -19.75 -38.01 -26.58
C GLU B 92 -21.18 -38.49 -26.82
N ILE B 93 -22.03 -37.58 -27.31
CA ILE B 93 -23.42 -37.88 -27.62
C ILE B 93 -23.67 -37.62 -29.08
N ARG B 94 -23.51 -38.66 -29.89
CA ARG B 94 -23.76 -38.54 -31.32
C ARG B 94 -25.21 -38.85 -31.68
N THR B 95 -25.59 -38.40 -32.86
CA THR B 95 -26.75 -38.92 -33.56
C THR B 95 -26.39 -40.31 -34.12
N HIS B 96 -27.37 -41.19 -34.19
CA HIS B 96 -27.25 -42.44 -34.96
C HIS B 96 -27.40 -42.13 -36.42
N ASN B 97 -27.28 -43.16 -37.27
CA ASN B 97 -27.42 -43.02 -38.73
C ASN B 97 -28.74 -42.41 -39.19
N MET B 98 -28.70 -41.75 -40.35
CA MET B 98 -29.81 -40.94 -40.83
C MET B 98 -30.25 -41.45 -42.19
N LYS B 99 -31.56 -41.36 -42.46
CA LYS B 99 -32.13 -41.94 -43.68
C LYS B 99 -31.74 -41.12 -44.92
N ASP B 100 -31.30 -41.86 -45.96
CA ASP B 100 -30.71 -41.31 -47.19
C ASP B 100 -29.34 -40.64 -46.99
N GLY B 101 -28.76 -40.78 -45.80
CA GLY B 101 -27.47 -40.14 -45.47
C GLY B 101 -27.61 -38.70 -44.99
N ILE B 102 -28.56 -37.98 -45.60
CA ILE B 102 -28.89 -36.59 -45.25
C ILE B 102 -30.38 -36.52 -44.90
N ILE B 103 -30.72 -35.67 -43.92
CA ILE B 103 -32.11 -35.41 -43.55
C ILE B 103 -32.26 -33.93 -43.20
N GLU B 104 -33.47 -33.39 -43.40
CA GLU B 104 -33.72 -31.97 -43.15
C GLU B 104 -34.74 -31.75 -42.03
N LEU B 105 -34.71 -30.56 -41.44
CA LEU B 105 -35.61 -30.20 -40.35
C LEU B 105 -36.12 -28.78 -40.52
N GLU B 106 -37.44 -28.61 -40.61
CA GLU B 106 -38.04 -27.29 -40.84
C GLU B 106 -37.94 -26.45 -39.57
N ARG B 107 -38.19 -25.14 -39.69
CA ARG B 107 -37.80 -24.15 -38.67
C ARG B 107 -38.82 -23.92 -37.53
N GLY B 108 -40.12 -24.06 -37.82
CA GLY B 108 -41.15 -23.85 -36.80
C GLY B 108 -41.77 -25.15 -36.33
N ASN B 109 -41.13 -26.25 -36.71
CA ASN B 109 -41.73 -27.58 -36.64
C ASN B 109 -41.48 -28.29 -35.33
N GLU B 110 -41.72 -29.60 -35.29
CA GLU B 110 -41.39 -30.44 -34.14
C GLU B 110 -40.62 -31.70 -34.54
N VAL B 111 -39.76 -32.16 -33.63
CA VAL B 111 -39.00 -33.41 -33.81
C VAL B 111 -39.02 -34.22 -32.51
N ILE B 112 -38.98 -35.53 -32.66
CA ILE B 112 -38.95 -36.46 -31.55
C ILE B 112 -37.57 -37.08 -31.47
N VAL B 113 -36.94 -36.97 -30.30
CA VAL B 113 -35.62 -37.54 -30.08
C VAL B 113 -35.74 -38.85 -29.30
N SER B 114 -35.64 -39.96 -30.03
CA SER B 114 -35.83 -41.30 -29.47
C SER B 114 -34.60 -41.75 -28.72
N MET B 115 -34.80 -42.31 -27.53
CA MET B 115 -33.71 -42.92 -26.81
C MET B 115 -33.38 -44.29 -27.39
N ASN B 116 -34.27 -44.80 -28.23
CA ASN B 116 -34.04 -46.08 -28.95
C ASN B 116 -33.60 -45.83 -30.39
N GLU B 117 -32.66 -46.63 -30.87
CA GLU B 117 -32.06 -46.39 -32.18
C GLU B 117 -33.11 -46.47 -33.27
N VAL B 118 -33.04 -45.54 -34.21
CA VAL B 118 -33.94 -45.53 -35.39
C VAL B 118 -33.23 -44.87 -36.57
N GLU B 119 -33.75 -45.10 -37.77
CA GLU B 119 -33.34 -44.33 -38.95
C GLU B 119 -33.95 -42.92 -38.92
N GLY B 120 -33.15 -41.96 -39.35
CA GLY B 120 -33.46 -40.54 -39.21
C GLY B 120 -34.60 -40.08 -40.08
N THR B 121 -35.53 -39.35 -39.48
CA THR B 121 -36.66 -38.80 -40.18
C THR B 121 -36.98 -37.46 -39.55
N PRO B 122 -37.47 -36.49 -40.35
CA PRO B 122 -37.88 -35.18 -39.82
C PRO B 122 -38.77 -35.25 -38.58
N GLU B 123 -39.25 -36.45 -38.24
CA GLU B 123 -40.06 -36.65 -37.06
C GLU B 123 -39.31 -37.49 -36.02
N LYS B 124 -38.90 -38.70 -36.40
CA LYS B 124 -38.24 -39.65 -35.50
C LYS B 124 -36.76 -39.65 -35.80
N PHE B 125 -35.96 -39.68 -34.75
CA PHE B 125 -34.59 -39.24 -34.80
C PHE B 125 -33.95 -39.73 -33.50
N SER B 126 -32.80 -40.40 -33.60
CA SER B 126 -32.23 -41.14 -32.47
C SER B 126 -30.87 -40.59 -32.00
N VAL B 127 -30.56 -40.76 -30.70
CA VAL B 127 -29.27 -40.32 -30.11
C VAL B 127 -28.61 -41.47 -29.36
N THR B 128 -27.28 -41.54 -29.38
CA THR B 128 -26.57 -42.69 -28.81
C THR B 128 -26.57 -42.75 -27.26
N TYR B 129 -26.72 -41.59 -26.62
CA TYR B 129 -26.74 -41.49 -25.16
C TYR B 129 -28.18 -41.67 -24.74
N GLU B 130 -28.54 -42.93 -24.51
CA GLU B 130 -29.93 -43.31 -24.22
C GLU B 130 -30.46 -42.66 -22.96
N ASN B 131 -29.57 -42.31 -22.06
CA ASN B 131 -29.95 -41.72 -20.80
C ASN B 131 -30.18 -40.19 -20.86
N LEU B 132 -30.18 -39.63 -22.05
CA LEU B 132 -30.44 -38.21 -22.24
C LEU B 132 -31.72 -37.80 -21.54
N ILE B 133 -32.75 -38.62 -21.69
CA ILE B 133 -34.07 -38.37 -21.12
C ILE B 133 -34.07 -38.09 -19.60
N ASN B 134 -33.08 -38.61 -18.89
CA ASN B 134 -32.94 -38.36 -17.45
C ASN B 134 -32.20 -37.11 -17.04
N ASP B 135 -31.49 -36.51 -18.00
CA ASP B 135 -30.74 -35.28 -17.77
C ASP B 135 -31.53 -33.99 -18.11
N VAL B 136 -32.31 -34.04 -19.19
CA VAL B 136 -33.02 -32.85 -19.66
C VAL B 136 -34.36 -32.66 -18.98
N GLN B 137 -35.02 -31.56 -19.30
CA GLN B 137 -36.42 -31.32 -18.90
C GLN B 137 -37.07 -30.33 -19.87
N VAL B 138 -38.38 -30.14 -19.71
CA VAL B 138 -39.10 -29.22 -20.57
C VAL B 138 -38.40 -27.86 -20.43
N GLY B 139 -38.15 -27.22 -21.59
CA GLY B 139 -37.47 -25.93 -21.64
C GLY B 139 -35.99 -26.01 -21.99
N SER B 140 -35.37 -27.16 -21.71
CA SER B 140 -33.95 -27.33 -21.99
C SER B 140 -33.65 -27.29 -23.46
N TYR B 141 -32.50 -26.73 -23.83
CA TYR B 141 -32.10 -26.65 -25.22
C TYR B 141 -31.27 -27.88 -25.58
N ILE B 142 -31.32 -28.26 -26.86
CA ILE B 142 -30.49 -29.34 -27.41
C ILE B 142 -29.86 -28.85 -28.72
N LEU B 143 -28.57 -29.13 -28.92
CA LEU B 143 -27.84 -28.64 -30.09
C LEU B 143 -27.32 -29.81 -30.90
N LEU B 144 -27.33 -29.64 -32.22
CA LEU B 144 -26.97 -30.70 -33.14
C LEU B 144 -25.89 -30.27 -34.12
N ASP B 145 -24.99 -31.20 -34.44
CA ASP B 145 -23.90 -30.96 -35.39
C ASP B 145 -23.04 -29.76 -34.96
N ASP B 146 -22.47 -29.86 -33.77
CA ASP B 146 -21.67 -28.80 -33.20
C ASP B 146 -22.45 -27.48 -33.20
N GLY B 147 -23.69 -27.52 -32.73
CA GLY B 147 -24.49 -26.31 -32.59
C GLY B 147 -24.94 -25.70 -33.89
N LEU B 148 -25.12 -26.53 -34.93
CA LEU B 148 -25.62 -26.06 -36.23
C LEU B 148 -27.09 -25.65 -36.13
N ILE B 149 -27.89 -26.49 -35.50
CA ILE B 149 -29.32 -26.25 -35.37
C ILE B 149 -29.74 -26.60 -33.95
N GLU B 150 -30.48 -25.71 -33.31
CA GLU B 150 -30.87 -25.96 -31.92
C GLU B 150 -32.34 -26.34 -31.84
N LEU B 151 -32.62 -27.20 -30.86
CA LEU B 151 -33.97 -27.67 -30.56
C LEU B 151 -34.31 -27.23 -29.13
N GLN B 152 -35.56 -27.42 -28.74
CA GLN B 152 -35.96 -27.16 -27.35
C GLN B 152 -37.06 -28.10 -26.88
N VAL B 153 -36.90 -28.64 -25.67
CA VAL B 153 -37.74 -29.73 -25.14
C VAL B 153 -39.16 -29.28 -24.81
N LYS B 154 -40.12 -29.83 -25.56
CA LYS B 154 -41.55 -29.55 -25.38
C LYS B 154 -42.13 -30.50 -24.32
N ASP B 155 -42.04 -31.80 -24.58
CA ASP B 155 -42.59 -32.79 -23.67
C ASP B 155 -41.63 -33.95 -23.51
N ILE B 156 -41.75 -34.66 -22.38
CA ILE B 156 -41.00 -35.89 -22.11
C ILE B 156 -41.94 -37.04 -21.80
N ASP B 157 -41.74 -38.16 -22.48
CA ASP B 157 -42.54 -39.36 -22.28
C ASP B 157 -41.60 -40.48 -21.87
N HIS B 158 -41.74 -40.96 -20.65
CA HIS B 158 -40.86 -42.00 -20.14
C HIS B 158 -41.33 -43.38 -20.41
N ALA B 159 -42.57 -43.49 -20.84
CA ALA B 159 -43.11 -44.75 -21.28
C ALA B 159 -42.39 -45.12 -22.57
N LYS B 160 -42.67 -44.34 -23.63
CA LYS B 160 -42.07 -44.57 -24.94
C LYS B 160 -40.56 -44.22 -24.94
N LYS B 161 -40.10 -43.52 -23.89
CA LYS B 161 -38.75 -42.99 -23.81
C LYS B 161 -38.43 -42.13 -25.04
N GLU B 162 -39.23 -41.09 -25.24
CA GLU B 162 -39.04 -40.18 -26.35
C GLU B 162 -39.18 -38.76 -25.83
N VAL B 163 -38.34 -37.87 -26.34
CA VAL B 163 -38.37 -36.47 -25.96
C VAL B 163 -38.86 -35.66 -27.17
N LYS B 164 -40.02 -35.04 -27.04
CA LYS B 164 -40.63 -34.25 -28.11
C LYS B 164 -40.05 -32.83 -28.03
N CYS B 165 -39.61 -32.31 -29.17
CA CYS B 165 -38.93 -31.01 -29.21
C CYS B 165 -39.44 -30.08 -30.31
N ASP B 166 -39.21 -28.78 -30.10
CA ASP B 166 -39.48 -27.74 -31.09
C ASP B 166 -38.20 -27.36 -31.82
N ILE B 167 -38.15 -27.65 -33.12
CA ILE B 167 -37.03 -27.22 -33.96
C ILE B 167 -37.06 -25.68 -34.14
N LEU B 168 -35.87 -25.05 -34.20
CA LEU B 168 -35.73 -23.57 -34.17
C LEU B 168 -34.92 -22.97 -35.34
N ASN B 169 -33.86 -23.65 -35.77
CA ASN B 169 -32.95 -23.11 -36.78
C ASN B 169 -32.75 -24.04 -37.97
N SER B 170 -33.85 -24.49 -38.55
CA SER B 170 -33.85 -25.35 -39.75
C SER B 170 -32.51 -25.53 -40.49
N GLY B 171 -31.99 -26.76 -40.47
CA GLY B 171 -30.77 -27.10 -41.20
C GLY B 171 -30.72 -28.58 -41.54
N GLU B 172 -29.75 -28.97 -42.37
CA GLU B 172 -29.58 -30.36 -42.75
C GLU B 172 -28.97 -31.15 -41.60
N LEU B 173 -29.06 -32.48 -41.67
CA LEU B 173 -28.53 -33.37 -40.63
C LEU B 173 -27.93 -34.67 -41.20
N LYS B 174 -26.60 -34.70 -41.30
CA LYS B 174 -25.84 -35.87 -41.72
C LYS B 174 -25.86 -36.94 -40.60
N ASN B 175 -25.21 -38.09 -40.87
CA ASN B 175 -25.28 -39.25 -39.99
C ASN B 175 -24.78 -39.03 -38.56
N LYS B 176 -23.54 -39.42 -38.31
CA LYS B 176 -23.01 -39.48 -36.96
C LYS B 176 -22.58 -38.08 -36.47
N LYS B 177 -23.55 -37.18 -36.33
CA LYS B 177 -23.29 -35.78 -35.92
C LYS B 177 -23.55 -35.52 -34.42
N GLY B 178 -22.70 -34.70 -33.82
CA GLY B 178 -22.69 -34.54 -32.37
C GLY B 178 -23.91 -33.84 -31.81
N VAL B 179 -24.14 -34.07 -30.52
CA VAL B 179 -25.21 -33.45 -29.77
C VAL B 179 -24.67 -32.83 -28.46
N ASN B 180 -25.13 -31.64 -28.12
CA ASN B 180 -24.63 -30.96 -26.94
C ASN B 180 -25.78 -30.42 -26.12
N LEU B 181 -25.82 -30.77 -24.84
CA LEU B 181 -26.84 -30.26 -23.93
C LEU B 181 -26.25 -29.13 -23.07
N PRO B 182 -26.63 -27.86 -23.35
CA PRO B 182 -26.06 -26.77 -22.56
C PRO B 182 -26.31 -26.83 -21.05
N GLY B 183 -25.48 -27.64 -20.38
CA GLY B 183 -25.39 -27.75 -18.93
C GLY B 183 -26.60 -27.41 -18.06
N VAL B 184 -27.39 -28.38 -17.61
CA VAL B 184 -27.31 -29.83 -17.90
C VAL B 184 -26.07 -30.57 -17.38
N ARG B 185 -26.22 -31.23 -16.23
CA ARG B 185 -25.19 -32.13 -15.73
C ARG B 185 -25.21 -33.39 -16.60
N VAL B 186 -24.55 -33.34 -17.76
CA VAL B 186 -24.50 -34.49 -18.65
C VAL B 186 -23.79 -35.64 -17.94
N SER B 187 -24.49 -36.77 -17.83
CA SER B 187 -24.09 -37.85 -16.92
C SER B 187 -23.31 -39.00 -17.56
N LEU B 188 -22.61 -38.72 -18.66
CA LEU B 188 -21.74 -39.70 -19.29
C LEU B 188 -20.73 -40.21 -18.29
N PRO B 189 -19.97 -41.24 -18.65
CA PRO B 189 -18.87 -41.64 -17.79
C PRO B 189 -17.70 -40.69 -17.95
N GLY B 190 -16.69 -40.83 -17.10
CA GLY B 190 -15.50 -39.97 -17.18
C GLY B 190 -14.65 -40.28 -18.41
N ILE B 191 -14.47 -41.58 -18.65
CA ILE B 191 -13.76 -42.10 -19.84
C ILE B 191 -14.53 -43.28 -20.49
N THR B 192 -14.38 -43.40 -21.81
CA THR B 192 -14.98 -44.50 -22.57
C THR B 192 -14.09 -45.72 -22.42
N GLU B 193 -14.54 -46.86 -22.93
CA GLU B 193 -13.73 -48.08 -22.91
C GLU B 193 -12.47 -47.86 -23.73
N LYS B 194 -12.63 -47.15 -24.85
CA LYS B 194 -11.55 -46.85 -25.78
C LYS B 194 -10.51 -46.02 -25.07
N ASP B 195 -10.97 -44.89 -24.52
CA ASP B 195 -10.11 -44.03 -23.74
C ASP B 195 -9.35 -44.86 -22.74
N ALA B 196 -10.03 -45.71 -21.99
CA ALA B 196 -9.35 -46.58 -21.02
C ALA B 196 -8.20 -47.37 -21.66
N GLU B 197 -8.41 -47.87 -22.87
CA GLU B 197 -7.35 -48.62 -23.61
C GLU B 197 -6.28 -47.69 -24.21
N ASP B 198 -6.71 -46.51 -24.64
CA ASP B 198 -5.82 -45.50 -25.18
C ASP B 198 -4.80 -45.04 -24.15
N ILE B 199 -5.26 -44.84 -22.92
CA ILE B 199 -4.39 -44.34 -21.86
C ILE B 199 -3.44 -45.44 -21.37
N ARG B 200 -3.78 -46.72 -21.52
CA ARG B 200 -2.84 -47.80 -21.16
C ARG B 200 -1.76 -47.92 -22.23
N PHE B 201 -2.04 -47.37 -23.41
CA PHE B 201 -1.08 -47.32 -24.51
C PHE B 201 -0.08 -46.18 -24.20
N GLY B 202 -0.62 -45.09 -23.73
CA GLY B 202 0.24 -44.06 -23.17
C GLY B 202 1.12 -44.63 -22.05
N ILE B 203 0.54 -45.43 -21.18
CA ILE B 203 1.31 -46.01 -20.12
C ILE B 203 2.43 -46.84 -20.75
N LYS B 204 2.10 -47.55 -21.81
CA LYS B 204 3.07 -48.45 -22.41
C LYS B 204 4.24 -47.66 -22.99
N GLU B 205 4.01 -46.48 -23.55
CA GLU B 205 5.12 -45.67 -24.13
C GLU B 205 5.71 -44.58 -23.22
N ASN B 206 5.55 -44.70 -21.90
CA ASN B 206 5.98 -43.65 -20.96
C ASN B 206 5.65 -42.24 -21.47
N VAL B 207 4.48 -42.11 -22.11
CA VAL B 207 4.03 -40.83 -22.64
C VAL B 207 3.95 -39.80 -21.51
N ASP B 208 4.26 -38.54 -21.80
CA ASP B 208 4.42 -37.51 -20.75
C ASP B 208 3.14 -36.87 -20.21
N PHE B 209 2.17 -36.64 -21.08
CA PHE B 209 0.96 -35.91 -20.70
C PHE B 209 -0.30 -36.60 -21.22
N ILE B 210 -1.36 -36.63 -20.43
CA ILE B 210 -2.65 -37.08 -20.93
C ILE B 210 -3.70 -36.00 -20.77
N ALA B 211 -4.05 -35.36 -21.89
CA ALA B 211 -5.14 -34.38 -21.94
C ALA B 211 -6.48 -35.13 -21.96
N ALA B 212 -7.27 -35.02 -20.90
CA ALA B 212 -8.53 -35.76 -20.74
C ALA B 212 -9.70 -34.95 -21.24
N SER B 213 -10.57 -35.58 -22.03
CA SER B 213 -11.63 -34.88 -22.74
C SER B 213 -12.96 -34.85 -21.99
N PHE B 214 -13.67 -33.74 -22.21
CA PHE B 214 -14.98 -33.49 -21.63
C PHE B 214 -15.02 -33.64 -20.11
N VAL B 215 -13.93 -33.27 -19.45
CA VAL B 215 -13.89 -33.40 -18.00
C VAL B 215 -14.89 -32.39 -17.45
N ARG B 216 -15.43 -32.68 -16.28
CA ARG B 216 -16.46 -31.84 -15.70
C ARG B 216 -16.80 -32.10 -14.23
N ARG B 217 -16.27 -33.18 -13.66
CA ARG B 217 -16.18 -33.31 -12.21
C ARG B 217 -14.88 -34.08 -11.82
N PRO B 218 -14.44 -33.93 -10.58
CA PRO B 218 -13.22 -34.60 -10.15
C PRO B 218 -13.16 -36.10 -10.48
N SER B 219 -14.28 -36.81 -10.28
CA SER B 219 -14.44 -38.23 -10.65
C SER B 219 -13.73 -38.55 -11.95
N ASP B 220 -14.08 -37.77 -12.97
CA ASP B 220 -13.66 -38.01 -14.35
C ASP B 220 -12.16 -38.06 -14.49
N VAL B 221 -11.42 -37.29 -13.67
CA VAL B 221 -9.97 -37.37 -13.63
C VAL B 221 -9.53 -38.61 -12.82
N LEU B 222 -10.01 -38.70 -11.59
CA LEU B 222 -9.65 -39.81 -10.72
C LEU B 222 -9.71 -41.15 -11.46
N GLU B 223 -10.68 -41.28 -12.36
CA GLU B 223 -10.83 -42.48 -13.22
C GLU B 223 -9.59 -42.68 -14.07
N ILE B 224 -9.00 -41.61 -14.61
CA ILE B 224 -7.72 -41.78 -15.28
C ILE B 224 -6.63 -42.10 -14.24
N ARG B 225 -6.63 -41.40 -13.11
CA ARG B 225 -5.53 -41.56 -12.16
C ARG B 225 -5.51 -42.93 -11.48
N GLU B 226 -6.66 -43.59 -11.37
CA GLU B 226 -6.66 -44.95 -10.80
C GLU B 226 -6.07 -45.98 -11.78
N ILE B 227 -6.18 -45.69 -13.09
CA ILE B 227 -5.59 -46.55 -14.12
C ILE B 227 -4.11 -46.34 -14.15
N LEU B 228 -3.69 -45.11 -13.87
CA LEU B 228 -2.29 -44.78 -13.81
C LEU B 228 -1.66 -45.41 -12.59
N GLU B 229 -2.28 -45.25 -11.43
CA GLU B 229 -1.66 -45.70 -10.20
C GLU B 229 -1.44 -47.21 -10.19
N GLU B 230 -2.21 -47.97 -10.98
CA GLU B 230 -2.02 -49.41 -11.06
C GLU B 230 -0.64 -49.77 -11.58
N GLN B 231 -0.26 -49.19 -12.71
CA GLN B 231 1.06 -49.44 -13.29
C GLN B 231 2.10 -48.45 -12.76
N LYS B 232 1.86 -47.83 -11.61
CA LYS B 232 2.74 -46.79 -11.06
C LYS B 232 3.21 -45.90 -12.20
N ALA B 233 2.28 -45.28 -12.92
CA ALA B 233 2.58 -44.71 -14.24
C ALA B 233 3.41 -43.43 -14.22
N ASN B 234 3.02 -42.49 -13.36
CA ASN B 234 3.55 -41.10 -13.42
C ASN B 234 3.44 -40.43 -14.82
N ILE B 235 2.24 -39.91 -15.07
CA ILE B 235 1.96 -39.10 -16.23
C ILE B 235 1.13 -37.94 -15.75
N SER B 236 1.33 -36.77 -16.33
CA SER B 236 0.54 -35.60 -15.93
C SER B 236 -0.78 -35.60 -16.67
N VAL B 237 -1.84 -35.35 -15.92
CA VAL B 237 -3.21 -35.39 -16.43
C VAL B 237 -3.81 -33.99 -16.52
N PHE B 238 -4.27 -33.63 -17.73
CA PHE B 238 -4.69 -32.28 -18.06
C PHE B 238 -6.11 -32.31 -18.60
N PRO B 239 -7.11 -31.98 -17.78
CA PRO B 239 -8.52 -31.89 -18.18
C PRO B 239 -8.83 -30.93 -19.30
N LYS B 240 -9.91 -31.16 -20.02
CA LYS B 240 -10.27 -30.29 -21.15
C LYS B 240 -11.53 -29.40 -20.98
N ILE B 241 -12.12 -29.33 -19.80
CA ILE B 241 -13.15 -28.32 -19.49
C ILE B 241 -13.82 -27.68 -20.69
N GLU B 242 -14.94 -28.28 -21.13
CA GLU B 242 -15.64 -27.85 -22.36
C GLU B 242 -17.07 -27.37 -22.12
N ASN B 243 -17.52 -27.33 -20.87
CA ASN B 243 -18.89 -26.92 -20.59
C ASN B 243 -19.07 -26.33 -19.21
N GLN B 244 -20.29 -25.86 -18.92
CA GLN B 244 -20.56 -25.16 -17.67
C GLN B 244 -20.20 -25.96 -16.44
N GLU B 245 -20.61 -27.21 -16.41
CA GLU B 245 -20.33 -28.05 -15.25
C GLU B 245 -18.83 -28.04 -14.93
N GLY B 246 -18.00 -27.99 -15.97
CA GLY B 246 -16.55 -27.94 -15.82
C GLY B 246 -16.06 -26.58 -15.37
N ILE B 247 -16.57 -25.53 -16.01
CA ILE B 247 -16.30 -24.16 -15.59
C ILE B 247 -16.69 -24.00 -14.12
N ASP B 248 -17.91 -24.44 -13.81
CA ASP B 248 -18.42 -24.33 -12.46
C ASP B 248 -17.55 -25.07 -11.45
N ASN B 249 -16.99 -26.22 -11.81
CA ASN B 249 -16.20 -27.02 -10.87
C ASN B 249 -14.70 -26.85 -11.03
N ILE B 250 -14.27 -25.69 -11.53
CA ILE B 250 -12.89 -25.55 -11.92
C ILE B 250 -11.90 -25.76 -10.76
N GLU B 251 -12.25 -25.31 -9.55
CA GLU B 251 -11.34 -25.43 -8.43
C GLU B 251 -11.15 -26.87 -8.00
N GLU B 252 -12.26 -27.59 -7.90
CA GLU B 252 -12.26 -28.99 -7.48
C GLU B 252 -11.64 -29.93 -8.51
N ILE B 253 -11.61 -29.52 -9.78
CA ILE B 253 -10.99 -30.32 -10.82
C ILE B 253 -9.50 -30.19 -10.73
N LEU B 254 -9.06 -28.94 -10.66
CA LEU B 254 -7.65 -28.62 -10.48
C LEU B 254 -7.10 -29.26 -9.20
N GLU B 255 -7.89 -29.24 -8.13
CA GLU B 255 -7.49 -29.93 -6.91
C GLU B 255 -6.86 -31.30 -7.21
N VAL B 256 -7.53 -32.01 -8.13
CA VAL B 256 -7.21 -33.37 -8.49
C VAL B 256 -6.39 -33.50 -9.78
N SER B 257 -6.09 -32.39 -10.46
CA SER B 257 -5.36 -32.45 -11.73
C SER B 257 -3.96 -31.89 -11.67
N ASP B 258 -3.14 -32.26 -12.64
CA ASP B 258 -1.77 -31.84 -12.75
C ASP B 258 -1.64 -30.61 -13.69
N GLY B 259 -2.73 -30.21 -14.30
CA GLY B 259 -2.66 -29.10 -15.24
C GLY B 259 -4.03 -28.82 -15.84
N LEU B 260 -4.08 -28.22 -17.02
CA LEU B 260 -5.38 -27.92 -17.67
C LEU B 260 -5.31 -27.46 -19.13
N MET B 261 -6.35 -27.76 -19.88
CA MET B 261 -6.47 -27.34 -21.26
C MET B 261 -7.77 -26.61 -21.51
N VAL B 262 -7.68 -25.51 -22.24
CA VAL B 262 -8.85 -24.72 -22.53
C VAL B 262 -9.12 -24.80 -24.02
N ALA B 263 -10.03 -25.70 -24.37
CA ALA B 263 -10.49 -25.89 -25.74
C ALA B 263 -11.59 -24.87 -26.01
N ARG B 264 -11.26 -23.81 -26.74
CA ARG B 264 -12.23 -22.73 -26.98
C ARG B 264 -13.29 -23.14 -27.98
N GLY B 265 -12.90 -23.78 -29.09
CA GLY B 265 -13.84 -24.24 -30.10
C GLY B 265 -14.98 -25.03 -29.48
N ASP B 266 -14.61 -26.04 -28.73
CA ASP B 266 -15.56 -26.95 -28.09
C ASP B 266 -16.46 -26.17 -27.11
N MET B 267 -15.85 -25.22 -26.39
CA MET B 267 -16.53 -24.42 -25.37
C MET B 267 -17.56 -23.49 -26.01
N GLY B 268 -17.20 -22.99 -27.19
CA GLY B 268 -17.97 -21.99 -27.92
C GLY B 268 -19.27 -22.50 -28.44
N VAL B 269 -19.48 -23.82 -28.36
CA VAL B 269 -20.76 -24.47 -28.69
C VAL B 269 -21.76 -24.37 -27.52
N GLU B 270 -21.31 -24.74 -26.31
CA GLU B 270 -22.19 -24.80 -25.12
C GLU B 270 -22.33 -23.44 -24.40
N ILE B 271 -21.31 -22.59 -24.48
CA ILE B 271 -21.44 -21.25 -23.91
C ILE B 271 -21.07 -20.23 -24.99
N PRO B 272 -21.83 -19.11 -25.04
CA PRO B 272 -21.77 -18.15 -26.15
C PRO B 272 -20.36 -17.64 -26.50
N PRO B 273 -19.99 -17.67 -27.79
CA PRO B 273 -18.74 -17.04 -28.22
C PRO B 273 -18.45 -15.73 -27.46
N GLU B 274 -19.43 -14.85 -27.41
CA GLU B 274 -19.34 -13.55 -26.74
C GLU B 274 -18.75 -13.61 -25.34
N LYS B 275 -18.99 -14.69 -24.62
CA LYS B 275 -18.60 -14.80 -23.22
C LYS B 275 -17.29 -15.55 -22.97
N VAL B 276 -16.84 -16.33 -23.96
CA VAL B 276 -15.71 -17.26 -23.80
C VAL B 276 -14.43 -16.59 -23.35
N PRO B 277 -14.09 -15.43 -23.93
CA PRO B 277 -12.83 -14.79 -23.56
C PRO B 277 -12.79 -14.44 -22.11
N MET B 278 -13.91 -14.03 -21.53
CA MET B 278 -13.95 -13.72 -20.12
C MET B 278 -13.81 -14.98 -19.26
N VAL B 279 -14.44 -16.04 -19.70
CA VAL B 279 -14.33 -17.32 -19.04
C VAL B 279 -12.88 -17.79 -19.10
N GLN B 280 -12.27 -17.67 -20.28
CA GLN B 280 -10.90 -18.13 -20.48
C GLN B 280 -10.00 -17.46 -19.45
N LYS B 281 -10.03 -16.14 -19.44
CA LYS B 281 -9.29 -15.37 -18.47
C LYS B 281 -9.45 -15.99 -17.11
N ASP B 282 -10.67 -16.22 -16.68
CA ASP B 282 -10.85 -16.65 -15.29
C ASP B 282 -10.39 -18.07 -14.99
N LEU B 283 -10.31 -18.90 -16.02
CA LEU B 283 -9.80 -20.26 -15.84
C LEU B 283 -8.29 -20.18 -15.66
N ILE B 284 -7.63 -19.53 -16.62
CA ILE B 284 -6.19 -19.39 -16.62
C ILE B 284 -5.77 -18.77 -15.28
N ARG B 285 -6.50 -17.76 -14.87
CA ARG B 285 -6.28 -17.12 -13.58
C ARG B 285 -6.24 -18.18 -12.50
N GLN B 286 -7.23 -19.04 -12.47
CA GLN B 286 -7.38 -20.01 -11.41
C GLN B 286 -6.30 -21.09 -11.45
N CYS B 287 -5.55 -21.17 -12.54
CA CYS B 287 -4.47 -22.15 -12.67
C CYS B 287 -3.19 -21.50 -12.21
N ASN B 288 -2.95 -20.29 -12.71
CA ASN B 288 -1.87 -19.47 -12.18
C ASN B 288 -1.94 -19.43 -10.66
N LYS B 289 -3.12 -19.33 -10.07
CA LYS B 289 -3.21 -19.31 -8.62
C LYS B 289 -2.55 -20.53 -7.96
N LEU B 290 -2.86 -21.72 -8.48
CA LEU B 290 -2.36 -22.98 -7.91
C LEU B 290 -1.04 -23.51 -8.58
N GLY B 291 -0.49 -22.74 -9.50
CA GLY B 291 0.75 -23.11 -10.16
C GLY B 291 0.65 -24.29 -11.11
N LYS B 292 -0.55 -24.56 -11.61
CA LYS B 292 -0.73 -25.60 -12.60
C LYS B 292 -0.59 -24.97 -13.97
N PRO B 293 0.18 -25.60 -14.85
CA PRO B 293 0.27 -25.21 -16.25
C PRO B 293 -1.05 -25.24 -16.99
N VAL B 294 -1.24 -24.27 -17.87
CA VAL B 294 -2.45 -24.20 -18.67
C VAL B 294 -2.10 -24.12 -20.13
N ILE B 295 -2.78 -24.93 -20.95
CA ILE B 295 -2.63 -24.86 -22.41
C ILE B 295 -3.84 -24.21 -23.03
N THR B 296 -3.62 -23.16 -23.78
CA THR B 296 -4.71 -22.53 -24.47
C THR B 296 -4.76 -23.14 -25.84
N ALA B 297 -5.94 -23.63 -26.19
CA ALA B 297 -6.10 -24.60 -27.25
C ALA B 297 -7.12 -24.16 -28.28
N THR B 298 -6.86 -24.51 -29.54
CA THR B 298 -7.82 -24.39 -30.66
C THR B 298 -8.01 -22.96 -31.12
N GLN B 299 -8.35 -22.80 -32.39
CA GLN B 299 -8.66 -21.49 -32.98
C GLN B 299 -7.55 -20.47 -32.84
N MET B 300 -6.31 -20.95 -32.84
CA MET B 300 -5.18 -20.06 -32.70
C MET B 300 -4.90 -19.48 -34.06
N LEU B 301 -4.24 -20.25 -34.93
CA LEU B 301 -3.83 -19.76 -36.26
C LEU B 301 -4.45 -20.59 -37.38
N ASP B 302 -5.74 -20.89 -37.24
CA ASP B 302 -6.39 -21.88 -38.09
C ASP B 302 -6.28 -21.58 -39.59
N SER B 303 -6.22 -20.31 -39.96
CA SER B 303 -6.08 -19.93 -41.37
C SER B 303 -4.71 -20.26 -41.95
N MET B 304 -3.81 -20.80 -41.16
CA MET B 304 -2.49 -21.20 -41.65
C MET B 304 -2.41 -22.68 -42.03
N GLN B 305 -3.56 -23.36 -42.03
CA GLN B 305 -3.73 -24.64 -42.76
C GLN B 305 -3.61 -24.31 -44.26
N ARG B 306 -4.26 -23.23 -44.67
CA ARG B 306 -4.37 -22.85 -46.08
C ARG B 306 -3.37 -21.78 -46.49
N ASN B 307 -3.11 -20.81 -45.62
CA ASN B 307 -2.24 -19.67 -45.95
C ASN B 307 -0.87 -19.73 -45.25
N PRO B 308 0.16 -19.06 -45.84
CA PRO B 308 1.49 -19.00 -45.25
C PRO B 308 1.67 -17.91 -44.18
N ARG B 309 0.67 -17.08 -43.93
CA ARG B 309 0.73 -16.12 -42.82
C ARG B 309 -0.63 -15.86 -42.19
N ALA B 310 -0.63 -15.70 -40.87
CA ALA B 310 -1.89 -15.61 -40.12
C ALA B 310 -2.48 -14.22 -40.21
N THR B 311 -3.78 -14.16 -39.98
CA THR B 311 -4.51 -12.92 -40.05
C THR B 311 -4.36 -12.20 -38.74
N ARG B 312 -4.53 -10.90 -38.80
CA ARG B 312 -4.45 -10.04 -37.64
C ARG B 312 -5.35 -10.54 -36.48
N ALA B 313 -6.61 -10.86 -36.78
CA ALA B 313 -7.57 -11.33 -35.77
C ALA B 313 -7.01 -12.53 -35.06
N GLU B 314 -6.31 -13.39 -35.81
CA GLU B 314 -5.68 -14.58 -35.25
C GLU B 314 -4.47 -14.23 -34.38
N ALA B 315 -3.61 -13.35 -34.87
CA ALA B 315 -2.48 -12.88 -34.06
C ALA B 315 -2.94 -12.29 -32.70
N SER B 316 -3.90 -11.38 -32.75
CA SER B 316 -4.51 -10.79 -31.55
C SER B 316 -4.90 -11.86 -30.58
N ASP B 317 -5.60 -12.87 -31.08
CA ASP B 317 -6.07 -13.97 -30.29
C ASP B 317 -4.92 -14.55 -29.47
N VAL B 318 -3.86 -14.93 -30.19
CA VAL B 318 -2.72 -15.62 -29.60
C VAL B 318 -2.14 -14.74 -28.51
N ALA B 319 -1.93 -13.47 -28.82
CA ALA B 319 -1.40 -12.54 -27.84
C ALA B 319 -2.28 -12.55 -26.59
N ASN B 320 -3.58 -12.31 -26.73
CA ASN B 320 -4.44 -12.31 -25.55
C ASN B 320 -4.30 -13.58 -24.75
N ALA B 321 -4.01 -14.68 -25.42
CA ALA B 321 -3.74 -15.92 -24.75
C ALA B 321 -2.57 -15.73 -23.76
N ILE B 322 -1.57 -14.98 -24.19
CA ILE B 322 -0.38 -14.78 -23.39
C ILE B 322 -0.65 -13.76 -22.29
N TYR B 323 -1.23 -12.62 -22.64
CA TYR B 323 -1.58 -11.63 -21.63
C TYR B 323 -2.49 -12.21 -20.53
N ASP B 324 -3.34 -13.15 -20.91
CA ASP B 324 -4.24 -13.78 -19.95
C ASP B 324 -3.49 -14.67 -18.99
N GLY B 325 -2.38 -15.26 -19.43
CA GLY B 325 -1.42 -15.93 -18.54
C GLY B 325 -1.20 -17.40 -18.80
N THR B 326 -1.07 -17.77 -20.07
CA THR B 326 -1.06 -19.17 -20.42
C THR B 326 0.32 -19.71 -20.32
N ASP B 327 0.51 -20.88 -19.73
CA ASP B 327 1.83 -21.45 -19.71
C ASP B 327 2.16 -21.89 -21.12
N ALA B 328 1.13 -22.18 -21.94
CA ALA B 328 1.39 -22.71 -23.29
C ALA B 328 0.32 -22.44 -24.36
N VAL B 329 0.76 -22.59 -25.59
CA VAL B 329 -0.10 -22.36 -26.72
C VAL B 329 -0.09 -23.59 -27.66
N MET B 330 -1.28 -23.96 -28.19
CA MET B 330 -1.42 -25.20 -28.98
C MET B 330 -1.84 -25.01 -30.43
N LEU B 331 -1.13 -25.66 -31.33
CA LEU B 331 -1.55 -25.70 -32.73
C LEU B 331 -2.25 -27.05 -32.98
N SER B 332 -3.44 -27.00 -33.57
CA SER B 332 -4.18 -28.21 -33.94
C SER B 332 -3.89 -28.56 -35.39
N GLY B 333 -4.87 -28.35 -36.28
CA GLY B 333 -4.79 -28.78 -37.68
C GLY B 333 -3.67 -28.12 -38.46
N GLU B 334 -3.32 -26.89 -38.10
CA GLU B 334 -2.23 -26.13 -38.73
C GLU B 334 -0.97 -26.99 -38.98
N THR B 335 -0.61 -27.81 -37.99
CA THR B 335 0.60 -28.64 -38.05
C THR B 335 0.30 -30.08 -38.46
N ALA B 336 -0.89 -30.57 -38.16
CA ALA B 336 -1.21 -31.99 -38.42
C ALA B 336 -1.58 -32.25 -39.89
N ALA B 337 -2.47 -31.43 -40.45
CA ALA B 337 -2.92 -31.58 -41.81
C ALA B 337 -3.06 -30.24 -42.50
N GLY B 338 -2.06 -29.39 -42.36
CA GLY B 338 -2.05 -28.08 -42.99
C GLY B 338 -0.88 -28.00 -43.95
N LEU B 339 -0.99 -27.08 -44.90
CA LEU B 339 -0.01 -26.96 -46.00
C LEU B 339 1.21 -26.24 -45.48
N TYR B 340 1.00 -25.37 -44.52
CA TYR B 340 2.07 -24.66 -43.87
C TYR B 340 2.04 -25.11 -42.44
N PRO B 341 3.02 -25.93 -42.04
CA PRO B 341 3.19 -26.31 -40.64
C PRO B 341 4.38 -25.59 -39.97
N GLU B 342 5.60 -25.78 -40.50
CA GLU B 342 6.76 -25.04 -40.01
C GLU B 342 6.40 -23.57 -39.82
N GLU B 343 5.84 -22.97 -40.86
CA GLU B 343 5.50 -21.55 -40.85
C GLU B 343 4.57 -21.27 -39.69
N ALA B 344 3.58 -22.15 -39.53
CA ALA B 344 2.66 -22.06 -38.40
C ALA B 344 3.36 -22.04 -37.01
N VAL B 345 4.46 -22.78 -36.86
CA VAL B 345 5.17 -22.87 -35.59
C VAL B 345 6.09 -21.66 -35.43
N LYS B 346 6.88 -21.41 -36.46
CA LYS B 346 7.71 -20.22 -36.51
C LYS B 346 6.87 -18.98 -36.18
N THR B 347 5.70 -18.85 -36.78
CA THR B 347 4.86 -17.68 -36.55
C THR B 347 4.34 -17.67 -35.12
N MET B 348 4.02 -18.86 -34.62
CA MET B 348 3.49 -18.99 -33.28
C MET B 348 4.52 -18.45 -32.34
N ARG B 349 5.78 -18.79 -32.61
CA ARG B 349 6.89 -18.35 -31.80
C ARG B 349 7.05 -16.83 -31.83
N ASN B 350 7.14 -16.29 -33.02
CA ASN B 350 7.33 -14.86 -33.17
C ASN B 350 6.30 -14.06 -32.41
N ILE B 351 5.03 -14.45 -32.52
CA ILE B 351 3.96 -13.73 -31.84
C ILE B 351 4.20 -13.82 -30.36
N ALA B 352 4.53 -15.02 -29.89
CA ALA B 352 4.93 -15.23 -28.50
C ALA B 352 5.98 -14.21 -28.06
N VAL B 353 7.15 -14.27 -28.67
CA VAL B 353 8.26 -13.44 -28.21
C VAL B 353 7.89 -11.95 -28.18
N SER B 354 7.16 -11.50 -29.19
CA SER B 354 6.69 -10.11 -29.30
C SER B 354 5.71 -9.74 -28.19
N ALA B 355 4.73 -10.60 -27.97
CA ALA B 355 3.69 -10.35 -27.01
C ALA B 355 4.26 -10.28 -25.61
N GLU B 356 5.37 -10.98 -25.42
CA GLU B 356 6.03 -11.03 -24.14
C GLU B 356 6.89 -9.82 -23.96
N ALA B 357 7.73 -9.58 -24.96
CA ALA B 357 8.62 -8.43 -24.96
C ALA B 357 7.92 -7.20 -24.39
N ALA B 358 6.70 -6.93 -24.82
CA ALA B 358 5.98 -5.74 -24.39
C ALA B 358 4.95 -6.04 -23.32
N GLN B 359 5.40 -6.60 -22.20
CA GLN B 359 4.52 -6.73 -21.04
C GLN B 359 5.30 -6.48 -19.79
N ASP B 360 4.60 -6.07 -18.74
CA ASP B 360 5.24 -5.52 -17.54
C ASP B 360 5.41 -6.54 -16.41
N TYR B 361 6.64 -7.03 -16.21
CA TYR B 361 6.88 -8.11 -15.21
C TYR B 361 6.70 -7.65 -13.77
N LYS B 362 6.57 -6.35 -13.59
CA LYS B 362 6.26 -5.77 -12.31
C LYS B 362 4.80 -6.04 -12.02
N LYS B 363 3.92 -5.66 -12.98
CA LYS B 363 2.47 -5.92 -12.89
C LYS B 363 2.24 -7.41 -12.71
N LEU B 364 2.90 -8.20 -13.57
CA LEU B 364 2.69 -9.63 -13.59
C LEU B 364 2.95 -10.18 -12.22
N LEU B 365 4.05 -9.72 -11.59
CA LEU B 365 4.39 -10.13 -10.22
C LEU B 365 3.36 -9.58 -9.28
N SER B 366 3.18 -8.28 -9.32
CA SER B 366 2.22 -7.61 -8.47
C SER B 366 0.83 -8.31 -8.46
N ASP B 367 0.33 -8.70 -9.64
CA ASP B 367 -0.87 -9.54 -9.72
C ASP B 367 -0.75 -10.86 -8.94
N ARG B 368 0.35 -11.61 -9.13
CA ARG B 368 0.53 -12.91 -8.46
C ARG B 368 0.82 -12.78 -6.97
N THR B 369 1.47 -11.70 -6.57
CA THR B 369 1.73 -11.49 -5.17
C THR B 369 0.42 -11.46 -4.39
N LYS B 370 -0.59 -10.75 -4.90
CA LYS B 370 -1.88 -10.65 -4.24
C LYS B 370 -2.72 -11.94 -4.34
N LEU B 371 -2.63 -12.60 -5.50
CA LEU B 371 -3.51 -13.74 -5.94
C LEU B 371 -3.27 -15.08 -5.24
N VAL B 372 -1.98 -15.47 -5.09
CA VAL B 372 -1.56 -16.72 -4.41
C VAL B 372 -1.45 -16.62 -2.87
N GLU B 373 -1.48 -17.79 -2.24
CA GLU B 373 -1.67 -17.92 -0.81
C GLU B 373 -0.34 -17.93 -0.09
N THR B 374 -0.40 -17.79 1.23
CA THR B 374 0.78 -17.88 2.09
C THR B 374 1.01 -19.34 2.48
N SER B 375 2.21 -19.84 2.20
CA SER B 375 2.65 -21.19 2.56
C SER B 375 4.16 -21.23 2.61
N LEU B 376 4.72 -22.21 3.30
CA LEU B 376 6.19 -22.40 3.34
C LEU B 376 6.81 -22.38 1.92
N VAL B 377 6.20 -23.14 1.02
CA VAL B 377 6.72 -23.26 -0.35
C VAL B 377 6.58 -21.95 -1.14
N ASN B 378 5.45 -21.29 -0.92
CA ASN B 378 5.21 -20.05 -1.63
C ASN B 378 6.03 -18.90 -1.14
N ALA B 379 6.41 -18.95 0.15
CA ALA B 379 7.31 -17.98 0.78
C ALA B 379 8.60 -17.89 -0.03
N ILE B 380 9.19 -19.03 -0.30
CA ILE B 380 10.36 -19.02 -1.19
C ILE B 380 10.09 -18.54 -2.63
N GLY B 381 8.90 -18.88 -3.15
CA GLY B 381 8.49 -18.35 -4.44
C GLY B 381 8.48 -16.84 -4.48
N ILE B 382 7.71 -16.22 -3.58
CA ILE B 382 7.66 -14.76 -3.49
C ILE B 382 9.05 -14.11 -3.15
N SER B 383 9.85 -14.80 -2.34
CA SER B 383 11.15 -14.27 -2.10
C SER B 383 11.96 -14.28 -3.36
N VAL B 384 12.06 -15.42 -4.02
CA VAL B 384 12.82 -15.44 -5.29
C VAL B 384 12.23 -14.47 -6.37
N ALA B 385 10.92 -14.30 -6.41
CA ALA B 385 10.31 -13.38 -7.37
C ALA B 385 10.76 -11.95 -7.18
N HIS B 386 10.52 -11.40 -5.98
CA HIS B 386 10.83 -10.00 -5.68
C HIS B 386 12.29 -9.76 -5.87
N THR B 387 13.08 -10.64 -5.29
CA THR B 387 14.51 -10.53 -5.36
C THR B 387 14.98 -10.49 -6.79
N ALA B 388 14.56 -11.44 -7.59
CA ALA B 388 14.96 -11.45 -8.99
C ALA B 388 14.66 -10.11 -9.69
N LEU B 389 13.43 -9.61 -9.49
CA LEU B 389 13.05 -8.32 -10.04
C LEU B 389 13.92 -7.13 -9.55
N ASN B 390 14.12 -7.06 -8.22
CA ASN B 390 14.85 -5.93 -7.59
C ASN B 390 16.32 -5.89 -7.96
N LEU B 391 16.95 -7.04 -7.91
CA LEU B 391 18.40 -7.12 -8.11
C LEU B 391 18.71 -7.40 -9.56
N ASN B 392 17.65 -7.56 -10.37
CA ASN B 392 17.77 -7.74 -11.81
C ASN B 392 18.67 -8.95 -12.11
N VAL B 393 18.28 -10.12 -11.58
CA VAL B 393 19.06 -11.35 -11.73
C VAL B 393 18.87 -11.90 -13.13
N LYS B 394 19.95 -12.41 -13.72
CA LYS B 394 19.91 -12.94 -15.07
C LYS B 394 19.21 -14.30 -15.18
N ALA B 395 19.28 -15.10 -14.12
CA ALA B 395 18.70 -16.45 -14.17
C ALA B 395 18.42 -17.04 -12.80
N ILE B 396 17.29 -17.76 -12.72
CA ILE B 396 16.90 -18.51 -11.53
C ILE B 396 17.09 -19.99 -11.85
N VAL B 397 18.05 -20.63 -11.21
CA VAL B 397 18.33 -22.02 -11.48
C VAL B 397 17.62 -22.82 -10.38
N ALA B 398 16.66 -23.64 -10.82
CA ALA B 398 15.74 -24.36 -9.95
C ALA B 398 16.10 -25.81 -9.94
N ALA B 399 16.60 -26.32 -8.81
CA ALA B 399 17.03 -27.74 -8.72
C ALA B 399 15.87 -28.60 -8.23
N THR B 400 15.38 -29.47 -9.10
CA THR B 400 14.17 -30.25 -8.85
C THR B 400 14.38 -31.68 -9.26
N GLU B 401 13.69 -32.58 -8.57
CA GLU B 401 13.64 -33.99 -8.94
C GLU B 401 12.30 -34.28 -9.60
N SER B 402 11.22 -33.73 -9.02
CA SER B 402 9.87 -33.87 -9.55
C SER B 402 9.54 -32.78 -10.55
N GLY B 403 9.85 -31.54 -10.19
CA GLY B 403 9.50 -30.41 -11.03
C GLY B 403 8.74 -29.33 -10.28
N SER B 404 8.20 -29.66 -9.10
CA SER B 404 7.43 -28.67 -8.32
C SER B 404 8.21 -27.40 -7.92
N THR B 405 9.53 -27.44 -7.74
CA THR B 405 10.19 -26.18 -7.51
C THR B 405 10.05 -25.36 -8.74
N ALA B 406 10.50 -25.88 -9.88
CA ALA B 406 10.38 -25.16 -11.18
C ALA B 406 8.99 -24.52 -11.36
N ARG B 407 7.97 -25.19 -10.87
CA ARG B 407 6.63 -24.65 -10.95
C ARG B 407 6.39 -23.61 -9.89
N THR B 408 6.71 -23.91 -8.65
CA THR B 408 6.60 -22.89 -7.61
C THR B 408 7.27 -21.59 -8.05
N ILE B 409 8.43 -21.66 -8.68
CA ILE B 409 9.05 -20.43 -9.24
C ILE B 409 8.32 -19.83 -10.46
N SER B 410 7.73 -20.69 -11.31
CA SER B 410 7.20 -20.25 -12.58
C SER B 410 5.87 -19.55 -12.37
N LYS B 411 5.19 -19.80 -11.25
CA LYS B 411 3.84 -19.27 -11.10
C LYS B 411 3.89 -17.75 -10.90
N TYR B 412 4.94 -17.30 -10.22
CA TYR B 412 5.14 -15.88 -9.95
C TYR B 412 5.70 -15.11 -11.13
N ARG B 413 6.04 -15.81 -12.21
CA ARG B 413 6.27 -15.17 -13.52
C ARG B 413 7.31 -14.09 -13.48
N PRO B 414 8.57 -14.46 -13.30
CA PRO B 414 9.58 -13.41 -13.21
C PRO B 414 10.31 -13.25 -14.53
N HIS B 415 10.92 -12.07 -14.75
CA HIS B 415 11.61 -11.79 -16.00
C HIS B 415 12.70 -12.77 -16.19
N SER B 416 13.37 -13.09 -15.09
CA SER B 416 14.55 -13.95 -15.10
C SER B 416 14.26 -15.25 -15.78
N ASP B 417 15.23 -15.77 -16.51
CA ASP B 417 15.06 -17.06 -17.14
C ASP B 417 15.03 -18.09 -16.02
N ILE B 418 14.17 -19.09 -16.17
CA ILE B 418 14.15 -20.18 -15.22
C ILE B 418 14.93 -21.34 -15.84
N ILE B 419 15.71 -22.04 -15.02
CA ILE B 419 16.53 -23.18 -15.49
C ILE B 419 16.26 -24.32 -14.53
N ALA B 420 15.59 -25.37 -15.01
CA ALA B 420 15.23 -26.51 -14.17
C ALA B 420 16.30 -27.58 -14.33
N VAL B 421 17.26 -27.62 -13.40
CA VAL B 421 18.25 -28.69 -13.39
C VAL B 421 17.67 -29.84 -12.64
N THR B 422 17.69 -31.00 -13.31
CA THR B 422 17.08 -32.21 -12.80
C THR B 422 17.87 -33.47 -13.18
N PRO B 423 17.77 -34.52 -12.36
CA PRO B 423 18.39 -35.78 -12.77
C PRO B 423 17.46 -36.65 -13.61
N SER B 424 16.14 -36.38 -13.51
CA SER B 424 15.11 -37.19 -14.16
C SER B 424 14.78 -36.70 -15.56
N GLU B 425 14.96 -37.61 -16.53
CA GLU B 425 14.73 -37.34 -17.95
C GLU B 425 13.25 -37.14 -18.22
N GLU B 426 12.39 -37.84 -17.49
CA GLU B 426 10.96 -37.58 -17.62
C GLU B 426 10.55 -36.25 -17.00
N THR B 427 11.05 -35.92 -15.82
CA THR B 427 10.62 -34.65 -15.20
C THR B 427 11.16 -33.48 -16.01
N ALA B 428 12.26 -33.70 -16.72
CA ALA B 428 12.69 -32.72 -17.71
C ALA B 428 11.55 -32.45 -18.68
N ARG B 429 11.05 -33.51 -19.32
CA ARG B 429 9.95 -33.38 -20.28
C ARG B 429 8.64 -32.89 -19.65
N GLN B 430 8.45 -33.17 -18.37
CA GLN B 430 7.31 -32.62 -17.60
C GLN B 430 7.38 -31.09 -17.57
N CYS B 431 8.58 -30.53 -17.74
CA CYS B 431 8.76 -29.09 -17.58
C CYS B 431 8.74 -28.34 -18.86
N SER B 432 8.90 -29.07 -19.96
CA SER B 432 8.90 -28.45 -21.27
C SER B 432 7.65 -27.61 -21.47
N ILE B 433 6.52 -28.02 -20.86
CA ILE B 433 5.29 -27.23 -20.95
C ILE B 433 5.11 -26.09 -19.98
N VAL B 434 5.92 -26.02 -18.92
CA VAL B 434 5.79 -24.99 -17.94
C VAL B 434 6.36 -23.72 -18.45
N TRP B 435 5.66 -22.65 -18.15
CA TRP B 435 6.08 -21.26 -18.47
C TRP B 435 7.42 -20.87 -17.86
N GLY B 436 8.27 -20.28 -18.70
CA GLY B 436 9.57 -19.80 -18.29
C GLY B 436 10.66 -20.85 -18.19
N VAL B 437 10.30 -22.07 -17.85
CA VAL B 437 11.30 -23.06 -17.49
C VAL B 437 12.00 -23.69 -18.71
N GLN B 438 13.34 -23.61 -18.73
CA GLN B 438 14.20 -24.31 -19.71
C GLN B 438 14.96 -25.36 -18.94
N PRO B 439 14.60 -26.61 -19.10
CA PRO B 439 15.15 -27.70 -18.32
C PRO B 439 16.48 -28.27 -18.86
N VAL B 440 17.41 -28.61 -17.96
CA VAL B 440 18.60 -29.41 -18.32
C VAL B 440 18.63 -30.63 -17.42
N VAL B 441 19.28 -31.69 -17.88
CA VAL B 441 19.36 -32.93 -17.13
C VAL B 441 20.80 -33.22 -16.74
N LYS B 442 21.16 -32.87 -15.49
CA LYS B 442 22.50 -33.12 -14.94
C LYS B 442 22.39 -34.13 -13.82
N LYS B 443 23.34 -35.05 -13.77
CA LYS B 443 23.25 -36.18 -12.86
C LYS B 443 23.39 -35.70 -11.44
N GLY B 444 22.55 -36.23 -10.56
CA GLY B 444 22.33 -35.65 -9.24
C GLY B 444 23.54 -35.58 -8.33
N ARG B 445 23.71 -34.47 -7.62
CA ARG B 445 24.72 -34.34 -6.57
C ARG B 445 24.09 -34.85 -5.32
N LYS B 446 24.85 -34.91 -4.24
CA LYS B 446 24.28 -35.27 -2.94
C LYS B 446 24.23 -34.04 -2.07
N SER B 447 25.37 -33.54 -1.66
CA SER B 447 25.42 -32.45 -0.70
C SER B 447 25.03 -31.12 -1.34
N THR B 448 24.43 -30.25 -0.54
CA THR B 448 24.03 -28.92 -0.97
C THR B 448 25.16 -28.17 -1.62
N ASP B 449 26.36 -28.31 -1.05
CA ASP B 449 27.47 -27.50 -1.53
C ASP B 449 27.83 -27.85 -2.93
N ALA B 450 27.75 -29.13 -3.28
CA ALA B 450 27.88 -29.57 -4.66
C ALA B 450 26.68 -29.04 -5.47
N LEU B 451 25.47 -29.27 -4.95
CA LEU B 451 24.24 -28.80 -5.61
C LEU B 451 24.40 -27.36 -6.12
N LEU B 452 24.87 -26.50 -5.22
CA LEU B 452 25.02 -25.10 -5.54
C LEU B 452 26.02 -24.92 -6.68
N ASN B 453 27.17 -25.58 -6.58
CA ASN B 453 28.22 -25.40 -7.58
C ASN B 453 27.83 -25.94 -8.95
N ASN B 454 27.10 -27.04 -8.95
CA ASN B 454 26.56 -27.54 -10.17
C ASN B 454 25.65 -26.47 -10.76
N ALA B 455 24.65 -26.01 -10.00
CA ALA B 455 23.77 -24.95 -10.49
C ALA B 455 24.59 -23.94 -11.29
N VAL B 456 25.54 -23.31 -10.62
CA VAL B 456 26.32 -22.24 -11.23
C VAL B 456 26.90 -22.72 -12.56
N ALA B 457 27.53 -23.90 -12.53
CA ALA B 457 28.10 -24.55 -13.72
C ALA B 457 27.08 -24.60 -14.81
N THR B 458 25.92 -25.18 -14.49
CA THR B 458 24.85 -25.43 -15.46
C THR B 458 24.33 -24.13 -16.07
N ALA B 459 24.33 -23.09 -15.24
CA ALA B 459 23.84 -21.80 -15.68
C ALA B 459 24.75 -21.24 -16.74
N VAL B 460 26.04 -21.47 -16.57
CA VAL B 460 26.99 -20.83 -17.42
C VAL B 460 27.03 -21.59 -18.71
N GLU B 461 26.92 -22.92 -18.59
CA GLU B 461 27.07 -23.81 -19.74
C GLU B 461 25.91 -23.65 -20.71
N THR B 462 24.83 -23.03 -20.25
CA THR B 462 23.74 -22.69 -21.14
C THR B 462 24.07 -21.49 -22.04
N GLY B 463 25.11 -20.74 -21.66
CA GLY B 463 25.49 -19.52 -22.36
C GLY B 463 24.60 -18.36 -21.95
N ARG B 464 23.67 -18.61 -21.02
CA ARG B 464 22.65 -17.66 -20.66
C ARG B 464 23.20 -16.67 -19.63
N VAL B 465 24.21 -17.08 -18.87
CA VAL B 465 24.86 -16.23 -17.86
C VAL B 465 26.39 -16.29 -18.03
N THR B 466 27.07 -15.15 -17.84
CA THR B 466 28.54 -15.12 -17.75
C THR B 466 28.95 -14.47 -16.42
N ASN B 467 30.18 -13.96 -16.33
CA ASN B 467 30.78 -13.63 -15.05
C ASN B 467 30.17 -12.43 -14.36
N GLY B 468 29.80 -11.41 -15.11
CA GLY B 468 29.17 -10.27 -14.48
C GLY B 468 27.88 -10.56 -13.73
N ASP B 469 27.29 -11.73 -13.96
CA ASP B 469 25.86 -11.90 -13.74
C ASP B 469 25.44 -12.36 -12.36
N LEU B 470 24.19 -12.07 -12.03
CA LEU B 470 23.58 -12.49 -10.79
C LEU B 470 22.60 -13.64 -11.05
N ILE B 471 22.68 -14.63 -10.18
CA ILE B 471 22.01 -15.89 -10.35
C ILE B 471 21.36 -16.18 -9.03
N ILE B 472 20.17 -16.71 -9.06
CA ILE B 472 19.55 -17.11 -7.83
C ILE B 472 19.32 -18.60 -7.94
N ILE B 473 19.67 -19.31 -6.87
CA ILE B 473 19.69 -20.77 -6.87
C ILE B 473 18.68 -21.26 -5.84
N THR B 474 17.57 -21.80 -6.29
CA THR B 474 16.57 -22.29 -5.37
C THR B 474 16.50 -23.78 -5.58
N ALA B 475 16.18 -24.50 -4.49
CA ALA B 475 16.20 -25.95 -4.45
C ALA B 475 15.61 -26.42 -3.14
N GLY B 476 15.40 -27.73 -3.03
CA GLY B 476 14.77 -28.33 -1.86
C GLY B 476 15.75 -29.23 -1.13
N VAL B 477 16.45 -28.66 -0.15
CA VAL B 477 17.47 -29.40 0.58
C VAL B 477 17.07 -29.74 2.02
N PRO B 478 17.59 -30.87 2.54
CA PRO B 478 18.37 -31.90 1.82
C PRO B 478 17.53 -32.65 0.78
N THR B 479 18.19 -33.15 -0.28
CA THR B 479 17.48 -33.65 -1.47
C THR B 479 16.82 -35.04 -1.28
N GLY B 480 17.04 -35.67 -0.13
CA GLY B 480 16.31 -36.88 0.26
C GLY B 480 14.80 -36.67 0.30
N GLU B 481 14.30 -36.06 1.38
CA GLU B 481 12.85 -35.77 1.54
C GLU B 481 12.29 -34.97 0.37
N THR B 482 13.07 -33.98 -0.05
CA THR B 482 12.70 -33.05 -1.13
C THR B 482 11.24 -32.56 -0.95
N GLY B 483 10.29 -33.06 -1.74
CA GLY B 483 8.88 -32.66 -1.63
C GLY B 483 8.65 -31.16 -1.84
N THR B 484 8.88 -30.38 -0.79
CA THR B 484 8.82 -28.91 -0.87
C THR B 484 10.18 -28.37 -1.23
N THR B 485 10.19 -27.18 -1.82
CA THR B 485 11.40 -26.40 -2.04
C THR B 485 11.56 -25.46 -0.87
N ASN B 486 12.74 -25.41 -0.24
CA ASN B 486 12.87 -24.74 1.04
C ASN B 486 14.09 -23.83 1.20
N MET B 487 14.75 -23.45 0.11
CA MET B 487 15.85 -22.48 0.23
C MET B 487 16.28 -21.79 -1.08
N MET B 488 16.95 -20.66 -0.91
CA MET B 488 17.50 -19.89 -2.02
C MET B 488 18.83 -19.24 -1.65
N LYS B 489 19.73 -19.19 -2.63
CA LYS B 489 20.99 -18.51 -2.54
C LYS B 489 21.09 -17.51 -3.69
N ILE B 490 21.54 -16.30 -3.37
CA ILE B 490 21.85 -15.28 -4.39
C ILE B 490 23.34 -15.40 -4.65
N HIS B 491 23.75 -15.34 -5.91
CA HIS B 491 25.12 -15.70 -6.32
C HIS B 491 25.61 -14.90 -7.49
N LEU B 492 26.70 -14.15 -7.29
CA LEU B 492 27.35 -13.34 -8.34
C LEU B 492 28.42 -14.20 -8.96
N VAL B 493 28.36 -14.41 -10.28
CA VAL B 493 29.12 -15.47 -10.94
C VAL B 493 30.63 -15.18 -11.01
N GLY B 494 31.30 -15.25 -9.85
CA GLY B 494 32.72 -14.96 -9.71
C GLY B 494 33.06 -13.58 -10.24
N ASP B 495 34.35 -13.21 -10.24
CA ASP B 495 35.38 -13.91 -9.49
C ASP B 495 36.55 -12.98 -9.20
N GLU B 496 36.23 -11.76 -8.79
CA GLU B 496 37.19 -10.73 -8.32
C GLU B 496 38.62 -10.78 -8.88
N ILE B 497 38.93 -9.87 -9.80
CA ILE B 497 40.27 -9.72 -10.38
C ILE B 497 41.35 -9.35 -9.34
N ALA B 498 41.02 -8.39 -8.48
CA ALA B 498 41.89 -8.04 -7.38
C ALA B 498 41.01 -7.78 -6.18
N ASN B 499 41.63 -7.58 -5.04
CA ASN B 499 40.89 -7.07 -3.89
C ASN B 499 41.79 -6.33 -2.89
N GLY B 500 41.15 -5.75 -1.90
CA GLY B 500 41.86 -5.02 -0.89
C GLY B 500 40.88 -4.37 0.06
N GLN B 501 41.25 -3.19 0.53
CA GLN B 501 40.47 -2.45 1.52
C GLN B 501 39.65 -1.37 0.82
N GLY B 502 38.35 -1.57 0.79
CA GLY B 502 37.46 -0.62 0.14
C GLY B 502 37.05 0.53 1.05
N ILE B 503 37.22 1.75 0.55
CA ILE B 503 36.76 2.94 1.26
C ILE B 503 35.50 3.45 0.59
N GLY B 504 34.53 3.86 1.42
CA GLY B 504 33.21 4.20 0.91
C GLY B 504 32.38 2.92 0.84
N ARG B 505 31.15 3.03 0.33
CA ARG B 505 30.29 1.85 0.15
C ARG B 505 29.71 1.68 -1.28
N GLY B 506 29.97 2.62 -2.18
CA GLY B 506 29.32 2.62 -3.50
C GLY B 506 29.97 1.68 -4.49
N SER B 507 29.79 1.95 -5.77
CA SER B 507 30.41 1.15 -6.85
C SER B 507 30.23 1.77 -8.23
N VAL B 508 31.11 1.40 -9.16
CA VAL B 508 31.02 1.90 -10.52
C VAL B 508 31.72 1.00 -11.49
N VAL B 509 31.40 1.21 -12.77
CA VAL B 509 32.08 0.54 -13.87
C VAL B 509 32.70 1.61 -14.76
N GLY B 510 33.86 1.28 -15.33
CA GLY B 510 34.59 2.21 -16.18
C GLY B 510 35.95 1.62 -16.54
N THR B 511 36.57 2.17 -17.59
CA THR B 511 37.84 1.63 -18.09
C THR B 511 39.02 2.17 -17.26
N THR B 512 39.97 1.29 -16.96
CA THR B 512 41.15 1.65 -16.17
C THR B 512 42.03 2.68 -16.89
N LEU B 513 42.81 3.41 -16.09
CA LEU B 513 43.94 4.20 -16.59
C LEU B 513 45.10 4.03 -15.60
N VAL B 514 45.91 3.00 -15.84
CA VAL B 514 47.08 2.74 -15.00
C VAL B 514 48.03 3.93 -15.12
N ALA B 515 48.15 4.71 -14.05
CA ALA B 515 49.04 5.87 -14.03
C ALA B 515 50.26 5.61 -13.13
N GLU B 516 51.42 5.46 -13.75
CA GLU B 516 52.65 5.18 -13.04
C GLU B 516 53.22 6.45 -12.42
N THR B 517 52.82 7.60 -12.98
CA THR B 517 53.20 8.91 -12.46
C THR B 517 52.08 9.93 -12.72
N VAL B 518 52.22 11.13 -12.18
CA VAL B 518 51.22 12.19 -12.35
C VAL B 518 51.13 12.68 -13.80
N LYS B 519 52.27 12.67 -14.48
CA LYS B 519 52.36 13.07 -15.89
C LYS B 519 51.81 11.98 -16.82
N ASP B 520 51.63 10.79 -16.27
CA ASP B 520 51.09 9.65 -17.02
C ASP B 520 49.56 9.73 -17.19
N LEU B 521 48.97 10.88 -16.84
CA LEU B 521 47.56 11.16 -17.09
C LEU B 521 47.27 12.68 -17.15
N GLU B 522 48.28 13.46 -17.55
CA GLU B 522 48.23 14.92 -17.43
C GLU B 522 47.27 15.54 -18.46
N GLY B 523 47.63 15.42 -19.73
CA GLY B 523 46.88 16.06 -20.81
C GLY B 523 45.94 15.12 -21.53
N LYS B 524 45.97 13.85 -21.15
CA LYS B 524 45.16 12.83 -21.80
C LYS B 524 44.05 12.36 -20.85
N ASP B 525 43.18 13.28 -20.46
CA ASP B 525 42.22 13.02 -19.38
C ASP B 525 40.77 13.47 -19.68
N LEU B 526 39.87 12.49 -19.77
CA LEU B 526 38.44 12.72 -19.64
C LEU B 526 38.02 12.11 -18.30
N SER B 527 36.71 12.14 -18.02
CA SER B 527 36.14 11.51 -16.83
C SER B 527 36.09 9.98 -17.00
N ASP B 528 34.94 9.36 -16.73
CA ASP B 528 34.59 7.97 -17.08
C ASP B 528 35.65 6.86 -16.91
N LYS B 529 36.67 7.10 -16.09
CA LYS B 529 37.73 6.12 -15.89
C LYS B 529 38.05 5.92 -14.40
N VAL B 530 38.61 4.76 -14.07
CA VAL B 530 39.05 4.47 -12.71
C VAL B 530 40.57 4.34 -12.72
N ILE B 531 41.26 5.32 -12.12
CA ILE B 531 42.73 5.38 -12.20
C ILE B 531 43.38 4.40 -11.21
N VAL B 532 44.46 3.76 -11.66
CA VAL B 532 45.20 2.76 -10.88
C VAL B 532 46.66 3.21 -10.67
N THR B 533 46.97 3.76 -9.52
CA THR B 533 48.30 4.32 -9.25
C THR B 533 48.97 3.60 -8.10
N ASN B 534 50.14 4.09 -7.70
CA ASN B 534 50.82 3.61 -6.49
C ASN B 534 50.19 4.22 -5.22
N SER B 535 50.41 5.51 -5.03
CA SER B 535 49.75 6.25 -3.95
C SER B 535 49.27 7.60 -4.47
N ILE B 536 48.66 8.40 -3.61
CA ILE B 536 48.24 9.75 -3.98
C ILE B 536 49.12 10.83 -3.33
N ASP B 537 49.80 11.60 -4.18
CA ASP B 537 50.55 12.80 -3.76
C ASP B 537 49.57 13.98 -3.66
N GLU B 538 50.12 15.18 -3.51
CA GLU B 538 49.39 16.41 -3.76
C GLU B 538 49.15 16.64 -5.26
N THR B 539 50.05 16.10 -6.09
CA THR B 539 49.98 16.25 -7.55
C THR B 539 48.91 15.36 -8.17
N PHE B 540 48.55 14.29 -7.46
CA PHE B 540 47.51 13.38 -7.91
C PHE B 540 46.11 13.87 -7.51
N VAL B 541 46.00 14.52 -6.34
CA VAL B 541 44.69 14.92 -5.78
C VAL B 541 43.78 15.78 -6.70
N PRO B 542 44.37 16.60 -7.58
CA PRO B 542 43.51 17.33 -8.53
C PRO B 542 42.90 16.44 -9.62
N TYR B 543 43.64 15.44 -10.09
CA TYR B 543 43.18 14.53 -11.14
C TYR B 543 42.17 13.49 -10.62
N VAL B 544 42.39 12.97 -9.41
CA VAL B 544 41.53 11.92 -8.83
C VAL B 544 40.05 12.33 -8.77
N GLU B 545 39.77 13.55 -8.32
CA GLU B 545 38.38 14.02 -8.18
C GLU B 545 37.62 14.21 -9.50
N LYS B 546 38.35 14.25 -10.61
CA LYS B 546 37.74 14.28 -11.95
C LYS B 546 37.24 12.89 -12.39
N ALA B 547 37.72 11.84 -11.73
CA ALA B 547 37.54 10.47 -12.21
C ALA B 547 36.23 9.85 -11.75
N LEU B 548 36.02 8.58 -12.11
CA LEU B 548 34.89 7.77 -11.61
C LEU B 548 35.27 6.95 -10.38
N GLY B 549 36.42 6.28 -10.44
CA GLY B 549 36.91 5.44 -9.35
C GLY B 549 38.40 5.63 -9.07
N LEU B 550 38.93 4.80 -8.18
CA LEU B 550 40.33 4.87 -7.80
C LEU B 550 40.77 3.55 -7.20
N ILE B 551 41.91 3.02 -7.68
CA ILE B 551 42.55 1.86 -7.04
C ILE B 551 43.99 2.23 -6.79
N THR B 552 44.45 2.07 -5.55
CA THR B 552 45.81 2.45 -5.16
C THR B 552 46.59 1.24 -4.66
N GLU B 553 47.92 1.29 -4.82
CA GLU B 553 48.78 0.09 -4.71
C GLU B 553 48.80 -0.50 -3.32
N GLU B 554 49.02 0.35 -2.33
CA GLU B 554 49.12 -0.11 -0.96
C GLU B 554 48.24 0.80 -0.12
N ASN B 555 48.72 1.23 1.04
CA ASN B 555 48.08 2.28 1.84
C ASN B 555 47.17 1.67 2.93
N GLY B 556 46.73 2.53 3.85
CA GLY B 556 45.78 2.18 4.92
C GLY B 556 44.51 3.03 4.81
N ILE B 557 43.72 3.14 5.88
CA ILE B 557 42.37 3.79 5.79
C ILE B 557 42.34 5.32 5.86
N THR B 558 43.30 5.95 6.52
CA THR B 558 43.36 7.40 6.59
C THR B 558 44.39 7.99 5.63
N SER B 559 45.00 7.13 4.81
CA SER B 559 46.02 7.53 3.82
C SER B 559 45.56 8.65 2.89
N PRO B 560 46.52 9.33 2.22
CA PRO B 560 46.12 10.35 1.26
C PRO B 560 45.16 9.79 0.19
N SER B 561 45.45 8.57 -0.27
CA SER B 561 44.68 7.91 -1.31
C SER B 561 43.26 7.57 -0.85
N ALA B 562 43.14 7.04 0.37
CA ALA B 562 41.86 6.66 0.96
C ALA B 562 41.02 7.87 1.36
N ILE B 563 41.66 8.86 1.98
CA ILE B 563 40.94 9.99 2.55
C ILE B 563 40.26 10.82 1.47
N VAL B 564 40.95 11.00 0.33
CA VAL B 564 40.45 11.84 -0.78
C VAL B 564 39.19 11.25 -1.41
N GLY B 565 39.14 9.92 -1.52
CA GLY B 565 37.99 9.24 -2.09
C GLY B 565 36.73 9.45 -1.27
N LEU B 566 36.83 9.25 0.05
CA LEU B 566 35.68 9.43 0.94
C LEU B 566 35.20 10.89 0.99
N GLU B 567 36.12 11.85 0.87
CA GLU B 567 35.74 13.26 0.89
C GLU B 567 34.91 13.62 -0.34
N LYS B 568 35.35 13.17 -1.51
CA LYS B 568 34.73 13.56 -2.78
C LYS B 568 33.77 12.48 -3.32
N GLY B 569 33.35 11.56 -2.45
CA GLY B 569 32.31 10.57 -2.77
C GLY B 569 32.65 9.55 -3.84
N ILE B 570 33.94 9.34 -4.09
CA ILE B 570 34.37 8.42 -5.13
C ILE B 570 34.64 7.04 -4.54
N PRO B 571 34.03 6.00 -5.11
CA PRO B 571 34.31 4.64 -4.67
C PRO B 571 35.77 4.27 -4.93
N THR B 572 36.46 3.83 -3.89
CA THR B 572 37.89 3.54 -3.98
C THR B 572 38.20 2.22 -3.30
N VAL B 573 39.35 1.63 -3.64
CA VAL B 573 39.93 0.50 -2.91
C VAL B 573 41.41 0.79 -2.68
N VAL B 574 41.90 0.49 -1.47
CA VAL B 574 43.30 0.70 -1.10
C VAL B 574 43.92 -0.63 -0.67
N GLY B 575 45.25 -0.72 -0.70
CA GLY B 575 45.94 -1.94 -0.29
C GLY B 575 45.78 -3.05 -1.29
N VAL B 576 45.88 -2.71 -2.58
CA VAL B 576 45.65 -3.65 -3.68
C VAL B 576 46.97 -4.26 -4.18
N GLU B 577 47.42 -5.33 -3.52
CA GLU B 577 48.73 -5.99 -3.72
C GLU B 577 49.67 -5.39 -4.78
N LYS B 578 49.39 -5.61 -6.07
CA LYS B 578 50.25 -5.10 -7.14
C LYS B 578 49.40 -4.53 -8.26
N ALA B 579 48.63 -3.50 -7.94
CA ALA B 579 47.64 -2.93 -8.86
C ALA B 579 48.20 -2.43 -10.20
N VAL B 580 49.38 -1.82 -10.20
CA VAL B 580 49.94 -1.23 -11.44
C VAL B 580 50.46 -2.31 -12.41
N LYS B 581 51.03 -3.37 -11.85
CA LYS B 581 51.52 -4.53 -12.62
C LYS B 581 50.40 -5.50 -13.05
N ASN B 582 49.57 -5.92 -12.10
CA ASN B 582 48.55 -6.96 -12.32
C ASN B 582 47.34 -6.48 -13.12
N ILE B 583 46.78 -5.33 -12.76
CA ILE B 583 45.63 -4.74 -13.46
C ILE B 583 46.05 -4.09 -14.79
N SER B 584 45.40 -4.50 -15.88
CA SER B 584 45.74 -4.04 -17.22
C SER B 584 45.25 -2.63 -17.47
N ASN B 585 45.79 -2.03 -18.52
CA ASN B 585 45.44 -0.67 -18.93
C ASN B 585 44.27 -0.68 -19.93
N ASN B 586 43.38 0.29 -19.78
CA ASN B 586 42.26 0.51 -20.69
C ASN B 586 41.23 -0.63 -20.80
N VAL B 587 41.23 -1.57 -19.84
CA VAL B 587 40.23 -2.64 -19.79
C VAL B 587 39.11 -2.26 -18.82
N LEU B 588 37.86 -2.46 -19.25
CA LEU B 588 36.69 -2.10 -18.44
C LEU B 588 36.68 -2.92 -17.17
N VAL B 589 36.37 -2.28 -16.04
CA VAL B 589 36.40 -2.92 -14.73
C VAL B 589 35.29 -2.40 -13.83
N THR B 590 34.91 -3.18 -12.84
CA THR B 590 33.91 -2.75 -11.85
C THR B 590 34.53 -2.77 -10.46
N ILE B 591 34.36 -1.69 -9.71
CA ILE B 591 34.89 -1.66 -8.35
C ILE B 591 33.75 -1.60 -7.34
N ASP B 592 33.89 -2.37 -6.26
CA ASP B 592 32.89 -2.46 -5.23
C ASP B 592 33.43 -1.92 -3.91
N ALA B 593 32.96 -0.73 -3.51
CA ALA B 593 33.43 -0.07 -2.30
C ALA B 593 33.24 -0.93 -1.04
N ALA B 594 32.01 -1.37 -0.74
CA ALA B 594 31.82 -2.39 0.32
C ALA B 594 32.54 -3.61 -0.21
N GLN B 595 32.69 -4.67 0.58
CA GLN B 595 33.40 -5.91 0.14
C GLN B 595 34.89 -5.71 -0.24
N GLY B 596 35.17 -4.67 -1.03
CA GLY B 596 36.54 -4.33 -1.41
C GLY B 596 37.07 -5.21 -2.52
N LYS B 597 36.23 -5.44 -3.51
CA LYS B 597 36.58 -6.33 -4.61
C LYS B 597 36.66 -5.52 -5.90
N ILE B 598 37.35 -6.06 -6.89
CA ILE B 598 37.49 -5.44 -8.20
C ILE B 598 37.26 -6.51 -9.25
N PHE B 599 36.38 -6.24 -10.22
CA PHE B 599 35.93 -7.30 -11.15
C PHE B 599 36.34 -7.07 -12.61
N GLU B 600 36.24 -8.15 -13.37
CA GLU B 600 36.69 -8.21 -14.77
C GLU B 600 36.00 -7.22 -15.73
N GLY B 601 34.73 -6.92 -15.53
CA GLY B 601 34.05 -5.93 -16.37
C GLY B 601 32.54 -6.00 -16.29
N TYR B 602 31.96 -5.22 -15.39
CA TYR B 602 30.53 -5.23 -15.06
C TYR B 602 30.16 -6.37 -14.09
N ALA B 603 29.42 -6.05 -13.02
CA ALA B 603 29.00 -7.09 -12.07
C ALA B 603 27.69 -6.78 -11.27
N ASN B 604 27.81 -6.34 -10.02
CA ASN B 604 26.66 -5.95 -9.16
C ASN B 604 27.08 -5.70 -7.71
N MET C 22 -26.66 1.39 -15.47
CA MET C 22 -25.52 0.43 -15.37
C MET C 22 -25.15 0.03 -16.76
N ARG C 23 -24.35 0.85 -17.46
CA ARG C 23 -23.94 0.57 -18.86
C ARG C 23 -22.56 1.08 -19.21
N LYS C 24 -22.22 2.31 -18.81
CA LYS C 24 -20.82 2.79 -18.68
C LYS C 24 -20.05 3.06 -19.99
N THR C 25 -19.78 2.00 -20.74
CA THR C 25 -19.01 2.09 -21.99
C THR C 25 -19.95 2.42 -23.21
N LYS C 26 -19.66 3.56 -23.84
CA LYS C 26 -20.55 4.14 -24.84
C LYS C 26 -20.35 3.59 -26.26
N ILE C 27 -21.44 3.52 -27.02
CA ILE C 27 -21.41 2.87 -28.34
C ILE C 27 -21.54 3.84 -29.49
N VAL C 28 -20.47 4.03 -30.25
CA VAL C 28 -20.52 4.85 -31.48
C VAL C 28 -20.85 4.01 -32.75
N CYS C 29 -21.74 4.49 -33.61
CA CYS C 29 -22.13 3.71 -34.78
C CYS C 29 -22.02 4.45 -36.08
N THR C 30 -21.37 3.82 -37.05
CA THR C 30 -21.25 4.44 -38.39
C THR C 30 -22.51 4.27 -39.21
N ILE C 31 -23.16 5.38 -39.54
CA ILE C 31 -24.36 5.34 -40.37
C ILE C 31 -24.02 5.17 -41.86
N GLY C 32 -24.72 4.27 -42.52
CA GLY C 32 -24.53 4.04 -43.96
C GLY C 32 -25.82 3.59 -44.62
N PRO C 33 -25.75 3.18 -45.91
CA PRO C 33 -26.90 2.66 -46.66
C PRO C 33 -27.81 1.69 -45.86
N ALA C 34 -27.20 0.87 -45.00
CA ALA C 34 -27.91 -0.18 -44.25
C ALA C 34 -28.75 0.38 -43.13
N SER C 35 -28.52 1.65 -42.80
CA SER C 35 -29.04 2.26 -41.58
C SER C 35 -29.28 3.77 -41.73
N GLU C 36 -29.66 4.21 -42.94
CA GLU C 36 -30.12 5.59 -43.16
C GLU C 36 -31.56 5.67 -42.71
N SER C 37 -32.23 4.52 -42.80
CA SER C 37 -33.66 4.38 -42.61
C SER C 37 -34.14 4.83 -41.21
N GLU C 38 -35.00 5.84 -41.18
CA GLU C 38 -35.71 6.29 -39.98
C GLU C 38 -36.09 5.12 -39.04
N GLU C 39 -36.68 4.08 -39.63
CA GLU C 39 -37.05 2.84 -38.93
C GLU C 39 -35.84 2.17 -38.26
N MET C 40 -34.71 2.12 -38.96
CA MET C 40 -33.49 1.44 -38.49
C MET C 40 -32.70 2.29 -37.50
N ILE C 41 -32.63 3.59 -37.77
CA ILE C 41 -32.00 4.53 -36.83
C ILE C 41 -32.72 4.53 -35.47
N GLU C 42 -34.05 4.37 -35.51
CA GLU C 42 -34.80 4.14 -34.28
C GLU C 42 -34.29 2.91 -33.56
N LYS C 43 -34.17 1.80 -34.28
CA LYS C 43 -33.83 0.53 -33.66
C LYS C 43 -32.43 0.57 -33.02
N LEU C 44 -31.52 1.33 -33.64
CA LEU C 44 -30.13 1.45 -33.17
C LEU C 44 -30.05 2.31 -31.92
N ILE C 45 -30.84 3.37 -31.88
CA ILE C 45 -30.92 4.20 -30.69
C ILE C 45 -31.44 3.36 -29.54
N ASN C 46 -32.52 2.63 -29.77
CA ASN C 46 -33.06 1.72 -28.76
C ASN C 46 -32.10 0.60 -28.40
N ALA C 47 -31.18 0.25 -29.30
CA ALA C 47 -30.22 -0.82 -29.07
C ALA C 47 -28.91 -0.34 -28.42
N GLY C 48 -28.83 0.97 -28.16
CA GLY C 48 -27.80 1.55 -27.29
C GLY C 48 -26.94 2.62 -27.90
N MET C 49 -27.15 2.94 -29.19
CA MET C 49 -26.27 3.89 -29.87
C MET C 49 -26.23 5.20 -29.10
N ASN C 50 -25.03 5.70 -28.86
CA ASN C 50 -24.84 6.99 -28.17
C ASN C 50 -24.30 8.10 -29.08
N VAL C 51 -23.60 7.71 -30.14
CA VAL C 51 -23.02 8.69 -31.03
C VAL C 51 -23.12 8.18 -32.47
N ALA C 52 -23.43 9.06 -33.40
CA ALA C 52 -23.59 8.68 -34.82
C ALA C 52 -22.36 9.15 -35.59
N ARG C 53 -21.58 8.21 -36.09
CA ARG C 53 -20.44 8.53 -36.94
C ARG C 53 -20.89 8.76 -38.40
N LEU C 54 -20.43 9.87 -38.97
CA LEU C 54 -20.54 10.10 -40.38
C LEU C 54 -19.15 10.09 -40.99
N ASN C 55 -18.87 9.10 -41.82
CA ASN C 55 -17.54 8.98 -42.40
C ASN C 55 -17.43 9.71 -43.73
N PHE C 56 -16.62 10.77 -43.70
CA PHE C 56 -16.50 11.68 -44.83
C PHE C 56 -15.46 11.21 -45.83
N SER C 57 -14.95 9.99 -45.65
CA SER C 57 -14.17 9.35 -46.70
C SER C 57 -15.01 9.18 -47.97
N HIS C 58 -16.29 8.87 -47.77
CA HIS C 58 -17.22 8.68 -48.87
C HIS C 58 -18.40 9.57 -48.68
N GLY C 59 -19.29 9.57 -49.67
CA GLY C 59 -20.56 10.29 -49.61
C GLY C 59 -20.44 11.79 -49.81
N SER C 60 -21.51 12.38 -50.32
CA SER C 60 -21.57 13.81 -50.59
C SER C 60 -22.21 14.52 -49.42
N HIS C 61 -21.93 15.82 -49.28
CA HIS C 61 -22.53 16.63 -48.21
C HIS C 61 -24.04 16.44 -48.20
N GLU C 62 -24.61 16.42 -49.41
CA GLU C 62 -26.03 16.15 -49.66
C GLU C 62 -26.51 14.94 -48.86
N GLU C 63 -25.77 13.84 -48.97
CA GLU C 63 -26.14 12.58 -48.29
C GLU C 63 -26.00 12.70 -46.79
N HIS C 64 -24.85 13.22 -46.37
CA HIS C 64 -24.55 13.35 -44.94
C HIS C 64 -25.53 14.26 -44.24
N LYS C 65 -25.93 15.33 -44.92
CA LYS C 65 -26.96 16.23 -44.38
C LYS C 65 -28.30 15.48 -44.23
N GLY C 66 -28.58 14.54 -45.12
CA GLY C 66 -29.85 13.83 -45.09
C GLY C 66 -29.99 12.94 -43.87
N ARG C 67 -28.88 12.27 -43.55
CA ARG C 67 -28.81 11.39 -42.39
C ARG C 67 -28.83 12.20 -41.08
N ILE C 68 -28.14 13.34 -41.09
CA ILE C 68 -28.11 14.19 -39.91
C ILE C 68 -29.51 14.57 -39.51
N ASP C 69 -30.30 15.01 -40.46
CA ASP C 69 -31.68 15.37 -40.18
C ASP C 69 -32.47 14.20 -39.56
N THR C 70 -32.28 13.00 -40.12
CA THR C 70 -33.02 11.82 -39.70
C THR C 70 -32.68 11.51 -38.27
N ILE C 71 -31.38 11.54 -37.96
CA ILE C 71 -30.88 11.28 -36.61
C ILE C 71 -31.47 12.29 -35.62
N ARG C 72 -31.28 13.57 -35.90
CA ARG C 72 -31.88 14.58 -35.07
C ARG C 72 -33.36 14.26 -34.83
N LYS C 73 -34.10 14.12 -35.93
CA LYS C 73 -35.56 13.95 -35.91
C LYS C 73 -35.97 12.74 -35.06
N VAL C 74 -35.40 11.59 -35.38
CA VAL C 74 -35.74 10.36 -34.67
C VAL C 74 -35.25 10.39 -33.22
N ALA C 75 -34.18 11.16 -32.96
CA ALA C 75 -33.63 11.34 -31.59
C ALA C 75 -34.59 12.13 -30.70
N LYS C 76 -35.04 13.27 -31.19
CA LYS C 76 -35.92 14.12 -30.41
C LYS C 76 -37.39 13.68 -30.43
N ARG C 77 -37.72 12.66 -31.23
CA ARG C 77 -39.01 12.03 -31.09
C ARG C 77 -38.89 11.04 -29.94
N LEU C 78 -37.90 10.17 -29.99
CA LEU C 78 -37.67 9.20 -28.91
C LEU C 78 -37.13 9.86 -27.64
N ASP C 79 -36.89 11.18 -27.71
CA ASP C 79 -36.48 11.97 -26.53
C ASP C 79 -35.20 11.40 -25.91
N LYS C 80 -34.19 11.21 -26.77
CA LYS C 80 -32.92 10.67 -26.36
C LYS C 80 -31.78 11.53 -26.89
N ILE C 81 -30.66 11.48 -26.19
CA ILE C 81 -29.47 12.28 -26.50
C ILE C 81 -28.54 11.40 -27.32
N VAL C 82 -28.41 11.75 -28.59
CA VAL C 82 -27.41 11.12 -29.44
C VAL C 82 -26.52 12.22 -30.04
N ALA C 83 -25.21 12.04 -29.97
CA ALA C 83 -24.29 12.99 -30.56
C ALA C 83 -24.09 12.68 -32.09
N ILE C 84 -23.58 13.66 -32.84
CA ILE C 84 -23.07 13.39 -34.16
C ILE C 84 -21.54 13.55 -34.18
N LEU C 85 -20.85 12.49 -34.61
CA LEU C 85 -19.43 12.52 -34.94
C LEU C 85 -19.16 12.58 -36.46
N LEU C 86 -18.34 13.55 -36.86
CA LEU C 86 -17.88 13.68 -38.25
C LEU C 86 -16.42 13.24 -38.35
N ASP C 87 -16.21 12.14 -39.08
CA ASP C 87 -14.89 11.59 -39.31
C ASP C 87 -14.36 12.03 -40.68
N THR C 88 -13.29 12.85 -40.66
CA THR C 88 -12.63 13.35 -41.86
C THR C 88 -12.00 12.20 -42.68
N LYS C 89 -11.66 12.46 -43.94
CA LYS C 89 -10.95 11.42 -44.71
C LYS C 89 -9.46 11.44 -44.38
N GLY C 90 -8.88 12.64 -44.46
CA GLY C 90 -7.48 12.87 -44.14
C GLY C 90 -6.57 13.00 -45.35
N PRO C 91 -5.32 13.42 -45.09
CA PRO C 91 -4.29 13.33 -46.08
C PRO C 91 -4.02 11.87 -46.35
N GLU C 92 -3.46 11.58 -47.51
CA GLU C 92 -3.07 10.21 -47.85
C GLU C 92 -2.08 10.17 -49.00
N ILE C 93 -1.40 9.04 -49.14
CA ILE C 93 -0.42 8.85 -50.20
C ILE C 93 -0.88 7.70 -51.07
N ARG C 94 -1.60 8.02 -52.13
CA ARG C 94 -2.04 6.98 -53.04
C ARG C 94 -1.02 6.75 -54.16
N THR C 95 -1.17 5.60 -54.80
CA THR C 95 -0.63 5.37 -56.12
C THR C 95 -1.50 6.13 -57.13
N HIS C 96 -0.89 6.60 -58.22
CA HIS C 96 -1.63 7.08 -59.40
C HIS C 96 -2.14 5.91 -60.19
N ASN C 97 -2.85 6.20 -61.27
CA ASN C 97 -3.40 5.14 -62.14
C ASN C 97 -2.35 4.18 -62.70
N MET C 98 -2.81 2.96 -63.00
CA MET C 98 -1.94 1.85 -63.38
C MET C 98 -2.32 1.31 -64.76
N LYS C 99 -1.31 0.86 -65.51
CA LYS C 99 -1.53 0.45 -66.90
C LYS C 99 -2.29 -0.88 -66.98
N ASP C 100 -3.31 -0.89 -67.84
CA ASP C 100 -4.29 -1.98 -67.97
C ASP C 100 -5.21 -2.15 -66.75
N GLY C 101 -5.17 -1.20 -65.81
CA GLY C 101 -5.97 -1.27 -64.58
C GLY C 101 -5.31 -2.08 -63.47
N ILE C 102 -4.66 -3.18 -63.87
CA ILE C 102 -3.92 -4.06 -62.96
C ILE C 102 -2.46 -4.16 -63.44
N ILE C 103 -1.53 -4.24 -62.49
CA ILE C 103 -0.11 -4.44 -62.81
C ILE C 103 0.47 -5.41 -61.78
N GLU C 104 1.52 -6.13 -62.14
CA GLU C 104 2.15 -7.09 -61.23
C GLU C 104 3.60 -6.72 -60.92
N LEU C 105 4.11 -7.27 -59.81
CA LEU C 105 5.49 -7.00 -59.38
C LEU C 105 6.15 -8.27 -58.85
N GLU C 106 7.27 -8.67 -59.48
CA GLU C 106 7.96 -9.92 -59.12
C GLU C 106 8.66 -9.75 -57.77
N ARG C 107 9.07 -10.86 -57.17
CA ARG C 107 9.44 -10.91 -55.74
C ARG C 107 10.91 -10.57 -55.41
N GLY C 108 11.83 -10.83 -56.32
CA GLY C 108 13.26 -10.51 -56.10
C GLY C 108 13.74 -9.34 -56.95
N ASN C 109 12.78 -8.62 -57.50
CA ASN C 109 13.03 -7.66 -58.56
C ASN C 109 13.30 -6.26 -58.05
N GLU C 110 13.25 -5.28 -58.95
CA GLU C 110 13.35 -3.86 -58.58
C GLU C 110 12.22 -3.03 -59.19
N VAL C 111 11.83 -1.96 -58.48
CA VAL C 111 10.84 -1.01 -58.98
C VAL C 111 11.30 0.42 -58.69
N ILE C 112 10.93 1.33 -59.59
CA ILE C 112 11.25 2.74 -59.46
C ILE C 112 9.97 3.48 -59.10
N VAL C 113 10.02 4.24 -58.01
CA VAL C 113 8.87 5.02 -57.57
C VAL C 113 9.10 6.49 -57.97
N SER C 114 8.40 6.91 -59.03
CA SER C 114 8.58 8.24 -59.59
C SER C 114 7.79 9.24 -58.78
N MET C 115 8.42 10.37 -58.48
CA MET C 115 7.69 11.48 -57.87
C MET C 115 6.84 12.23 -58.90
N ASN C 116 7.08 11.97 -60.19
CA ASN C 116 6.28 12.52 -61.28
C ASN C 116 5.28 11.49 -61.78
N GLU C 117 4.06 11.94 -62.10
CA GLU C 117 2.99 11.04 -62.48
C GLU C 117 3.36 10.25 -63.73
N VAL C 118 3.03 8.96 -63.70
CA VAL C 118 3.21 8.08 -64.85
C VAL C 118 2.18 6.95 -64.82
N GLU C 119 2.00 6.29 -65.97
CA GLU C 119 1.24 5.03 -66.03
C GLU C 119 2.08 3.89 -65.43
N GLY C 120 1.39 3.02 -64.70
CA GLY C 120 2.04 1.96 -63.94
C GLY C 120 2.66 0.87 -64.77
N THR C 121 3.90 0.55 -64.44
CA THR C 121 4.65 -0.51 -65.09
C THR C 121 5.50 -1.20 -64.03
N PRO C 122 5.75 -2.51 -64.17
CA PRO C 122 6.63 -3.24 -63.24
C PRO C 122 7.97 -2.54 -62.94
N GLU C 123 8.30 -1.51 -63.71
CA GLU C 123 9.51 -0.73 -63.50
C GLU C 123 9.20 0.69 -62.99
N LYS C 124 8.41 1.43 -63.77
CA LYS C 124 8.09 2.83 -63.48
C LYS C 124 6.69 2.88 -62.90
N PHE C 125 6.52 3.70 -61.89
CA PHE C 125 5.41 3.55 -60.96
C PHE C 125 5.36 4.82 -60.11
N SER C 126 4.21 5.47 -60.06
CA SER C 126 4.10 6.84 -59.54
C SER C 126 3.30 6.94 -58.24
N VAL C 127 3.61 7.94 -57.40
CA VAL C 127 2.89 8.19 -56.13
C VAL C 127 2.43 9.66 -56.01
N THR C 128 1.27 9.90 -55.41
CA THR C 128 0.70 11.25 -55.40
C THR C 128 1.44 12.23 -54.51
N TYR C 129 2.13 11.73 -53.50
CA TYR C 129 2.87 12.58 -52.55
C TYR C 129 4.24 12.77 -53.10
N GLU C 130 4.40 13.82 -53.91
CA GLU C 130 5.63 14.05 -54.65
C GLU C 130 6.81 14.25 -53.73
N ASN C 131 6.53 14.68 -52.51
CA ASN C 131 7.58 14.95 -51.56
C ASN C 131 8.07 13.72 -50.76
N LEU C 132 7.62 12.53 -51.15
CA LEU C 132 8.06 11.28 -50.55
C LEU C 132 9.60 11.20 -50.53
N ILE C 133 10.21 11.57 -51.65
CA ILE C 133 11.67 11.51 -51.81
C ILE C 133 12.45 12.22 -50.68
N ASN C 134 11.85 13.25 -50.08
CA ASN C 134 12.48 13.99 -48.96
C ASN C 134 12.29 13.41 -47.58
N ASP C 135 11.35 12.48 -47.45
CA ASP C 135 11.06 11.81 -46.18
C ASP C 135 11.82 10.48 -45.99
N VAL C 136 11.99 9.70 -47.07
CA VAL C 136 12.63 8.38 -46.98
C VAL C 136 14.14 8.46 -47.12
N GLN C 137 14.78 7.31 -46.97
CA GLN C 137 16.21 7.17 -47.27
C GLN C 137 16.53 5.70 -47.58
N VAL C 138 17.77 5.44 -48.00
CA VAL C 138 18.16 4.08 -48.33
C VAL C 138 17.94 3.23 -47.08
N GLY C 139 17.29 2.08 -47.28
CA GLY C 139 16.95 1.17 -46.17
C GLY C 139 15.51 1.26 -45.67
N SER C 140 14.86 2.40 -45.91
CA SER C 140 13.46 2.60 -45.49
C SER C 140 12.51 1.69 -46.23
N TYR C 141 11.48 1.21 -45.53
CA TYR C 141 10.48 0.34 -46.14
C TYR C 141 9.34 1.17 -46.69
N ILE C 142 8.70 0.67 -47.75
CA ILE C 142 7.51 1.30 -48.33
C ILE C 142 6.46 0.22 -48.53
N LEU C 143 5.21 0.51 -48.20
CA LEU C 143 4.14 -0.49 -48.25
C LEU C 143 3.05 -0.04 -49.20
N LEU C 144 2.46 -1.00 -49.92
CA LEU C 144 1.49 -0.70 -50.97
C LEU C 144 0.19 -1.47 -50.79
N ASP C 145 -0.92 -0.80 -51.08
CA ASP C 145 -2.27 -1.40 -50.98
C ASP C 145 -2.54 -1.92 -49.57
N ASP C 146 -2.48 -1.00 -48.60
CA ASP C 146 -2.67 -1.33 -47.18
C ASP C 146 -1.75 -2.47 -46.74
N GLY C 147 -0.48 -2.35 -47.10
CA GLY C 147 0.54 -3.30 -46.67
C GLY C 147 0.43 -4.65 -47.33
N LEU C 148 -0.08 -4.68 -48.56
CA LEU C 148 -0.17 -5.94 -49.35
C LEU C 148 1.21 -6.42 -49.77
N ILE C 149 2.03 -5.51 -50.29
CA ILE C 149 3.37 -5.83 -50.77
C ILE C 149 4.32 -4.74 -50.33
N GLU C 150 5.44 -5.13 -49.74
CA GLU C 150 6.38 -4.15 -49.24
C GLU C 150 7.59 -4.05 -50.15
N LEU C 151 8.13 -2.84 -50.23
CA LEU C 151 9.32 -2.52 -51.01
C LEU C 151 10.38 -2.03 -50.03
N GLN C 152 11.60 -1.82 -50.52
CA GLN C 152 12.65 -1.20 -49.70
C GLN C 152 13.61 -0.36 -50.53
N VAL C 153 13.95 0.82 -50.03
CA VAL C 153 14.69 1.83 -50.78
C VAL C 153 16.15 1.43 -51.01
N LYS C 154 16.50 1.24 -52.28
CA LYS C 154 17.86 0.90 -52.71
C LYS C 154 18.68 2.19 -52.94
N ASP C 155 18.21 3.05 -53.84
CA ASP C 155 18.91 4.29 -54.18
C ASP C 155 17.91 5.43 -54.28
N ILE C 156 18.42 6.65 -54.10
CA ILE C 156 17.64 7.87 -54.33
C ILE C 156 18.36 8.77 -55.33
N ASP C 157 17.62 9.23 -56.33
CA ASP C 157 18.14 10.15 -57.33
C ASP C 157 17.28 11.40 -57.29
N HIS C 158 17.88 12.53 -56.91
CA HIS C 158 17.15 13.79 -56.79
C HIS C 158 17.16 14.59 -58.05
N ALA C 159 17.99 14.20 -59.00
CA ALA C 159 17.98 14.80 -60.31
C ALA C 159 16.67 14.38 -60.98
N LYS C 160 16.55 13.09 -61.25
CA LYS C 160 15.36 12.53 -61.90
C LYS C 160 14.17 12.50 -60.96
N LYS C 161 14.43 12.72 -59.67
CA LYS C 161 13.41 12.59 -58.61
C LYS C 161 12.73 11.23 -58.66
N GLU C 162 13.55 10.19 -58.55
CA GLU C 162 13.05 8.83 -58.59
C GLU C 162 13.72 8.04 -57.50
N VAL C 163 12.94 7.19 -56.83
CA VAL C 163 13.44 6.34 -55.75
C VAL C 163 13.43 4.89 -56.22
N LYS C 164 14.63 4.30 -56.36
CA LYS C 164 14.79 2.93 -56.82
C LYS C 164 14.64 1.99 -55.64
N CYS C 165 13.80 0.96 -55.79
CA CYS C 165 13.48 0.06 -54.68
C CYS C 165 13.56 -1.41 -55.03
N ASP C 166 13.76 -2.24 -54.00
CA ASP C 166 13.74 -3.69 -54.11
C ASP C 166 12.38 -4.22 -53.69
N ILE C 167 11.66 -4.82 -54.63
CA ILE C 167 10.38 -5.47 -54.33
C ILE C 167 10.65 -6.74 -53.50
N LEU C 168 9.74 -7.08 -52.57
CA LEU C 168 9.95 -8.16 -51.58
C LEU C 168 8.84 -9.22 -51.53
N ASN C 169 7.58 -8.81 -51.69
CA ASN C 169 6.43 -9.70 -51.51
C ASN C 169 5.49 -9.75 -52.72
N SER C 170 6.05 -9.93 -53.91
CA SER C 170 5.29 -10.02 -55.17
C SER C 170 3.76 -10.14 -55.07
N GLY C 171 3.05 -9.12 -55.55
CA GLY C 171 1.60 -9.12 -55.60
C GLY C 171 1.07 -8.19 -56.67
N GLU C 172 -0.23 -8.24 -56.92
CA GLU C 172 -0.85 -7.38 -57.93
C GLU C 172 -1.01 -5.96 -57.40
N LEU C 173 -1.22 -5.00 -58.31
CA LEU C 173 -1.34 -3.58 -57.96
C LEU C 173 -2.41 -2.86 -58.83
N LYS C 174 -3.59 -2.68 -58.25
CA LYS C 174 -4.68 -1.91 -58.86
C LYS C 174 -4.37 -0.40 -58.83
N ASN C 175 -5.28 0.40 -59.36
CA ASN C 175 -5.04 1.84 -59.57
C ASN C 175 -4.73 2.63 -58.30
N LYS C 176 -5.75 3.28 -57.76
CA LYS C 176 -5.57 4.27 -56.71
C LYS C 176 -5.39 3.60 -55.33
N LYS C 177 -4.32 2.82 -55.18
CA LYS C 177 -4.05 2.07 -53.94
C LYS C 177 -3.06 2.77 -53.01
N GLY C 178 -3.32 2.65 -51.71
CA GLY C 178 -2.61 3.44 -50.70
C GLY C 178 -1.18 3.03 -50.49
N VAL C 179 -0.39 3.98 -49.99
CA VAL C 179 1.02 3.77 -49.69
C VAL C 179 1.29 4.20 -48.25
N ASN C 180 2.11 3.45 -47.52
CA ASN C 180 2.40 3.76 -46.11
C ASN C 180 3.88 3.68 -45.82
N LEU C 181 4.46 4.74 -45.29
CA LEU C 181 5.88 4.75 -44.94
C LEU C 181 6.03 4.53 -43.43
N PRO C 182 6.43 3.33 -42.99
CA PRO C 182 6.57 3.09 -41.55
C PRO C 182 7.50 4.04 -40.79
N GLY C 183 6.96 5.22 -40.48
CA GLY C 183 7.56 6.25 -39.62
C GLY C 183 9.08 6.32 -39.48
N VAL C 184 9.77 7.21 -40.19
CA VAL C 184 9.25 8.15 -41.21
C VAL C 184 8.28 9.24 -40.71
N ARG C 185 8.81 10.43 -40.50
CA ARG C 185 7.99 11.61 -40.24
C ARG C 185 7.31 12.00 -41.54
N VAL C 186 6.21 11.37 -41.90
CA VAL C 186 5.50 11.70 -43.15
C VAL C 186 4.98 13.12 -43.09
N SER C 187 5.41 13.95 -44.05
CA SER C 187 5.30 15.39 -43.95
C SER C 187 4.09 15.96 -44.69
N LEU C 188 3.02 15.19 -44.80
CA LEU C 188 1.77 15.69 -45.35
C LEU C 188 1.27 16.88 -44.55
N PRO C 189 0.23 17.57 -45.04
CA PRO C 189 -0.37 18.59 -44.19
C PRO C 189 -1.22 17.95 -43.11
N GLY C 190 -1.72 18.77 -42.18
CA GLY C 190 -2.60 18.26 -41.11
C GLY C 190 -4.00 17.89 -41.59
N ILE C 191 -4.53 18.75 -42.47
CA ILE C 191 -5.80 18.53 -43.19
C ILE C 191 -5.72 18.90 -44.68
N THR C 192 -6.50 18.18 -45.48
CA THR C 192 -6.58 18.44 -46.94
C THR C 192 -7.52 19.61 -47.15
N GLU C 193 -7.64 20.06 -48.40
CA GLU C 193 -8.57 21.15 -48.73
C GLU C 193 -9.99 20.68 -48.49
N LYS C 194 -10.21 19.40 -48.81
CA LYS C 194 -11.53 18.79 -48.69
C LYS C 194 -11.90 18.78 -47.23
N ASP C 195 -11.03 18.19 -46.43
CA ASP C 195 -11.22 18.15 -44.99
C ASP C 195 -11.56 19.53 -44.46
N ALA C 196 -10.78 20.54 -44.86
CA ALA C 196 -11.07 21.91 -44.45
C ALA C 196 -12.52 22.30 -44.77
N GLU C 197 -13.02 21.90 -45.95
CA GLU C 197 -14.43 22.17 -46.34
C GLU C 197 -15.43 21.27 -45.58
N ASP C 198 -15.03 20.03 -45.38
CA ASP C 198 -15.85 19.09 -44.63
C ASP C 198 -16.11 19.61 -43.23
N ILE C 199 -15.08 20.11 -42.56
CA ILE C 199 -15.23 20.53 -41.17
C ILE C 199 -16.04 21.82 -41.06
N ARG C 200 -16.11 22.62 -42.12
CA ARG C 200 -16.97 23.83 -42.09
C ARG C 200 -18.43 23.44 -42.29
N PHE C 201 -18.63 22.25 -42.84
CA PHE C 201 -19.95 21.70 -43.01
C PHE C 201 -20.41 21.25 -41.64
N GLY C 202 -19.50 20.59 -40.93
CA GLY C 202 -19.72 20.26 -39.52
C GLY C 202 -20.05 21.53 -38.73
N ILE C 203 -19.29 22.59 -38.96
CA ILE C 203 -19.58 23.82 -38.28
C ILE C 203 -21.00 24.26 -38.63
N LYS C 204 -21.40 24.06 -39.88
CA LYS C 204 -22.71 24.49 -40.33
C LYS C 204 -23.85 23.72 -39.66
N GLU C 205 -23.66 22.43 -39.39
CA GLU C 205 -24.71 21.66 -38.68
C GLU C 205 -24.57 21.52 -37.14
N ASN C 206 -23.80 22.40 -36.49
CA ASN C 206 -23.48 22.24 -35.05
C ASN C 206 -23.14 20.80 -34.65
N VAL C 207 -22.45 20.10 -35.56
CA VAL C 207 -22.05 18.71 -35.35
C VAL C 207 -21.19 18.63 -34.07
N ASP C 208 -21.34 17.54 -33.30
CA ASP C 208 -20.78 17.45 -31.93
C ASP C 208 -19.30 17.08 -31.81
N PHE C 209 -18.82 16.22 -32.72
CA PHE C 209 -17.48 15.70 -32.67
C PHE C 209 -16.81 15.70 -34.04
N ILE C 210 -15.52 16.03 -34.09
CA ILE C 210 -14.72 15.84 -35.30
C ILE C 210 -13.53 14.93 -35.05
N ALA C 211 -13.61 13.69 -35.51
CA ALA C 211 -12.48 12.75 -35.49
C ALA C 211 -11.54 13.10 -36.63
N ALA C 212 -10.34 13.57 -36.29
CA ALA C 212 -9.36 14.02 -37.30
C ALA C 212 -8.45 12.87 -37.69
N SER C 213 -8.20 12.73 -38.99
CA SER C 213 -7.48 11.57 -39.51
C SER C 213 -6.00 11.80 -39.66
N PHE C 214 -5.26 10.69 -39.49
CA PHE C 214 -3.82 10.63 -39.63
C PHE C 214 -3.10 11.70 -38.82
N VAL C 215 -3.64 12.03 -37.66
CA VAL C 215 -2.98 13.02 -36.81
C VAL C 215 -1.66 12.44 -36.31
N ARG C 216 -0.68 13.30 -36.08
CA ARG C 216 0.63 12.84 -35.71
C ARG C 216 1.55 13.90 -35.10
N ARG C 217 1.17 15.17 -35.19
CA ARG C 217 1.76 16.20 -34.33
C ARG C 217 0.66 17.20 -33.91
N PRO C 218 0.90 17.97 -32.84
CA PRO C 218 -0.07 18.98 -32.39
C PRO C 218 -0.56 19.92 -33.49
N SER C 219 0.35 20.39 -34.35
CA SER C 219 0.00 21.20 -35.54
C SER C 219 -1.30 20.72 -36.16
N ASP C 220 -1.32 19.44 -36.48
CA ASP C 220 -2.39 18.86 -37.24
C ASP C 220 -3.76 19.08 -36.60
N VAL C 221 -3.81 19.13 -35.29
CA VAL C 221 -5.06 19.41 -34.59
C VAL C 221 -5.31 20.92 -34.66
N LEU C 222 -4.34 21.70 -34.19
CA LEU C 222 -4.44 23.15 -34.16
C LEU C 222 -5.03 23.70 -35.48
N GLU C 223 -4.68 23.06 -36.60
CA GLU C 223 -5.22 23.40 -37.92
C GLU C 223 -6.73 23.26 -37.96
N ILE C 224 -7.26 22.21 -37.33
CA ILE C 224 -8.71 22.13 -37.20
C ILE C 224 -9.22 23.19 -36.22
N ARG C 225 -8.54 23.35 -35.10
CA ARG C 225 -9.05 24.25 -34.04
C ARG C 225 -9.01 25.73 -34.43
N GLU C 226 -8.14 26.13 -35.36
CA GLU C 226 -8.14 27.52 -35.87
C GLU C 226 -9.34 27.78 -36.82
N ILE C 227 -9.78 26.73 -37.50
CA ILE C 227 -10.96 26.84 -38.37
C ILE C 227 -12.20 26.88 -37.51
N LEU C 228 -12.17 26.20 -36.39
CA LEU C 228 -13.28 26.23 -35.45
C LEU C 228 -13.35 27.61 -34.78
N GLU C 229 -12.22 28.07 -34.27
CA GLU C 229 -12.25 29.30 -33.48
C GLU C 229 -12.77 30.48 -34.28
N GLU C 230 -12.65 30.43 -35.61
CA GLU C 230 -13.15 31.52 -36.45
C GLU C 230 -14.64 31.69 -36.31
N GLN C 231 -15.38 30.60 -36.45
CA GLN C 231 -16.83 30.65 -36.32
C GLN C 231 -17.26 30.40 -34.88
N LYS C 232 -16.37 30.61 -33.92
CA LYS C 232 -16.66 30.30 -32.52
C LYS C 232 -17.45 28.99 -32.48
N ALA C 233 -16.84 27.89 -32.95
CA ALA C 233 -17.59 26.70 -33.27
C ALA C 233 -18.00 25.86 -32.06
N ASN C 234 -17.07 25.61 -31.15
CA ASN C 234 -17.26 24.62 -30.07
C ASN C 234 -17.72 23.25 -30.62
N ILE C 235 -16.70 22.47 -30.97
CA ILE C 235 -16.84 21.07 -31.32
C ILE C 235 -15.64 20.32 -30.74
N SER C 236 -15.86 19.11 -30.30
CA SER C 236 -14.75 18.37 -29.72
C SER C 236 -13.97 17.75 -30.86
N VAL C 237 -12.65 17.81 -30.75
CA VAL C 237 -11.76 17.27 -31.77
C VAL C 237 -10.99 16.06 -31.22
N PHE C 238 -11.10 14.95 -31.94
CA PHE C 238 -10.59 13.63 -31.55
C PHE C 238 -9.65 13.08 -32.62
N PRO C 239 -8.35 13.19 -32.40
CA PRO C 239 -7.35 12.68 -33.33
C PRO C 239 -7.45 11.20 -33.60
N LYS C 240 -6.88 10.73 -34.71
CA LYS C 240 -6.93 9.30 -35.03
C LYS C 240 -5.61 8.51 -34.96
N ILE C 241 -4.53 9.11 -34.49
CA ILE C 241 -3.31 8.32 -34.22
C ILE C 241 -3.25 6.99 -34.98
N GLU C 242 -2.58 6.97 -36.14
CA GLU C 242 -2.43 5.75 -36.96
C GLU C 242 -0.97 5.30 -37.25
N ASN C 243 0.02 5.98 -36.66
CA ASN C 243 1.40 5.63 -36.91
C ASN C 243 2.34 5.99 -35.77
N GLN C 244 3.60 5.60 -35.90
CA GLN C 244 4.58 5.82 -34.84
C GLN C 244 4.68 7.28 -34.41
N GLU C 245 4.80 8.19 -35.35
CA GLU C 245 4.94 9.60 -35.01
C GLU C 245 3.79 10.03 -34.07
N GLY C 246 2.61 9.47 -34.28
CA GLY C 246 1.47 9.81 -33.45
C GLY C 246 1.53 9.14 -32.07
N ILE C 247 1.88 7.86 -32.08
CA ILE C 247 2.13 7.10 -30.84
C ILE C 247 3.21 7.84 -30.06
N ASP C 248 4.32 8.14 -30.72
CA ASP C 248 5.44 8.85 -30.07
C ASP C 248 4.99 10.18 -29.47
N ASN C 249 4.11 10.93 -30.14
CA ASN C 249 3.74 12.25 -29.65
C ASN C 249 2.42 12.27 -28.91
N ILE C 250 2.06 11.16 -28.28
CA ILE C 250 0.72 11.03 -27.76
C ILE C 250 0.39 12.06 -26.72
N GLU C 251 1.35 12.39 -25.86
CA GLU C 251 1.09 13.34 -24.77
C GLU C 251 0.83 14.75 -25.32
N GLU C 252 1.68 15.18 -26.25
CA GLU C 252 1.58 16.52 -26.81
C GLU C 252 0.33 16.68 -27.69
N ILE C 253 -0.18 15.58 -28.23
CA ILE C 253 -1.37 15.65 -29.08
C ILE C 253 -2.57 15.82 -28.22
N LEU C 254 -2.67 15.00 -27.19
CA LEU C 254 -3.71 15.12 -26.16
C LEU C 254 -3.69 16.53 -25.46
N GLU C 255 -2.51 17.06 -25.22
CA GLU C 255 -2.40 18.40 -24.67
C GLU C 255 -3.35 19.34 -25.39
N VAL C 256 -3.38 19.19 -26.71
CA VAL C 256 -4.12 20.07 -27.63
C VAL C 256 -5.49 19.51 -28.08
N SER C 257 -5.80 18.27 -27.74
CA SER C 257 -7.03 17.63 -28.19
C SER C 257 -8.08 17.48 -27.09
N ASP C 258 -9.32 17.28 -27.50
CA ASP C 258 -10.44 17.13 -26.60
C ASP C 258 -10.74 15.67 -26.32
N GLY C 259 -10.05 14.76 -27.01
CA GLY C 259 -10.34 13.33 -26.88
C GLY C 259 -9.42 12.52 -27.75
N LEU C 260 -9.83 11.32 -28.18
CA LEU C 260 -8.97 10.48 -29.04
C LEU C 260 -9.64 9.26 -29.67
N MET C 261 -9.11 8.82 -30.80
CA MET C 261 -9.58 7.61 -31.41
C MET C 261 -8.40 6.71 -31.70
N VAL C 262 -8.58 5.42 -31.47
CA VAL C 262 -7.58 4.43 -31.76
C VAL C 262 -8.13 3.52 -32.87
N ALA C 263 -7.67 3.82 -34.09
CA ALA C 263 -7.99 3.04 -35.27
C ALA C 263 -6.96 1.93 -35.32
N ARG C 264 -7.37 0.71 -35.00
CA ARG C 264 -6.44 -0.44 -34.99
C ARG C 264 -6.11 -0.93 -36.39
N GLY C 265 -7.13 -1.06 -37.25
CA GLY C 265 -6.90 -1.50 -38.63
C GLY C 265 -5.79 -0.70 -39.29
N ASP C 266 -5.97 0.60 -39.25
CA ASP C 266 -5.03 1.51 -39.89
C ASP C 266 -3.64 1.36 -39.27
N MET C 267 -3.60 1.20 -37.95
CA MET C 267 -2.36 1.12 -37.17
C MET C 267 -1.59 -0.16 -37.51
N GLY C 268 -2.35 -1.23 -37.72
CA GLY C 268 -1.82 -2.57 -37.96
C GLY C 268 -1.08 -2.73 -39.26
N VAL C 269 -1.15 -1.71 -40.11
CA VAL C 269 -0.35 -1.63 -41.31
C VAL C 269 1.06 -1.15 -40.99
N GLU C 270 1.18 -0.02 -40.27
CA GLU C 270 2.48 0.64 -40.02
C GLU C 270 3.25 0.03 -38.84
N ILE C 271 2.52 -0.53 -37.87
CA ILE C 271 3.16 -1.21 -36.74
C ILE C 271 2.55 -2.60 -36.59
N PRO C 272 3.39 -3.62 -36.27
CA PRO C 272 3.04 -5.04 -36.36
C PRO C 272 1.81 -5.44 -35.58
N PRO C 273 0.87 -6.19 -36.19
CA PRO C 273 -0.29 -6.69 -35.48
C PRO C 273 0.05 -7.18 -34.08
N GLU C 274 1.11 -7.97 -33.97
CA GLU C 274 1.62 -8.53 -32.68
C GLU C 274 1.75 -7.52 -31.54
N LYS C 275 2.10 -6.28 -31.87
CA LYS C 275 2.44 -5.26 -30.88
C LYS C 275 1.26 -4.35 -30.54
N VAL C 276 0.25 -4.25 -31.43
CA VAL C 276 -0.83 -3.25 -31.35
C VAL C 276 -1.60 -3.26 -30.03
N PRO C 277 -1.93 -4.44 -29.54
CA PRO C 277 -2.69 -4.48 -28.31
C PRO C 277 -1.95 -3.81 -27.17
N MET C 278 -0.63 -3.95 -27.11
CA MET C 278 0.14 -3.31 -26.05
C MET C 278 0.17 -1.77 -26.23
N VAL C 279 0.30 -1.33 -27.47
CA VAL C 279 0.27 0.08 -27.79
C VAL C 279 -1.08 0.62 -27.44
N GLN C 280 -2.13 -0.10 -27.78
CA GLN C 280 -3.50 0.36 -27.53
C GLN C 280 -3.68 0.65 -26.04
N LYS C 281 -3.41 -0.36 -25.22
CA LYS C 281 -3.41 -0.23 -23.77
C LYS C 281 -2.75 1.08 -23.39
N ASP C 282 -1.54 1.32 -23.85
CA ASP C 282 -0.77 2.46 -23.35
C ASP C 282 -1.32 3.79 -23.81
N LEU C 283 -2.06 3.80 -24.93
CA LEU C 283 -2.68 5.02 -25.40
C LEU C 283 -3.87 5.32 -24.52
N ILE C 284 -4.73 4.32 -24.38
CA ILE C 284 -5.93 4.47 -23.59
C ILE C 284 -5.54 4.93 -22.19
N ARG C 285 -4.51 4.30 -21.62
CA ARG C 285 -3.93 4.66 -20.31
C ARG C 285 -3.62 6.15 -20.23
N GLN C 286 -2.97 6.66 -21.26
CA GLN C 286 -2.56 8.06 -21.31
C GLN C 286 -3.73 9.03 -21.52
N CYS C 287 -4.91 8.50 -21.84
CA CYS C 287 -6.10 9.35 -21.96
C CYS C 287 -6.80 9.35 -20.64
N ASN C 288 -7.05 8.17 -20.10
CA ASN C 288 -7.54 8.06 -18.75
C ASN C 288 -6.74 8.97 -17.82
N LYS C 289 -5.42 9.07 -18.00
CA LYS C 289 -4.61 9.96 -17.14
C LYS C 289 -5.11 11.40 -17.15
N LEU C 290 -5.37 11.92 -18.34
CA LEU C 290 -5.79 13.32 -18.49
C LEU C 290 -7.32 13.49 -18.58
N GLY C 291 -8.07 12.40 -18.45
CA GLY C 291 -9.52 12.48 -18.44
C GLY C 291 -10.15 12.78 -19.79
N LYS C 292 -9.42 12.46 -20.85
CA LYS C 292 -9.94 12.61 -22.19
C LYS C 292 -10.59 11.31 -22.60
N PRO C 293 -11.80 11.38 -23.18
CA PRO C 293 -12.49 10.23 -23.73
C PRO C 293 -11.76 9.59 -24.88
N VAL C 294 -11.79 8.27 -24.93
CA VAL C 294 -11.11 7.49 -25.94
C VAL C 294 -12.15 6.61 -26.62
N ILE C 295 -12.10 6.58 -27.95
CA ILE C 295 -12.90 5.64 -28.71
C ILE C 295 -12.01 4.57 -29.28
N THR C 296 -12.34 3.32 -29.02
CA THR C 296 -11.59 2.23 -29.59
C THR C 296 -12.34 1.83 -30.84
N ALA C 297 -11.61 1.80 -31.94
CA ALA C 297 -12.19 1.86 -33.28
C ALA C 297 -11.71 0.74 -34.19
N THR C 298 -12.62 0.23 -35.02
CA THR C 298 -12.30 -0.73 -36.09
C THR C 298 -12.07 -2.17 -35.58
N GLN C 299 -12.36 -3.15 -36.43
CA GLN C 299 -12.09 -4.55 -36.14
C GLN C 299 -12.74 -5.04 -34.85
N MET C 300 -13.92 -4.51 -34.55
CA MET C 300 -14.62 -4.93 -33.36
C MET C 300 -15.40 -6.18 -33.72
N LEU C 301 -16.53 -6.01 -34.40
CA LEU C 301 -17.42 -7.12 -34.71
C LEU C 301 -17.63 -7.24 -36.23
N ASP C 302 -16.52 -7.16 -36.96
CA ASP C 302 -16.56 -7.09 -38.44
C ASP C 302 -17.28 -8.26 -39.14
N SER C 303 -17.23 -9.46 -38.56
CA SER C 303 -17.95 -10.60 -39.12
C SER C 303 -19.48 -10.45 -39.05
N MET C 304 -19.98 -9.41 -38.38
CA MET C 304 -21.42 -9.20 -38.26
C MET C 304 -21.99 -8.31 -39.37
N GLN C 305 -21.16 -7.99 -40.35
CA GLN C 305 -21.63 -7.50 -41.64
C GLN C 305 -22.38 -8.65 -42.32
N ARG C 306 -21.80 -9.84 -42.22
CA ARG C 306 -22.31 -11.03 -42.89
C ARG C 306 -23.16 -11.94 -41.99
N ASN C 307 -22.75 -12.10 -40.73
CA ASN C 307 -23.41 -13.03 -39.80
C ASN C 307 -24.26 -12.32 -38.76
N PRO C 308 -25.24 -13.05 -38.18
CA PRO C 308 -26.09 -12.50 -37.12
C PRO C 308 -25.49 -12.58 -35.71
N ARG C 309 -24.35 -13.26 -35.55
CA ARG C 309 -23.67 -13.29 -34.26
C ARG C 309 -22.16 -13.32 -34.42
N ALA C 310 -21.48 -12.60 -33.52
CA ALA C 310 -20.04 -12.41 -33.60
C ALA C 310 -19.29 -13.63 -33.11
N THR C 311 -18.05 -13.73 -33.58
CA THR C 311 -17.21 -14.85 -33.22
C THR C 311 -16.53 -14.55 -31.93
N ARG C 312 -16.13 -15.62 -31.25
CA ARG C 312 -15.46 -15.55 -29.97
C ARG C 312 -14.26 -14.57 -30.02
N ALA C 313 -13.42 -14.74 -31.02
CA ALA C 313 -12.22 -13.90 -31.16
C ALA C 313 -12.60 -12.44 -31.17
N GLU C 314 -13.74 -12.13 -31.79
CA GLU C 314 -14.24 -10.76 -31.83
C GLU C 314 -14.76 -10.27 -30.49
N ALA C 315 -15.58 -11.09 -29.84
CA ALA C 315 -16.06 -10.75 -28.53
C ALA C 315 -14.86 -10.39 -27.64
N SER C 316 -13.88 -11.30 -27.58
CA SER C 316 -12.66 -11.13 -26.76
C SER C 316 -12.05 -9.77 -26.98
N ASP C 317 -11.96 -9.42 -28.23
CA ASP C 317 -11.43 -8.13 -28.62
C ASP C 317 -12.17 -6.97 -27.95
N VAL C 318 -13.49 -6.99 -28.07
CA VAL C 318 -14.30 -5.90 -27.55
C VAL C 318 -14.07 -5.81 -26.06
N ALA C 319 -14.16 -6.95 -25.38
CA ALA C 319 -13.95 -6.96 -23.95
C ALA C 319 -12.61 -6.28 -23.64
N ASN C 320 -11.50 -6.78 -24.19
CA ASN C 320 -10.19 -6.19 -23.89
C ASN C 320 -10.20 -4.68 -24.08
N ALA C 321 -11.02 -4.22 -25.02
CA ALA C 321 -11.21 -2.80 -25.21
C ALA C 321 -11.66 -2.17 -23.90
N ILE C 322 -12.58 -2.84 -23.23
CA ILE C 322 -13.16 -2.30 -22.01
C ILE C 322 -12.20 -2.45 -20.87
N TYR C 323 -11.63 -3.64 -20.68
CA TYR C 323 -10.64 -3.85 -19.62
C TYR C 323 -9.49 -2.86 -19.74
N ASP C 324 -9.10 -2.52 -20.97
CA ASP C 324 -8.02 -1.54 -21.22
C ASP C 324 -8.39 -0.12 -20.74
N GLY C 325 -9.68 0.20 -20.80
CA GLY C 325 -10.20 1.42 -20.19
C GLY C 325 -10.82 2.41 -21.16
N THR C 326 -11.61 1.91 -22.11
CA THR C 326 -12.08 2.76 -23.19
C THR C 326 -13.33 3.45 -22.77
N ASP C 327 -13.45 4.73 -23.05
CA ASP C 327 -14.69 5.42 -22.74
C ASP C 327 -15.72 4.95 -23.77
N ALA C 328 -15.29 4.52 -24.95
CA ALA C 328 -16.26 4.12 -25.96
C ALA C 328 -15.82 3.07 -26.98
N VAL C 329 -16.81 2.45 -27.60
CA VAL C 329 -16.58 1.42 -28.58
C VAL C 329 -17.30 1.74 -29.90
N MET C 330 -16.63 1.53 -31.02
CA MET C 330 -17.15 1.96 -32.33
C MET C 330 -17.44 0.83 -33.27
N LEU C 331 -18.61 0.91 -33.91
CA LEU C 331 -18.93 0.02 -35.01
C LEU C 331 -18.73 0.76 -36.33
N SER C 332 -18.02 0.14 -37.28
CA SER C 332 -17.83 0.72 -38.63
C SER C 332 -18.83 0.12 -39.65
N GLY C 333 -18.35 -0.77 -40.52
CA GLY C 333 -19.17 -1.32 -41.59
C GLY C 333 -20.35 -2.12 -41.10
N GLU C 334 -20.22 -2.77 -39.94
CA GLU C 334 -21.29 -3.57 -39.33
C GLU C 334 -22.66 -2.87 -39.37
N THR C 335 -22.66 -1.57 -39.07
CA THR C 335 -23.90 -0.78 -39.01
C THR C 335 -24.18 0.02 -40.29
N ALA C 336 -23.13 0.38 -41.01
CA ALA C 336 -23.26 1.24 -42.19
C ALA C 336 -23.68 0.45 -43.46
N ALA C 337 -23.03 -0.66 -43.74
CA ALA C 337 -23.37 -1.46 -44.91
C ALA C 337 -23.28 -2.95 -44.60
N GLY C 338 -23.89 -3.35 -43.49
CA GLY C 338 -23.92 -4.75 -43.09
C GLY C 338 -25.35 -5.24 -43.08
N LEU C 339 -25.52 -6.56 -43.15
CA LEU C 339 -26.87 -7.14 -43.24
C LEU C 339 -27.52 -7.13 -41.87
N TYR C 340 -26.68 -7.27 -40.85
CA TYR C 340 -27.13 -7.21 -39.46
C TYR C 340 -26.50 -5.96 -38.87
N PRO C 341 -27.31 -4.93 -38.62
CA PRO C 341 -26.88 -3.73 -37.92
C PRO C 341 -27.42 -3.68 -36.47
N GLU C 342 -28.75 -3.68 -36.30
CA GLU C 342 -29.36 -3.76 -34.98
C GLU C 342 -28.65 -4.81 -34.15
N GLU C 343 -28.55 -6.02 -34.70
CA GLU C 343 -27.93 -7.13 -33.99
C GLU C 343 -26.52 -6.77 -33.57
N ALA C 344 -25.80 -6.13 -34.48
CA ALA C 344 -24.44 -5.63 -34.21
C ALA C 344 -24.32 -4.65 -33.01
N VAL C 345 -25.36 -3.84 -32.81
CA VAL C 345 -25.37 -2.88 -31.71
C VAL C 345 -25.83 -3.61 -30.43
N LYS C 346 -26.95 -4.31 -30.53
CA LYS C 346 -27.44 -5.12 -29.43
C LYS C 346 -26.31 -5.98 -28.87
N THR C 347 -25.58 -6.65 -29.75
CA THR C 347 -24.50 -7.52 -29.31
C THR C 347 -23.35 -6.72 -28.70
N MET C 348 -23.09 -5.56 -29.27
CA MET C 348 -22.03 -4.70 -28.77
C MET C 348 -22.35 -4.36 -27.32
N ARG C 349 -23.62 -4.04 -27.08
CA ARG C 349 -24.08 -3.68 -25.77
C ARG C 349 -23.87 -4.87 -24.83
N ASN C 350 -24.44 -5.99 -25.18
CA ASN C 350 -24.39 -7.13 -24.29
C ASN C 350 -22.98 -7.43 -23.83
N ILE C 351 -22.03 -7.40 -24.77
CA ILE C 351 -20.63 -7.70 -24.42
C ILE C 351 -20.11 -6.67 -23.43
N ALA C 352 -20.43 -5.42 -23.69
CA ALA C 352 -20.14 -4.33 -22.78
C ALA C 352 -20.63 -4.66 -21.37
N VAL C 353 -21.95 -4.78 -21.20
CA VAL C 353 -22.51 -4.97 -19.86
C VAL C 353 -21.83 -6.15 -19.16
N SER C 354 -21.61 -7.23 -19.89
CA SER C 354 -20.99 -8.44 -19.34
C SER C 354 -19.55 -8.22 -18.92
N ALA C 355 -18.79 -7.59 -19.80
CA ALA C 355 -17.37 -7.33 -19.54
C ALA C 355 -17.18 -6.34 -18.41
N GLU C 356 -18.19 -5.52 -18.13
CA GLU C 356 -18.12 -4.58 -17.02
C GLU C 356 -18.51 -5.32 -15.74
N ALA C 357 -19.67 -5.96 -15.79
CA ALA C 357 -20.21 -6.70 -14.64
C ALA C 357 -19.08 -7.38 -13.87
N ALA C 358 -18.19 -8.05 -14.59
CA ALA C 358 -17.12 -8.82 -13.97
C ALA C 358 -15.77 -8.08 -13.98
N GLN C 359 -15.75 -6.87 -13.44
CA GLN C 359 -14.48 -6.18 -13.21
C GLN C 359 -14.50 -5.43 -11.90
N ASP C 360 -13.32 -5.21 -11.35
CA ASP C 360 -13.18 -4.75 -9.97
C ASP C 360 -13.00 -3.25 -9.87
N TYR C 361 -14.05 -2.56 -9.42
CA TYR C 361 -14.00 -1.11 -9.35
C TYR C 361 -13.09 -0.60 -8.25
N LYS C 362 -12.61 -1.51 -7.40
CA LYS C 362 -11.60 -1.18 -6.40
C LYS C 362 -10.27 -1.04 -7.11
N LYS C 363 -9.92 -2.05 -7.91
CA LYS C 363 -8.70 -2.04 -8.72
C LYS C 363 -8.76 -0.85 -9.63
N LEU C 364 -9.88 -0.69 -10.33
CA LEU C 364 -10.01 0.40 -11.31
C LEU C 364 -9.64 1.72 -10.68
N LEU C 365 -10.17 1.94 -9.47
CA LEU C 365 -9.90 3.19 -8.71
C LEU C 365 -8.46 3.21 -8.28
N SER C 366 -8.03 2.13 -7.64
CA SER C 366 -6.65 1.99 -7.16
C SER C 366 -5.60 2.30 -8.26
N ASP C 367 -5.86 1.81 -9.47
CA ASP C 367 -5.06 2.18 -10.66
C ASP C 367 -5.08 3.69 -10.95
N ARG C 368 -6.26 4.31 -10.97
CA ARG C 368 -6.34 5.75 -11.26
C ARG C 368 -5.83 6.61 -10.13
N THR C 369 -6.00 6.18 -8.90
CA THR C 369 -5.52 6.94 -7.76
C THR C 369 -4.03 7.22 -7.90
N LYS C 370 -3.26 6.19 -8.25
CA LYS C 370 -1.81 6.30 -8.45
C LYS C 370 -1.43 7.08 -9.73
N LEU C 371 -2.21 6.86 -10.79
CA LEU C 371 -1.92 7.30 -12.19
C LEU C 371 -2.08 8.81 -12.43
N VAL C 372 -3.19 9.40 -11.96
CA VAL C 372 -3.46 10.85 -12.13
C VAL C 372 -2.78 11.75 -11.08
N GLU C 373 -2.70 13.03 -11.43
CA GLU C 373 -1.86 13.99 -10.72
C GLU C 373 -2.67 14.69 -9.62
N THR C 374 -1.95 15.41 -8.75
CA THR C 374 -2.56 16.21 -7.67
C THR C 374 -2.86 17.62 -8.17
N SER C 375 -4.14 18.00 -8.05
CA SER C 375 -4.66 19.31 -8.45
C SER C 375 -5.92 19.61 -7.64
N LEU C 376 -6.29 20.87 -7.57
CA LEU C 376 -7.56 21.26 -6.94
C LEU C 376 -8.75 20.47 -7.51
N VAL C 377 -8.83 20.39 -8.84
CA VAL C 377 -9.97 19.74 -9.51
C VAL C 377 -9.97 18.25 -9.26
N ASN C 378 -8.77 17.66 -9.33
CA ASN C 378 -8.62 16.22 -9.12
C ASN C 378 -8.83 15.79 -7.66
N ALA C 379 -8.53 16.69 -6.73
CA ALA C 379 -8.80 16.48 -5.31
C ALA C 379 -10.24 16.07 -5.10
N ILE C 380 -11.15 16.85 -5.67
CA ILE C 380 -12.57 16.50 -5.59
C ILE C 380 -12.88 15.19 -6.33
N GLY C 381 -12.18 14.97 -7.41
CA GLY C 381 -12.38 13.69 -8.08
C GLY C 381 -12.10 12.55 -7.11
N ILE C 382 -10.87 12.51 -6.64
CA ILE C 382 -10.44 11.42 -5.73
C ILE C 382 -11.27 11.34 -4.44
N SER C 383 -11.72 12.48 -3.95
CA SER C 383 -12.63 12.49 -2.83
C SER C 383 -13.92 11.81 -3.23
N VAL C 384 -14.55 12.24 -4.35
CA VAL C 384 -15.84 11.67 -4.76
C VAL C 384 -15.70 10.20 -5.12
N ALA C 385 -14.55 9.83 -5.69
CA ALA C 385 -14.30 8.43 -6.01
C ALA C 385 -14.29 7.50 -4.80
N HIS C 386 -13.37 7.76 -3.85
CA HIS C 386 -13.19 6.94 -2.64
C HIS C 386 -14.48 6.88 -1.89
N THR C 387 -15.04 8.05 -1.63
CA THR C 387 -16.29 8.17 -0.90
C THR C 387 -17.39 7.34 -1.53
N ALA C 388 -17.58 7.45 -2.84
CA ALA C 388 -18.61 6.65 -3.53
C ALA C 388 -18.43 5.14 -3.32
N LEU C 389 -17.17 4.69 -3.41
CA LEU C 389 -16.83 3.29 -3.14
C LEU C 389 -17.05 2.83 -1.69
N ASN C 390 -16.60 3.64 -0.75
CA ASN C 390 -16.69 3.29 0.68
C ASN C 390 -18.11 3.26 1.22
N LEU C 391 -18.88 4.28 0.87
CA LEU C 391 -20.23 4.45 1.40
C LEU C 391 -21.23 3.82 0.46
N ASN C 392 -20.74 3.26 -0.66
CA ASN C 392 -21.57 2.52 -1.59
C ASN C 392 -22.75 3.39 -2.07
N VAL C 393 -22.42 4.56 -2.63
CA VAL C 393 -23.41 5.53 -3.07
C VAL C 393 -24.06 5.07 -4.38
N LYS C 394 -25.36 5.25 -4.51
CA LYS C 394 -26.07 4.78 -5.69
C LYS C 394 -25.78 5.63 -6.93
N ALA C 395 -25.49 6.92 -6.75
CA ALA C 395 -25.32 7.83 -7.89
C ALA C 395 -24.55 9.10 -7.55
N ILE C 396 -23.71 9.52 -8.50
CA ILE C 396 -23.00 10.77 -8.41
C ILE C 396 -23.61 11.74 -9.42
N VAL C 397 -24.27 12.78 -8.94
CA VAL C 397 -24.91 13.73 -9.81
C VAL C 397 -23.96 14.90 -10.01
N ALA C 398 -23.48 15.07 -11.24
CA ALA C 398 -22.44 16.04 -11.57
C ALA C 398 -23.11 17.20 -12.29
N ALA C 399 -23.08 18.38 -11.68
CA ALA C 399 -23.68 19.56 -12.29
C ALA C 399 -22.63 20.31 -13.05
N THR C 400 -22.82 20.35 -14.38
CA THR C 400 -21.84 20.93 -15.31
C THR C 400 -22.54 21.85 -16.27
N GLU C 401 -21.80 22.84 -16.78
CA GLU C 401 -22.23 23.67 -17.91
C GLU C 401 -21.44 23.24 -19.17
N SER C 402 -20.14 23.00 -18.99
CA SER C 402 -19.26 22.56 -20.06
C SER C 402 -19.23 21.05 -20.20
N GLY C 403 -19.07 20.37 -19.08
CA GLY C 403 -18.94 18.93 -19.11
C GLY C 403 -17.72 18.46 -18.34
N SER C 404 -16.77 19.36 -18.09
CA SER C 404 -15.52 18.98 -17.38
C SER C 404 -15.71 18.37 -15.96
N THR C 405 -16.74 18.76 -15.21
CA THR C 405 -16.91 18.06 -13.96
C THR C 405 -17.22 16.63 -14.31
N ALA C 406 -18.29 16.37 -15.06
CA ALA C 406 -18.63 15.01 -15.44
C ALA C 406 -17.35 14.19 -15.73
N ARG C 407 -16.42 14.83 -16.42
CA ARG C 407 -15.24 14.12 -16.90
C ARG C 407 -14.27 13.96 -15.79
N THR C 408 -14.01 15.03 -15.04
CA THR C 408 -13.21 14.88 -13.83
C THR C 408 -13.76 13.67 -13.06
N ILE C 409 -15.07 13.60 -12.81
CA ILE C 409 -15.62 12.41 -12.12
C ILE C 409 -15.43 11.07 -12.86
N SER C 410 -15.52 11.09 -14.21
CA SER C 410 -15.57 9.85 -14.98
C SER C 410 -14.20 9.21 -15.08
N LYS C 411 -13.15 10.01 -14.93
CA LYS C 411 -11.81 9.47 -15.16
C LYS C 411 -11.47 8.47 -14.08
N TYR C 412 -11.94 8.73 -12.86
CA TYR C 412 -11.67 7.85 -11.70
C TYR C 412 -12.55 6.63 -11.69
N ARG C 413 -13.49 6.53 -12.63
CA ARG C 413 -14.18 5.28 -12.90
C ARG C 413 -14.78 4.66 -11.65
N PRO C 414 -15.85 5.26 -11.11
CA PRO C 414 -16.46 4.66 -9.94
C PRO C 414 -17.70 3.82 -10.31
N HIS C 415 -18.06 2.88 -9.43
CA HIS C 415 -19.20 1.99 -9.70
C HIS C 415 -20.45 2.78 -9.86
N SER C 416 -20.56 3.82 -9.03
CA SER C 416 -21.74 4.68 -9.00
C SER C 416 -22.08 5.18 -10.39
N ASP C 417 -23.37 5.28 -10.68
CA ASP C 417 -23.80 5.84 -11.93
C ASP C 417 -23.47 7.30 -11.88
N ILE C 418 -23.02 7.84 -13.01
CA ILE C 418 -22.78 9.26 -13.11
C ILE C 418 -24.00 9.88 -13.79
N ILE C 419 -24.39 11.06 -13.32
CA ILE C 419 -25.52 11.79 -13.86
C ILE C 419 -25.08 13.23 -14.10
N ALA C 420 -24.96 13.62 -15.38
CA ALA C 420 -24.51 14.97 -15.72
C ALA C 420 -25.73 15.85 -15.99
N VAL C 421 -26.12 16.62 -14.99
CA VAL C 421 -27.18 17.57 -15.16
C VAL C 421 -26.58 18.84 -15.69
N THR C 422 -27.17 19.30 -16.80
CA THR C 422 -26.67 20.44 -17.52
C THR C 422 -27.79 21.30 -18.13
N PRO C 423 -27.54 22.61 -18.31
CA PRO C 423 -28.51 23.42 -19.02
C PRO C 423 -28.29 23.40 -20.52
N SER C 424 -27.09 23.03 -20.97
CA SER C 424 -26.69 23.07 -22.38
C SER C 424 -26.99 21.76 -23.09
N GLU C 425 -27.78 21.88 -24.17
CA GLU C 425 -28.19 20.74 -24.99
C GLU C 425 -27.00 20.16 -25.76
N GLU C 426 -26.09 21.02 -26.19
CA GLU C 426 -24.87 20.52 -26.80
C GLU C 426 -23.94 19.86 -25.79
N THR C 427 -23.72 20.45 -24.61
CA THR C 427 -22.80 19.78 -23.68
C THR C 427 -23.42 18.47 -23.18
N ALA C 428 -24.75 18.36 -23.24
CA ALA C 428 -25.37 17.05 -23.02
C ALA C 428 -24.78 16.06 -24.00
N ARG C 429 -24.90 16.36 -25.29
CA ARG C 429 -24.37 15.49 -26.36
C ARG C 429 -22.83 15.29 -26.32
N GLN C 430 -22.15 16.29 -25.82
CA GLN C 430 -20.69 16.19 -25.55
C GLN C 430 -20.41 15.05 -24.57
N CYS C 431 -21.37 14.72 -23.70
CA CYS C 431 -21.16 13.72 -22.66
C CYS C 431 -21.63 12.35 -23.03
N SER C 432 -22.46 12.26 -24.03
CA SER C 432 -22.92 10.95 -24.43
C SER C 432 -21.73 9.99 -24.60
N ILE C 433 -20.57 10.48 -25.05
CA ILE C 433 -19.43 9.59 -25.29
C ILE C 433 -18.57 9.28 -24.10
N VAL C 434 -18.75 10.04 -23.02
CA VAL C 434 -17.94 9.88 -21.83
C VAL C 434 -18.41 8.66 -21.06
N TRP C 435 -17.43 7.89 -20.61
CA TRP C 435 -17.66 6.74 -19.75
C TRP C 435 -18.44 7.06 -18.49
N GLY C 436 -19.44 6.22 -18.23
CA GLY C 436 -20.28 6.31 -17.02
C GLY C 436 -21.38 7.36 -17.02
N VAL C 437 -21.16 8.47 -17.71
CA VAL C 437 -22.03 9.63 -17.59
C VAL C 437 -23.32 9.45 -18.39
N GLN C 438 -24.46 9.56 -17.69
CA GLN C 438 -25.79 9.62 -18.32
C GLN C 438 -26.32 11.03 -18.10
N PRO C 439 -26.41 11.81 -19.18
CA PRO C 439 -26.71 13.23 -19.09
C PRO C 439 -28.21 13.54 -19.11
N VAL C 440 -28.62 14.53 -18.31
CA VAL C 440 -29.96 15.12 -18.42
C VAL C 440 -29.80 16.62 -18.62
N VAL C 441 -30.82 17.24 -19.19
CA VAL C 441 -30.81 18.67 -19.47
C VAL C 441 -31.90 19.37 -18.68
N LYS C 442 -31.53 19.95 -17.53
CA LYS C 442 -32.46 20.71 -16.68
C LYS C 442 -32.04 22.16 -16.65
N LYS C 443 -33.03 23.05 -16.71
CA LYS C 443 -32.76 24.46 -16.88
C LYS C 443 -32.13 25.00 -15.63
N GLY C 444 -31.10 25.82 -15.85
CA GLY C 444 -30.14 26.18 -14.80
C GLY C 444 -30.75 26.90 -13.61
N ARG C 445 -30.30 26.51 -12.42
CA ARG C 445 -30.63 27.24 -11.19
C ARG C 445 -29.60 28.34 -11.04
N LYS C 446 -29.75 29.17 -10.02
CA LYS C 446 -28.72 30.15 -9.73
C LYS C 446 -27.98 29.76 -8.47
N SER C 447 -28.68 29.80 -7.34
CA SER C 447 -28.02 29.56 -6.05
C SER C 447 -27.72 28.09 -5.83
N THR C 448 -26.63 27.82 -5.12
CA THR C 448 -26.20 26.47 -4.77
C THR C 448 -27.33 25.69 -4.16
N ASP C 449 -28.08 26.36 -3.28
CA ASP C 449 -29.07 25.63 -2.52
C ASP C 449 -30.11 25.05 -3.44
N ALA C 450 -30.48 25.80 -4.47
CA ALA C 450 -31.36 25.31 -5.54
C ALA C 450 -30.66 24.23 -6.31
N LEU C 451 -29.42 24.50 -6.70
CA LEU C 451 -28.58 23.53 -7.43
C LEU C 451 -28.66 22.16 -6.79
N LEU C 452 -28.46 22.13 -5.48
CA LEU C 452 -28.45 20.89 -4.74
C LEU C 452 -29.79 20.19 -4.81
N ASN C 453 -30.87 20.95 -4.59
CA ASN C 453 -32.21 20.37 -4.57
C ASN C 453 -32.64 19.88 -5.91
N ASN C 454 -32.24 20.58 -6.96
CA ASN C 454 -32.45 20.08 -8.30
C ASN C 454 -31.74 18.72 -8.48
N ALA C 455 -30.43 18.69 -8.23
CA ALA C 455 -29.68 17.43 -8.31
C ALA C 455 -30.53 16.29 -7.78
N VAL C 456 -30.90 16.40 -6.51
CA VAL C 456 -31.65 15.35 -5.82
C VAL C 456 -32.91 14.98 -6.63
N ALA C 457 -33.68 16.00 -7.03
CA ALA C 457 -34.85 15.83 -7.92
C ALA C 457 -34.52 15.04 -9.16
N THR C 458 -33.48 15.48 -9.86
CA THR C 458 -33.11 14.90 -11.14
C THR C 458 -32.69 13.44 -10.97
N ALA C 459 -32.07 13.15 -9.84
CA ALA C 459 -31.57 11.82 -9.57
C ALA C 459 -32.72 10.87 -9.42
N VAL C 460 -33.78 11.36 -8.80
CA VAL C 460 -34.89 10.51 -8.46
C VAL C 460 -35.70 10.32 -9.72
N GLU C 461 -35.84 11.39 -10.49
CA GLU C 461 -36.69 11.36 -11.66
C GLU C 461 -36.15 10.43 -12.74
N THR C 462 -34.88 10.07 -12.61
CA THR C 462 -34.30 9.08 -13.50
C THR C 462 -34.73 7.65 -13.13
N GLY C 463 -35.26 7.48 -11.92
CA GLY C 463 -35.69 6.16 -11.44
C GLY C 463 -34.51 5.37 -10.95
N ARG C 464 -33.35 6.00 -10.98
CA ARG C 464 -32.08 5.33 -10.66
C ARG C 464 -31.86 5.33 -9.13
N VAL C 465 -32.45 6.30 -8.42
CA VAL C 465 -32.35 6.38 -6.97
C VAL C 465 -33.74 6.55 -6.37
N THR C 466 -33.98 5.92 -5.21
CA THR C 466 -35.18 6.21 -4.39
C THR C 466 -34.77 6.62 -2.97
N ASN C 467 -35.68 6.49 -2.00
CA ASN C 467 -35.47 7.13 -0.72
C ASN C 467 -34.34 6.57 0.13
N GLY C 468 -34.18 5.25 0.11
CA GLY C 468 -33.13 4.63 0.91
C GLY C 468 -31.71 5.06 0.54
N ASP C 469 -31.56 5.74 -0.59
CA ASP C 469 -30.28 5.79 -1.29
C ASP C 469 -29.37 6.95 -0.93
N LEU C 470 -28.08 6.72 -1.17
CA LEU C 470 -27.04 7.72 -0.97
C LEU C 470 -26.57 8.28 -2.31
N ILE C 471 -26.46 9.59 -2.35
CA ILE C 471 -26.23 10.33 -3.57
C ILE C 471 -25.11 11.26 -3.25
N ILE C 472 -24.21 11.45 -4.19
CA ILE C 472 -23.19 12.44 -3.97
C ILE C 472 -23.39 13.50 -5.05
N ILE C 473 -23.33 14.77 -4.66
CA ILE C 473 -23.60 15.89 -5.53
C ILE C 473 -22.35 16.72 -5.67
N THR C 474 -21.72 16.67 -6.84
CA THR C 474 -20.54 17.46 -7.12
C THR C 474 -20.90 18.47 -8.19
N ALA C 475 -20.24 19.63 -8.13
CA ALA C 475 -20.53 20.76 -8.99
C ALA C 475 -19.50 21.87 -8.76
N GLY C 476 -19.56 22.89 -9.60
CA GLY C 476 -18.60 23.98 -9.56
C GLY C 476 -19.25 25.29 -9.17
N VAL C 477 -19.27 25.57 -7.87
CA VAL C 477 -19.96 26.75 -7.36
C VAL C 477 -18.98 27.85 -6.94
N PRO C 478 -19.39 29.13 -7.05
CA PRO C 478 -20.64 29.57 -7.71
C PRO C 478 -20.58 29.31 -9.21
N THR C 479 -21.74 29.15 -9.82
CA THR C 479 -21.82 28.68 -11.22
C THR C 479 -21.49 29.75 -12.28
N GLY C 480 -21.25 31.00 -11.85
CA GLY C 480 -20.68 32.04 -12.72
C GLY C 480 -19.33 31.67 -13.31
N GLU C 481 -18.26 31.79 -12.51
CA GLU C 481 -16.89 31.42 -12.96
C GLU C 481 -16.82 29.99 -13.46
N THR C 482 -17.48 29.11 -12.73
CA THR C 482 -17.49 27.68 -13.01
C THR C 482 -16.06 27.16 -13.34
N GLY C 483 -15.73 26.91 -14.61
CA GLY C 483 -14.39 26.45 -15.00
C GLY C 483 -13.98 25.13 -14.34
N THR C 484 -13.51 25.22 -13.10
CA THR C 484 -13.20 24.04 -12.28
C THR C 484 -14.42 23.61 -11.50
N THR C 485 -14.43 22.34 -11.12
CA THR C 485 -15.37 21.81 -10.15
C THR C 485 -14.71 21.86 -8.75
N ASN C 486 -15.44 22.37 -7.76
CA ASN C 486 -14.82 22.72 -6.47
C ASN C 486 -15.60 22.34 -5.21
N MET C 487 -16.62 21.50 -5.33
CA MET C 487 -17.29 21.00 -4.12
C MET C 487 -18.10 19.72 -4.27
N MET C 488 -18.37 19.08 -3.15
CA MET C 488 -19.22 17.90 -3.10
C MET C 488 -20.02 17.83 -1.83
N LYS C 489 -21.26 17.34 -1.97
CA LYS C 489 -22.15 17.09 -0.86
C LYS C 489 -22.59 15.63 -0.89
N ILE C 490 -22.54 14.96 0.27
CA ILE C 490 -23.09 13.60 0.41
C ILE C 490 -24.52 13.78 0.89
N HIS C 491 -25.46 12.99 0.38
CA HIS C 491 -26.89 13.24 0.61
C HIS C 491 -27.68 11.99 0.62
N LEU C 492 -28.37 11.72 1.74
CA LEU C 492 -29.26 10.55 1.90
C LEU C 492 -30.66 11.00 1.51
N VAL C 493 -31.28 10.33 0.54
CA VAL C 493 -32.48 10.85 -0.13
C VAL C 493 -33.75 10.83 0.76
N GLY C 494 -33.75 11.69 1.77
CA GLY C 494 -34.84 11.78 2.74
C GLY C 494 -35.11 10.46 3.44
N ASP C 495 -36.11 10.40 4.31
CA ASP C 495 -36.78 11.58 4.84
C ASP C 495 -37.47 11.24 6.16
N GLU C 496 -36.74 10.51 7.00
CA GLU C 496 -37.10 10.19 8.40
C GLU C 496 -38.61 10.09 8.74
N ILE C 497 -39.11 8.87 8.90
CA ILE C 497 -40.50 8.61 9.28
C ILE C 497 -40.83 9.15 10.67
N ALA C 498 -39.95 8.91 11.63
CA ALA C 498 -40.07 9.49 12.95
C ALA C 498 -38.70 9.92 13.39
N ASN C 499 -38.64 10.59 14.53
CA ASN C 499 -37.36 10.81 15.20
C ASN C 499 -37.49 11.01 16.71
N GLY C 500 -36.35 11.08 17.37
CA GLY C 500 -36.30 11.27 18.79
C GLY C 500 -34.89 11.20 19.29
N GLN C 501 -34.73 10.65 20.49
CA GLN C 501 -33.45 10.58 21.16
C GLN C 501 -32.87 9.17 20.97
N GLY C 502 -31.81 9.08 20.18
CA GLY C 502 -31.17 7.81 19.92
C GLY C 502 -30.17 7.45 21.02
N ILE C 503 -30.27 6.23 21.52
CA ILE C 503 -29.30 5.70 22.45
C ILE C 503 -28.43 4.68 21.71
N GLY C 504 -27.13 4.70 21.98
CA GLY C 504 -26.16 3.90 21.22
C GLY C 504 -25.75 4.68 19.98
N ARG C 505 -24.90 4.09 19.15
CA ARG C 505 -24.49 4.74 17.89
C ARG C 505 -24.71 3.90 16.62
N GLY C 506 -25.19 2.66 16.78
CA GLY C 506 -25.28 1.74 15.64
C GLY C 506 -26.50 1.95 14.76
N SER C 507 -26.91 0.91 14.04
CA SER C 507 -28.11 0.95 13.20
C SER C 507 -28.48 -0.43 12.67
N VAL C 508 -29.75 -0.58 12.29
CA VAL C 508 -30.23 -1.83 11.70
C VAL C 508 -31.50 -1.63 10.89
N VAL C 509 -31.81 -2.64 10.08
CA VAL C 509 -33.05 -2.72 9.32
C VAL C 509 -33.78 -3.99 9.73
N GLY C 510 -35.11 -3.91 9.75
CA GLY C 510 -35.94 -5.02 10.17
C GLY C 510 -37.37 -4.58 10.31
N THR C 511 -38.29 -5.54 10.31
CA THR C 511 -39.72 -5.24 10.31
C THR C 511 -40.23 -4.92 11.72
N THR C 512 -41.08 -3.91 11.83
CA THR C 512 -41.62 -3.50 13.13
C THR C 512 -42.50 -4.58 13.76
N LEU C 513 -42.62 -4.52 15.08
CA LEU C 513 -43.67 -5.24 15.81
C LEU C 513 -44.22 -4.30 16.87
N VAL C 514 -45.26 -3.55 16.51
CA VAL C 514 -45.91 -2.63 17.45
C VAL C 514 -46.52 -3.45 18.57
N ALA C 515 -45.95 -3.35 19.77
CA ALA C 515 -46.46 -4.07 20.94
C ALA C 515 -47.11 -3.09 21.90
N GLU C 516 -48.43 -3.20 22.03
CA GLU C 516 -49.19 -2.34 22.91
C GLU C 516 -49.12 -2.85 24.36
N THR C 517 -48.81 -4.13 24.52
CA THR C 517 -48.61 -4.74 25.83
C THR C 517 -47.58 -5.88 25.74
N VAL C 518 -47.18 -6.43 26.88
CA VAL C 518 -46.19 -7.51 26.94
C VAL C 518 -46.70 -8.80 26.29
N LYS C 519 -48.00 -9.03 26.43
CA LYS C 519 -48.66 -10.21 25.85
C LYS C 519 -48.86 -10.04 24.34
N ASP C 520 -48.69 -8.82 23.85
CA ASP C 520 -48.82 -8.51 22.43
C ASP C 520 -47.58 -8.93 21.62
N LEU C 521 -46.69 -9.68 22.24
CA LEU C 521 -45.54 -10.29 21.55
C LEU C 521 -45.02 -11.53 22.30
N GLU C 522 -45.90 -12.20 23.04
CA GLU C 522 -45.48 -13.25 23.98
C GLU C 522 -45.05 -14.52 23.27
N GLY C 523 -45.99 -15.17 22.60
CA GLY C 523 -45.72 -16.45 21.94
C GLY C 523 -45.44 -16.33 20.45
N LYS C 524 -45.56 -15.12 19.91
CA LYS C 524 -45.40 -14.89 18.48
C LYS C 524 -44.11 -14.12 18.23
N ASP C 525 -42.99 -14.73 18.61
CA ASP C 525 -41.70 -14.02 18.64
C ASP C 525 -40.52 -14.78 18.01
N LEU C 526 -40.00 -14.24 16.90
CA LEU C 526 -38.67 -14.57 16.41
C LEU C 526 -37.79 -13.33 16.66
N SER C 527 -36.55 -13.40 16.21
CA SER C 527 -35.61 -12.27 16.26
C SER C 527 -35.99 -11.21 15.19
N ASP C 528 -34.99 -10.77 14.41
CA ASP C 528 -35.17 -9.98 13.17
C ASP C 528 -36.24 -8.86 13.12
N LYS C 529 -36.64 -8.34 14.29
CA LYS C 529 -37.67 -7.30 14.34
C LYS C 529 -37.26 -6.17 15.28
N VAL C 530 -37.82 -5.00 15.06
CA VAL C 530 -37.60 -3.84 15.94
C VAL C 530 -38.93 -3.50 16.58
N ILE C 531 -39.03 -3.74 17.89
CA ILE C 531 -40.30 -3.59 18.62
C ILE C 531 -40.59 -2.12 18.94
N VAL C 532 -41.86 -1.74 18.82
CA VAL C 532 -42.32 -0.38 19.07
C VAL C 532 -43.38 -0.36 20.18
N THR C 533 -42.96 0.00 21.39
CA THR C 533 -43.84 -0.03 22.56
C THR C 533 -44.00 1.36 23.17
N ASN C 534 -44.73 1.43 24.29
CA ASN C 534 -44.82 2.66 25.06
C ASN C 534 -43.57 2.89 25.92
N SER C 535 -43.38 2.04 26.94
CA SER C 535 -42.16 2.03 27.73
C SER C 535 -41.74 0.59 28.00
N ILE C 536 -40.64 0.42 28.72
CA ILE C 536 -40.16 -0.92 29.10
C ILE C 536 -40.38 -1.16 30.59
N ASP C 537 -41.18 -2.18 30.89
CA ASP C 537 -41.36 -2.70 32.25
C ASP C 537 -40.24 -3.69 32.55
N GLU C 538 -40.38 -4.41 33.66
CA GLU C 538 -39.61 -5.62 33.89
C GLU C 538 -40.08 -6.78 32.98
N THR C 539 -41.35 -6.75 32.57
CA THR C 539 -41.97 -7.80 31.73
C THR C 539 -41.54 -7.67 30.27
N PHE C 540 -41.12 -6.48 29.87
CA PHE C 540 -40.63 -6.24 28.52
C PHE C 540 -39.15 -6.59 28.37
N VAL C 541 -38.36 -6.36 29.43
CA VAL C 541 -36.89 -6.53 29.36
C VAL C 541 -36.38 -7.91 28.88
N PRO C 542 -37.13 -9.00 29.13
CA PRO C 542 -36.69 -10.29 28.58
C PRO C 542 -36.88 -10.39 27.07
N TYR C 543 -37.95 -9.81 26.55
CA TYR C 543 -38.24 -9.85 25.12
C TYR C 543 -37.36 -8.90 24.30
N VAL C 544 -37.07 -7.71 24.84
CA VAL C 544 -36.29 -6.69 24.12
C VAL C 544 -34.92 -7.20 23.65
N GLU C 545 -34.20 -7.90 24.53
CA GLU C 545 -32.85 -8.39 24.23
C GLU C 545 -32.81 -9.48 23.15
N LYS C 546 -33.96 -10.10 22.86
CA LYS C 546 -34.06 -11.06 21.76
C LYS C 546 -34.16 -10.36 20.40
N ALA C 547 -34.45 -9.07 20.41
CA ALA C 547 -34.82 -8.33 19.20
C ALA C 547 -33.60 -7.75 18.45
N LEU C 548 -33.85 -7.07 17.33
CA LEU C 548 -32.82 -6.33 16.57
C LEU C 548 -32.73 -4.87 17.01
N GLY C 549 -33.89 -4.23 17.14
CA GLY C 549 -33.96 -2.82 17.51
C GLY C 549 -35.06 -2.53 18.52
N LEU C 550 -35.26 -1.27 18.84
CA LEU C 550 -36.26 -0.85 19.82
C LEU C 550 -36.64 0.60 19.62
N ILE C 551 -37.93 0.89 19.55
CA ILE C 551 -38.42 2.26 19.55
C ILE C 551 -39.46 2.40 20.65
N THR C 552 -39.28 3.37 21.53
CA THR C 552 -40.17 3.54 22.69
C THR C 552 -40.85 4.91 22.63
N GLU C 553 -42.04 4.98 23.23
CA GLU C 553 -42.98 6.10 23.00
C GLU C 553 -42.46 7.42 23.50
N GLU C 554 -42.01 7.43 24.74
CA GLU C 554 -41.54 8.66 25.36
C GLU C 554 -40.19 8.34 25.99
N ASN C 555 -39.94 8.82 27.21
CA ASN C 555 -38.78 8.43 28.02
C ASN C 555 -37.61 9.41 27.86
N GLY C 556 -36.61 9.26 28.74
CA GLY C 556 -35.35 10.03 28.70
C GLY C 556 -34.16 9.09 28.54
N ILE C 557 -32.95 9.55 28.86
CA ILE C 557 -31.72 8.80 28.52
C ILE C 557 -31.33 7.67 29.48
N THR C 558 -31.69 7.77 30.76
CA THR C 558 -31.39 6.71 31.73
C THR C 558 -32.61 5.83 32.01
N SER C 559 -33.70 6.07 31.29
CA SER C 559 -34.96 5.33 31.43
C SER C 559 -34.79 3.81 31.32
N PRO C 560 -35.78 3.04 31.81
CA PRO C 560 -35.69 1.58 31.64
C PRO C 560 -35.51 1.19 30.18
N SER C 561 -36.22 1.88 29.28
CA SER C 561 -36.21 1.61 27.84
C SER C 561 -34.84 1.92 27.21
N ALA C 562 -34.28 3.08 27.57
CA ALA C 562 -32.99 3.52 27.05
C ALA C 562 -31.83 2.71 27.62
N ILE C 563 -31.86 2.46 28.92
CA ILE C 563 -30.74 1.82 29.61
C ILE C 563 -30.52 0.39 29.07
N VAL C 564 -31.61 -0.34 28.86
CA VAL C 564 -31.53 -1.75 28.46
C VAL C 564 -30.88 -1.91 27.10
N GLY C 565 -31.17 -0.98 26.20
CA GLY C 565 -30.61 -1.01 24.86
C GLY C 565 -29.10 -0.89 24.88
N LEU C 566 -28.59 0.12 25.59
CA LEU C 566 -27.14 0.36 25.67
C LEU C 566 -26.41 -0.81 26.35
N GLU C 567 -27.04 -1.45 27.34
CA GLU C 567 -26.42 -2.58 28.04
C GLU C 567 -26.21 -3.76 27.10
N LYS C 568 -27.25 -4.07 26.32
CA LYS C 568 -27.24 -5.26 25.48
C LYS C 568 -26.91 -4.94 24.02
N GLY C 569 -26.33 -3.76 23.78
CA GLY C 569 -25.81 -3.39 22.45
C GLY C 569 -26.84 -3.24 21.33
N ILE C 570 -28.10 -3.01 21.69
CA ILE C 570 -29.17 -2.87 20.71
C ILE C 570 -29.42 -1.42 20.36
N PRO C 571 -29.38 -1.08 19.05
CA PRO C 571 -29.69 0.28 18.63
C PRO C 571 -31.13 0.63 18.96
N THR C 572 -31.32 1.74 19.68
CA THR C 572 -32.64 2.13 20.14
C THR C 572 -32.87 3.62 19.90
N VAL C 573 -34.13 4.04 19.90
CA VAL C 573 -34.48 5.45 19.96
C VAL C 573 -35.58 5.65 21.02
N VAL C 574 -35.46 6.70 21.81
CA VAL C 574 -36.44 7.01 22.87
C VAL C 574 -37.05 8.39 22.64
N GLY C 575 -38.20 8.65 23.23
CA GLY C 575 -38.86 9.96 23.08
C GLY C 575 -39.44 10.15 21.70
N VAL C 576 -40.07 9.09 21.17
CA VAL C 576 -40.61 9.09 19.80
C VAL C 576 -42.11 9.44 19.78
N GLU C 577 -42.38 10.76 19.73
CA GLU C 577 -43.75 11.34 19.85
C GLU C 577 -44.92 10.37 20.03
N LYS C 578 -45.34 9.70 18.97
CA LYS C 578 -46.48 8.79 19.05
C LYS C 578 -46.19 7.50 18.30
N ALA C 579 -45.15 6.80 18.74
CA ALA C 579 -44.63 5.63 18.03
C ALA C 579 -45.66 4.52 17.78
N VAL C 580 -46.52 4.23 18.76
CA VAL C 580 -47.46 3.11 18.63
C VAL C 580 -48.59 3.41 17.63
N LYS C 581 -49.04 4.67 17.61
CA LYS C 581 -50.08 5.14 16.67
C LYS C 581 -49.52 5.42 15.27
N ASN C 582 -48.44 6.20 15.19
CA ASN C 582 -47.91 6.67 13.91
C ASN C 582 -47.17 5.60 13.11
N ILE C 583 -46.26 4.87 13.76
CA ILE C 583 -45.51 3.80 13.10
C ILE C 583 -46.36 2.54 12.90
N SER C 584 -46.41 2.07 11.65
CA SER C 584 -47.24 0.93 11.28
C SER C 584 -46.64 -0.40 11.73
N ASN C 585 -47.47 -1.42 11.72
CA ASN C 585 -47.07 -2.75 12.13
C ASN C 585 -46.58 -3.56 10.95
N ASN C 586 -45.54 -4.35 11.20
CA ASN C 586 -44.98 -5.29 10.21
C ASN C 586 -44.37 -4.66 8.94
N VAL C 587 -44.13 -3.34 8.96
CA VAL C 587 -43.49 -2.66 7.83
C VAL C 587 -41.99 -2.54 8.11
N LEU C 588 -41.18 -2.83 7.10
CA LEU C 588 -39.71 -2.80 7.21
C LEU C 588 -39.24 -1.36 7.49
N VAL C 589 -38.30 -1.22 8.42
CA VAL C 589 -37.86 0.11 8.85
C VAL C 589 -36.36 0.06 9.15
N THR C 590 -35.73 1.23 9.10
CA THR C 590 -34.32 1.37 9.50
C THR C 590 -34.17 2.36 10.63
N ILE C 591 -33.46 1.97 11.68
CA ILE C 591 -33.26 2.89 12.79
C ILE C 591 -31.80 3.29 12.88
N ASP C 592 -31.57 4.57 13.15
CA ASP C 592 -30.22 5.12 13.23
C ASP C 592 -29.93 5.62 14.65
N ALA C 593 -29.10 4.89 15.38
CA ALA C 593 -28.78 5.23 16.76
C ALA C 593 -28.19 6.64 16.90
N ALA C 594 -27.08 6.95 16.22
CA ALA C 594 -26.64 8.34 16.14
C ALA C 594 -27.77 9.06 15.41
N GLN C 595 -27.73 10.39 15.33
CA GLN C 595 -28.80 11.18 14.65
C GLN C 595 -30.21 11.02 15.29
N GLY C 596 -30.61 9.79 15.59
CA GLY C 596 -31.87 9.53 16.26
C GLY C 596 -33.04 9.61 15.28
N LYS C 597 -32.86 9.00 14.12
CA LYS C 597 -33.87 9.06 13.06
C LYS C 597 -34.37 7.65 12.81
N ILE C 598 -35.55 7.57 12.21
CA ILE C 598 -36.17 6.29 11.84
C ILE C 598 -36.70 6.42 10.43
N PHE C 599 -36.39 5.46 9.56
CA PHE C 599 -36.67 5.60 8.13
C PHE C 599 -37.65 4.57 7.58
N GLU C 600 -38.18 4.89 6.40
CA GLU C 600 -39.25 4.14 5.72
C GLU C 600 -38.92 2.68 5.41
N GLY C 601 -37.67 2.38 5.07
CA GLY C 601 -37.27 0.98 4.82
C GLY C 601 -35.96 0.84 4.07
N TYR C 602 -34.88 0.70 4.82
CA TYR C 602 -33.50 0.68 4.30
C TYR C 602 -32.95 2.08 3.99
N ALA C 603 -31.75 2.39 4.49
CA ALA C 603 -31.14 3.70 4.24
C ALA C 603 -29.58 3.72 4.28
N ASN C 604 -28.98 4.20 5.38
CA ASN C 604 -27.50 4.26 5.58
C ASN C 604 -27.12 5.04 6.85
N MET D 22 -1.28 28.73 14.60
CA MET D 22 -0.34 27.58 14.68
C MET D 22 -0.09 27.34 16.15
N ARG D 23 -0.96 26.59 16.83
CA ARG D 23 -0.81 26.29 18.28
C ARG D 23 -1.39 24.95 18.71
N LYS D 24 -2.58 24.61 18.24
CA LYS D 24 -3.07 23.21 18.18
C LYS D 24 -3.44 22.55 19.51
N THR D 25 -2.46 22.36 20.39
CA THR D 25 -2.69 21.70 21.67
C THR D 25 -3.12 22.69 22.76
N LYS D 26 -4.30 22.48 23.33
CA LYS D 26 -4.91 23.47 24.19
C LYS D 26 -4.43 23.37 25.65
N ILE D 27 -4.46 24.51 26.35
CA ILE D 27 -3.95 24.59 27.73
C ILE D 27 -5.04 24.84 28.79
N VAL D 28 -5.30 23.84 29.62
CA VAL D 28 -6.21 23.99 30.77
C VAL D 28 -5.43 24.41 32.02
N CYS D 29 -5.97 25.35 32.78
CA CYS D 29 -5.30 25.85 33.99
C CYS D 29 -6.18 25.83 35.24
N THR D 30 -5.63 25.30 36.33
CA THR D 30 -6.34 25.31 37.59
C THR D 30 -6.20 26.65 38.29
N ILE D 31 -7.32 27.31 38.53
CA ILE D 31 -7.32 28.59 39.23
C ILE D 31 -7.31 28.35 40.74
N GLY D 32 -6.44 29.08 41.43
CA GLY D 32 -6.34 28.97 42.89
C GLY D 32 -5.90 30.30 43.44
N PRO D 33 -5.61 30.35 44.77
CA PRO D 33 -5.14 31.56 45.47
C PRO D 33 -4.09 32.38 44.71
N ALA D 34 -3.21 31.70 43.97
CA ALA D 34 -2.11 32.35 43.26
C ALA D 34 -2.56 33.09 42.02
N SER D 35 -3.80 32.83 41.59
CA SER D 35 -4.30 33.28 40.29
C SER D 35 -5.82 33.58 40.29
N GLU D 36 -6.36 34.05 41.41
CA GLU D 36 -7.74 34.54 41.47
C GLU D 36 -7.73 35.96 40.89
N SER D 37 -6.58 36.62 41.06
CA SER D 37 -6.40 38.03 40.77
C SER D 37 -6.71 38.39 39.34
N GLU D 38 -7.71 39.26 39.14
CA GLU D 38 -8.05 39.86 37.84
C GLU D 38 -6.79 40.13 37.00
N GLU D 39 -5.79 40.76 37.63
CA GLU D 39 -4.49 41.05 37.01
C GLU D 39 -3.79 39.81 36.48
N MET D 40 -3.82 38.73 37.27
CA MET D 40 -3.13 37.47 36.96
C MET D 40 -3.92 36.61 35.96
N ILE D 41 -5.25 36.58 36.10
CA ILE D 41 -6.10 35.87 35.14
C ILE D 41 -5.96 36.51 33.75
N GLU D 42 -5.81 37.82 33.69
CA GLU D 42 -5.46 38.48 32.44
C GLU D 42 -4.16 37.90 31.89
N LYS D 43 -3.12 37.83 32.70
CA LYS D 43 -1.82 37.39 32.20
C LYS D 43 -1.84 35.95 31.67
N LEU D 44 -2.62 35.10 32.31
CA LEU D 44 -2.74 33.69 31.95
C LEU D 44 -3.49 33.51 30.63
N ILE D 45 -4.53 34.33 30.43
CA ILE D 45 -5.28 34.32 29.18
C ILE D 45 -4.34 34.70 28.06
N ASN D 46 -3.60 35.79 28.26
CA ASN D 46 -2.58 36.23 27.30
C ASN D 46 -1.46 35.22 27.12
N ALA D 47 -1.22 34.37 28.11
CA ALA D 47 -0.14 33.40 28.02
C ALA D 47 -0.62 32.07 27.44
N GLY D 48 -1.90 32.01 27.07
CA GLY D 48 -2.43 30.91 26.27
C GLY D 48 -3.55 30.09 26.88
N MET D 49 -4.00 30.42 28.09
CA MET D 49 -5.00 29.60 28.77
C MET D 49 -6.26 29.52 27.93
N ASN D 50 -6.77 28.30 27.73
CA ASN D 50 -7.99 28.08 26.94
C ASN D 50 -9.15 27.63 27.79
N VAL D 51 -8.87 26.98 28.90
CA VAL D 51 -9.95 26.50 29.74
C VAL D 51 -9.53 26.71 31.20
N ALA D 52 -10.48 27.12 32.02
CA ALA D 52 -10.25 27.37 33.44
C ALA D 52 -10.78 26.18 34.27
N ARG D 53 -9.88 25.47 34.93
CA ARG D 53 -10.29 24.41 35.86
C ARG D 53 -10.63 24.97 37.27
N LEU D 54 -11.81 24.60 37.75
CA LEU D 54 -12.17 24.85 39.13
C LEU D 54 -12.22 23.48 39.81
N ASN D 55 -11.33 23.27 40.77
CA ASN D 55 -11.30 22.00 41.46
C ASN D 55 -12.16 22.01 42.71
N PHE D 56 -13.24 21.23 42.66
CA PHE D 56 -14.23 21.21 43.72
C PHE D 56 -13.86 20.27 44.87
N SER D 57 -12.64 19.74 44.84
CA SER D 57 -12.11 19.02 45.97
C SER D 57 -12.03 19.95 47.18
N HIS D 58 -11.68 21.21 46.91
CA HIS D 58 -11.55 22.22 47.94
C HIS D 58 -12.38 23.40 47.59
N GLY D 59 -12.46 24.35 48.52
CA GLY D 59 -13.15 25.62 48.28
C GLY D 59 -14.67 25.53 48.39
N SER D 60 -15.29 26.66 48.71
CA SER D 60 -16.74 26.74 48.83
C SER D 60 -17.35 27.30 47.57
N HIS D 61 -18.63 27.03 47.36
CA HIS D 61 -19.33 27.57 46.18
C HIS D 61 -19.10 29.04 46.06
N GLU D 62 -19.19 29.73 47.20
CA GLU D 62 -18.89 31.15 47.35
C GLU D 62 -17.58 31.55 46.64
N GLU D 63 -16.51 30.81 46.90
CA GLU D 63 -15.20 31.11 46.32
C GLU D 63 -15.21 30.86 44.82
N HIS D 64 -15.70 29.69 44.44
CA HIS D 64 -15.72 29.28 43.05
C HIS D 64 -16.54 30.21 42.21
N LYS D 65 -17.68 30.65 42.74
CA LYS D 65 -18.51 31.64 42.04
C LYS D 65 -17.73 32.94 41.84
N GLY D 66 -16.86 33.29 42.78
CA GLY D 66 -16.11 34.53 42.71
C GLY D 66 -15.11 34.53 41.57
N ARG D 67 -14.43 33.41 41.40
CA ARG D 67 -13.47 33.24 40.34
C ARG D 67 -14.16 33.16 38.97
N ILE D 68 -15.31 32.49 38.92
CA ILE D 68 -16.05 32.37 37.66
C ILE D 68 -16.35 33.76 37.14
N ASP D 69 -16.86 34.61 38.01
CA ASP D 69 -17.17 35.98 37.59
C ASP D 69 -15.94 36.68 37.02
N THR D 70 -14.79 36.51 37.68
CA THR D 70 -13.56 37.20 37.29
C THR D 70 -13.13 36.73 35.91
N ILE D 71 -13.19 35.42 35.70
CA ILE D 71 -12.82 34.83 34.43
C ILE D 71 -13.72 35.36 33.31
N ARG D 72 -15.02 35.23 33.50
CA ARG D 72 -15.97 35.77 32.53
C ARG D 72 -15.60 37.21 32.21
N LYS D 73 -15.52 38.04 33.25
CA LYS D 73 -15.32 39.48 33.13
C LYS D 73 -14.05 39.82 32.37
N VAL D 74 -12.93 39.26 32.83
CA VAL D 74 -11.63 39.50 32.20
C VAL D 74 -11.57 38.87 30.77
N ALA D 75 -12.34 37.81 30.54
CA ALA D 75 -12.42 37.15 29.23
C ALA D 75 -13.10 38.03 28.20
N LYS D 76 -14.26 38.55 28.56
CA LYS D 76 -15.04 39.38 27.64
C LYS D 76 -14.58 40.85 27.58
N ARG D 77 -13.63 41.24 28.43
CA ARG D 77 -12.93 42.51 28.24
C ARG D 77 -11.85 42.29 27.18
N LEU D 78 -11.01 41.28 27.38
CA LEU D 78 -9.96 40.94 26.40
C LEU D 78 -10.54 40.30 25.11
N ASP D 79 -11.85 40.09 25.09
CA ASP D 79 -12.56 39.59 23.92
C ASP D 79 -11.95 38.28 23.47
N LYS D 80 -11.86 37.36 24.43
CA LYS D 80 -11.32 36.03 24.18
C LYS D 80 -12.22 34.94 24.73
N ILE D 81 -12.12 33.75 24.12
CA ILE D 81 -12.97 32.59 24.42
C ILE D 81 -12.21 31.68 25.33
N VAL D 82 -12.63 31.67 26.60
CA VAL D 82 -12.10 30.75 27.61
C VAL D 82 -13.26 29.96 28.18
N ALA D 83 -13.10 28.64 28.27
CA ALA D 83 -14.13 27.78 28.83
C ALA D 83 -13.95 27.66 30.37
N ILE D 84 -15.00 27.26 31.08
CA ILE D 84 -14.87 26.87 32.48
C ILE D 84 -15.08 25.35 32.63
N LEU D 85 -14.07 24.69 33.20
CA LEU D 85 -14.14 23.28 33.62
C LEU D 85 -14.31 23.10 35.13
N LEU D 86 -15.35 22.36 35.51
CA LEU D 86 -15.63 22.02 36.92
C LEU D 86 -15.21 20.58 37.21
N ASP D 87 -14.18 20.45 38.03
CA ASP D 87 -13.68 19.13 38.41
C ASP D 87 -14.23 18.70 39.79
N THR D 88 -15.06 17.64 39.77
CA THR D 88 -15.69 17.08 40.95
C THR D 88 -14.63 16.48 41.90
N LYS D 89 -14.99 16.27 43.15
CA LYS D 89 -14.05 15.62 44.06
C LYS D 89 -14.10 14.11 43.79
N GLY D 90 -15.32 13.59 43.81
CA GLY D 90 -15.58 12.17 43.59
C GLY D 90 -15.83 11.38 44.85
N PRO D 91 -16.23 10.10 44.68
CA PRO D 91 -16.22 9.14 45.75
C PRO D 91 -14.80 8.84 46.19
N GLU D 92 -14.63 8.41 47.43
CA GLU D 92 -13.32 8.04 47.93
C GLU D 92 -13.41 7.11 49.15
N ILE D 93 -12.31 6.46 49.48
CA ILE D 93 -12.25 5.57 50.64
C ILE D 93 -11.17 6.06 51.57
N ARG D 94 -11.56 6.88 52.52
CA ARG D 94 -10.58 7.38 53.47
C ARG D 94 -10.48 6.49 54.72
N THR D 95 -9.39 6.68 55.44
CA THR D 95 -9.26 6.24 56.81
C THR D 95 -10.07 7.21 57.65
N HIS D 96 -10.67 6.71 58.73
CA HIS D 96 -11.25 7.56 59.79
C HIS D 96 -10.13 8.10 60.64
N ASN D 97 -10.48 8.90 61.64
CA ASN D 97 -9.49 9.49 62.56
C ASN D 97 -8.59 8.48 63.28
N MET D 98 -7.41 8.95 63.65
CA MET D 98 -6.34 8.11 64.21
C MET D 98 -5.91 8.59 65.59
N LYS D 99 -5.56 7.65 66.45
CA LYS D 99 -5.26 7.97 67.85
C LYS D 99 -3.94 8.73 67.95
N ASP D 100 -3.98 9.80 68.75
CA ASP D 100 -2.89 10.78 68.89
C ASP D 100 -2.61 11.59 67.63
N GLY D 101 -3.45 11.46 66.60
CA GLY D 101 -3.26 12.15 65.33
C GLY D 101 -2.38 11.39 64.35
N ILE D 102 -1.33 10.75 64.86
CA ILE D 102 -0.40 9.95 64.08
C ILE D 102 -0.43 8.54 64.67
N ILE D 103 -0.26 7.52 63.82
CA ILE D 103 -0.13 6.13 64.27
C ILE D 103 0.88 5.42 63.37
N GLU D 104 1.59 4.42 63.90
CA GLU D 104 2.65 3.72 63.15
C GLU D 104 2.26 2.26 62.88
N LEU D 105 2.91 1.64 61.88
CA LEU D 105 2.65 0.23 61.56
C LEU D 105 3.96 -0.47 61.24
N GLU D 106 4.28 -1.54 61.97
CA GLU D 106 5.55 -2.26 61.78
C GLU D 106 5.48 -3.05 60.45
N ARG D 107 6.62 -3.55 60.00
CA ARG D 107 6.77 -4.05 58.63
C ARG D 107 6.41 -5.53 58.42
N GLY D 108 6.61 -6.38 59.42
CA GLY D 108 6.30 -7.81 59.28
C GLY D 108 5.07 -8.21 60.08
N ASN D 109 4.32 -7.19 60.47
CA ASN D 109 3.24 -7.33 61.45
C ASN D 109 1.87 -7.60 60.83
N GLU D 110 0.82 -7.47 61.65
CA GLU D 110 -0.56 -7.59 61.19
C GLU D 110 -1.42 -6.41 61.64
N VAL D 111 -2.41 -6.06 60.81
CA VAL D 111 -3.40 -5.04 61.14
C VAL D 111 -4.80 -5.49 60.73
N ILE D 112 -5.77 -5.04 61.52
CA ILE D 112 -7.18 -5.36 61.29
C ILE D 112 -7.87 -4.12 60.79
N VAL D 113 -8.50 -4.24 59.63
CA VAL D 113 -9.23 -3.12 59.03
C VAL D 113 -10.73 -3.29 59.33
N SER D 114 -11.22 -2.50 60.29
CA SER D 114 -12.60 -2.62 60.74
C SER D 114 -13.52 -1.90 59.80
N MET D 115 -14.65 -2.52 59.47
CA MET D 115 -15.70 -1.85 58.71
C MET D 115 -16.54 -0.95 59.59
N ASN D 116 -16.35 -1.03 60.91
CA ASN D 116 -16.98 -0.11 61.87
C ASN D 116 -16.00 0.91 62.39
N GLU D 117 -16.47 2.14 62.57
CA GLU D 117 -15.55 3.23 62.91
C GLU D 117 -14.87 2.98 64.25
N VAL D 118 -13.57 3.28 64.31
CA VAL D 118 -12.79 3.18 65.53
C VAL D 118 -11.65 4.21 65.53
N GLU D 119 -11.09 4.46 66.70
CA GLU D 119 -9.82 5.19 66.79
C GLU D 119 -8.66 4.28 66.37
N GLY D 120 -7.70 4.89 65.67
CA GLY D 120 -6.61 4.16 65.07
C GLY D 120 -5.64 3.56 66.08
N THR D 121 -5.27 2.31 65.84
CA THR D 121 -4.28 1.62 66.63
C THR D 121 -3.54 0.67 65.71
N PRO D 122 -2.24 0.45 65.96
CA PRO D 122 -1.47 -0.52 65.18
C PRO D 122 -2.16 -1.86 64.92
N GLU D 123 -3.25 -2.11 65.63
CA GLU D 123 -4.01 -3.33 65.47
C GLU D 123 -5.36 -3.03 64.81
N LYS D 124 -6.16 -2.17 65.44
CA LYS D 124 -7.53 -1.85 65.00
C LYS D 124 -7.51 -0.49 64.36
N PHE D 125 -8.23 -0.39 63.27
CA PHE D 125 -7.99 0.63 62.27
C PHE D 125 -9.23 0.60 61.38
N SER D 126 -9.81 1.76 61.11
CA SER D 126 -11.14 1.82 60.46
C SER D 126 -11.13 2.51 59.08
N VAL D 127 -12.05 2.14 58.19
CA VAL D 127 -12.16 2.77 56.84
C VAL D 127 -13.59 3.22 56.56
N THR D 128 -13.75 4.34 55.86
CA THR D 128 -15.08 4.93 55.66
C THR D 128 -16.00 4.14 54.72
N TYR D 129 -15.42 3.35 53.82
CA TYR D 129 -16.20 2.57 52.88
C TYR D 129 -16.46 1.25 53.53
N GLU D 130 -17.57 1.17 54.24
CA GLU D 130 -17.90 -0.03 55.08
C GLU D 130 -18.04 -1.29 54.27
N ASN D 131 -18.38 -1.13 53.00
CA ASN D 131 -18.60 -2.26 52.13
C ASN D 131 -17.34 -2.86 51.50
N LEU D 132 -16.17 -2.39 51.94
CA LEU D 132 -14.86 -2.89 51.46
C LEU D 132 -14.80 -4.41 51.55
N ILE D 133 -15.22 -4.92 52.69
CA ILE D 133 -15.19 -6.34 52.96
C ILE D 133 -15.82 -7.21 51.85
N ASN D 134 -16.80 -6.66 51.14
CA ASN D 134 -17.46 -7.37 50.03
C ASN D 134 -16.70 -7.33 48.70
N ASP D 135 -15.77 -6.38 48.57
CA ASP D 135 -15.04 -6.18 47.32
C ASP D 135 -13.73 -6.96 47.31
N VAL D 136 -13.07 -7.05 48.46
CA VAL D 136 -11.77 -7.72 48.55
C VAL D 136 -11.88 -9.20 48.85
N GLN D 137 -10.73 -9.87 48.83
CA GLN D 137 -10.63 -11.26 49.25
C GLN D 137 -9.20 -11.57 49.70
N VAL D 138 -9.00 -12.76 50.25
CA VAL D 138 -7.67 -13.14 50.73
C VAL D 138 -6.68 -13.07 49.57
N GLY D 139 -5.57 -12.39 49.80
CA GLY D 139 -4.57 -12.17 48.76
C GLY D 139 -4.60 -10.77 48.14
N SER D 140 -5.74 -10.09 48.25
CA SER D 140 -5.87 -8.75 47.70
C SER D 140 -4.97 -7.76 48.42
N TYR D 141 -4.43 -6.79 47.69
CA TYR D 141 -3.61 -5.76 48.29
C TYR D 141 -4.49 -4.57 48.67
N ILE D 142 -4.04 -3.83 49.68
CA ILE D 142 -4.70 -2.59 50.11
C ILE D 142 -3.65 -1.52 50.35
N LEU D 143 -3.88 -0.31 49.84
CA LEU D 143 -2.88 0.77 49.87
C LEU D 143 -3.41 1.92 50.70
N LEU D 144 -2.50 2.57 51.43
CA LEU D 144 -2.86 3.62 52.36
C LEU D 144 -2.06 4.90 52.11
N ASP D 145 -2.72 6.04 52.27
CA ASP D 145 -2.09 7.36 52.12
C ASP D 145 -1.46 7.49 50.73
N ASP D 146 -2.29 7.34 49.70
CA ASP D 146 -1.84 7.42 48.32
C ASP D 146 -0.71 6.43 48.07
N GLY D 147 -0.87 5.20 48.54
CA GLY D 147 0.12 4.17 48.29
C GLY D 147 1.43 4.31 49.06
N LEU D 148 1.37 4.92 50.24
CA LEU D 148 2.56 5.07 51.10
C LEU D 148 2.97 3.71 51.69
N ILE D 149 1.99 2.97 52.19
CA ILE D 149 2.26 1.67 52.79
C ILE D 149 1.18 0.71 52.34
N GLU D 150 1.60 -0.47 51.88
CA GLU D 150 0.64 -1.44 51.36
C GLU D 150 0.43 -2.56 52.37
N LEU D 151 -0.80 -3.07 52.36
CA LEU D 151 -1.19 -4.19 53.19
C LEU D 151 -1.63 -5.32 52.29
N GLN D 152 -1.87 -6.50 52.85
CA GLN D 152 -2.42 -7.62 52.10
C GLN D 152 -3.35 -8.49 52.95
N VAL D 153 -4.49 -8.87 52.36
CA VAL D 153 -5.57 -9.54 53.08
C VAL D 153 -5.23 -10.97 53.45
N LYS D 154 -5.16 -11.21 54.76
CA LYS D 154 -4.89 -12.53 55.33
C LYS D 154 -6.19 -13.32 55.54
N ASP D 155 -7.11 -12.75 56.31
CA ASP D 155 -8.41 -13.38 56.59
C ASP D 155 -9.54 -12.36 56.50
N ILE D 156 -10.74 -12.89 56.24
CA ILE D 156 -11.96 -12.10 56.28
C ILE D 156 -12.94 -12.74 57.26
N ASP D 157 -13.50 -11.91 58.14
CA ASP D 157 -14.51 -12.34 59.11
C ASP D 157 -15.76 -11.47 58.92
N HIS D 158 -16.85 -12.09 58.48
CA HIS D 158 -18.06 -11.34 58.20
C HIS D 158 -18.97 -11.24 59.37
N ALA D 159 -18.65 -11.98 60.42
CA ALA D 159 -19.37 -11.86 61.69
C ALA D 159 -19.01 -10.54 62.36
N LYS D 160 -17.73 -10.39 62.66
CA LYS D 160 -17.20 -9.15 63.22
C LYS D 160 -17.06 -8.03 62.17
N LYS D 161 -17.18 -8.39 60.88
CA LYS D 161 -16.95 -7.47 59.77
C LYS D 161 -15.58 -6.82 59.91
N GLU D 162 -14.54 -7.64 59.94
CA GLU D 162 -13.18 -7.16 60.06
C GLU D 162 -12.31 -7.92 59.08
N VAL D 163 -11.39 -7.21 58.46
CA VAL D 163 -10.48 -7.80 57.50
C VAL D 163 -9.09 -7.77 58.12
N LYS D 164 -8.53 -8.95 58.36
CA LYS D 164 -7.21 -9.10 58.96
C LYS D 164 -6.17 -9.06 57.84
N CYS D 165 -5.14 -8.23 58.02
CA CYS D 165 -4.14 -8.02 56.97
C CYS D 165 -2.71 -8.10 57.45
N ASP D 166 -1.80 -8.38 56.52
CA ASP D 166 -0.36 -8.37 56.76
C ASP D 166 0.21 -7.04 56.29
N ILE D 167 0.76 -6.25 57.22
CA ILE D 167 1.47 -5.02 56.85
C ILE D 167 2.81 -5.36 56.18
N LEU D 168 3.23 -4.55 55.20
CA LEU D 168 4.38 -4.85 54.32
C LEU D 168 5.45 -3.75 54.27
N ASN D 169 5.05 -2.48 54.29
CA ASN D 169 5.98 -1.37 54.10
C ASN D 169 5.91 -0.34 55.21
N SER D 170 6.01 -0.80 56.45
CA SER D 170 6.03 0.05 57.66
C SER D 170 6.19 1.57 57.45
N GLY D 171 5.12 2.31 57.75
CA GLY D 171 5.15 3.77 57.68
C GLY D 171 4.13 4.38 58.63
N GLU D 172 4.22 5.70 58.81
CA GLU D 172 3.28 6.43 59.67
C GLU D 172 1.92 6.55 59.00
N LEU D 173 0.89 6.85 59.80
CA LEU D 173 -0.49 6.97 59.31
C LEU D 173 -1.26 8.10 60.02
N LYS D 174 -1.37 9.24 59.35
CA LYS D 174 -2.16 10.40 59.80
C LYS D 174 -3.66 10.10 59.66
N ASN D 175 -4.48 11.08 60.03
CA ASN D 175 -5.93 10.87 60.14
C ASN D 175 -6.64 10.47 58.87
N LYS D 176 -7.22 11.44 58.18
CA LYS D 176 -8.13 11.17 57.07
C LYS D 176 -7.37 10.86 55.77
N LYS D 177 -6.58 9.78 55.78
CA LYS D 177 -5.73 9.44 54.64
C LYS D 177 -6.41 8.40 53.74
N GLY D 178 -6.17 8.52 52.44
CA GLY D 178 -6.87 7.72 51.45
C GLY D 178 -6.50 6.25 51.40
N VAL D 179 -7.41 5.46 50.85
CA VAL D 179 -7.22 4.03 50.67
C VAL D 179 -7.54 3.61 49.24
N ASN D 180 -6.71 2.75 48.66
CA ASN D 180 -6.90 2.36 47.27
C ASN D 180 -6.85 0.85 47.16
N LEU D 181 -7.87 0.24 46.56
CA LEU D 181 -7.86 -1.20 46.29
C LEU D 181 -7.50 -1.50 44.83
N PRO D 182 -6.28 -2.00 44.55
CA PRO D 182 -5.92 -2.24 43.15
C PRO D 182 -6.81 -3.20 42.37
N GLY D 183 -7.95 -2.66 41.91
CA GLY D 183 -8.90 -3.30 40.99
C GLY D 183 -9.00 -4.80 40.98
N VAL D 184 -9.97 -5.42 41.64
CA VAL D 184 -10.97 -4.81 42.54
C VAL D 184 -11.99 -3.87 41.87
N ARG D 185 -13.18 -4.41 41.63
CA ARG D 185 -14.32 -3.59 41.19
C ARG D 185 -14.84 -2.82 42.38
N VAL D 186 -14.18 -1.72 42.71
CA VAL D 186 -14.60 -0.91 43.87
C VAL D 186 -16.01 -0.40 43.63
N SER D 187 -16.90 -0.72 44.56
CA SER D 187 -18.35 -0.58 44.32
C SER D 187 -18.98 0.71 44.88
N LEU D 188 -18.20 1.78 44.97
CA LEU D 188 -18.70 3.08 45.39
C LEU D 188 -19.83 3.50 44.48
N PRO D 189 -20.52 4.59 44.79
CA PRO D 189 -21.44 5.16 43.80
C PRO D 189 -20.70 5.91 42.68
N GLY D 190 -21.42 6.34 41.67
CA GLY D 190 -20.80 7.13 40.60
C GLY D 190 -20.41 8.53 41.05
N ILE D 191 -21.34 9.15 41.78
CA ILE D 191 -21.16 10.48 42.39
C ILE D 191 -21.67 10.54 43.84
N THR D 192 -21.01 11.38 44.64
CA THR D 192 -21.39 11.59 46.03
C THR D 192 -22.56 12.56 46.08
N GLU D 193 -23.11 12.76 47.25
CA GLU D 193 -24.19 13.73 47.42
C GLU D 193 -23.64 15.11 47.06
N LYS D 194 -22.40 15.38 47.51
CA LYS D 194 -21.75 16.67 47.33
C LYS D 194 -21.60 16.92 45.85
N ASP D 195 -20.97 15.97 45.18
CA ASP D 195 -20.82 16.02 43.73
C ASP D 195 -22.15 16.34 43.07
N ALA D 196 -23.20 15.62 43.45
CA ALA D 196 -24.54 15.88 42.94
C ALA D 196 -24.93 17.35 43.12
N GLU D 197 -24.60 17.96 44.25
CA GLU D 197 -24.86 19.38 44.49
C GLU D 197 -23.88 20.31 43.75
N ASP D 198 -22.63 19.88 43.62
CA ASP D 198 -21.59 20.61 42.92
C ASP D 198 -21.94 20.78 41.45
N ILE D 199 -22.43 19.71 40.84
CA ILE D 199 -22.76 19.74 39.42
C ILE D 199 -24.02 20.55 39.12
N ARG D 200 -24.93 20.71 40.09
CA ARG D 200 -26.10 21.59 39.89
C ARG D 200 -25.70 23.05 40.05
N PHE D 201 -24.53 23.27 40.62
CA PHE D 201 -23.96 24.61 40.75
C PHE D 201 -23.36 24.94 39.41
N GLY D 202 -22.67 23.96 38.83
CA GLY D 202 -22.25 24.09 37.45
C GLY D 202 -23.44 24.39 36.54
N ILE D 203 -24.55 23.67 36.73
CA ILE D 203 -25.71 23.90 35.92
C ILE D 203 -26.14 25.34 36.10
N LYS D 204 -26.05 25.85 37.32
CA LYS D 204 -26.51 27.20 37.62
C LYS D 204 -25.65 28.26 36.92
N GLU D 205 -24.34 28.03 36.76
CA GLU D 205 -23.46 29.00 36.06
C GLU D 205 -23.18 28.70 34.58
N ASN D 206 -24.03 27.92 33.92
CA ASN D 206 -23.77 27.49 32.53
C ASN D 206 -22.31 27.10 32.29
N VAL D 207 -21.70 26.46 33.29
CA VAL D 207 -20.30 26.04 33.23
C VAL D 207 -20.12 25.09 32.01
N ASP D 208 -18.96 25.14 31.36
CA ASP D 208 -18.77 24.46 30.07
C ASP D 208 -18.41 22.97 30.14
N PHE D 209 -17.64 22.58 31.14
CA PHE D 209 -17.15 21.22 31.23
C PHE D 209 -17.26 20.67 32.64
N ILE D 210 -17.67 19.40 32.77
CA ILE D 210 -17.60 18.70 34.06
C ILE D 210 -16.70 17.47 33.95
N ALA D 211 -15.49 17.59 34.53
CA ALA D 211 -14.56 16.46 34.68
C ALA D 211 -15.03 15.64 35.86
N ALA D 212 -15.49 14.41 35.60
CA ALA D 212 -16.06 13.49 36.63
C ALA D 212 -14.97 12.59 37.17
N SER D 213 -14.92 12.44 38.50
CA SER D 213 -13.82 11.76 39.17
C SER D 213 -14.10 10.30 39.42
N PHE D 214 -12.99 9.56 39.45
CA PHE D 214 -13.00 8.11 39.68
C PHE D 214 -14.03 7.34 38.83
N VAL D 215 -14.25 7.79 37.60
CA VAL D 215 -15.18 7.09 36.75
C VAL D 215 -14.58 5.74 36.42
N ARG D 216 -15.45 4.77 36.17
CA ARG D 216 -14.99 3.39 35.96
C ARG D 216 -16.02 2.47 35.30
N ARG D 217 -17.27 2.88 35.24
CA ARG D 217 -18.21 2.21 34.36
C ARG D 217 -19.16 3.29 33.79
N PRO D 218 -19.88 2.96 32.70
CA PRO D 218 -20.82 3.90 32.07
C PRO D 218 -21.83 4.51 33.06
N SER D 219 -22.38 3.67 33.95
CA SER D 219 -23.28 4.11 35.01
C SER D 219 -22.84 5.44 35.54
N ASP D 220 -21.59 5.48 35.98
CA ASP D 220 -21.04 6.62 36.73
C ASP D 220 -21.15 7.93 35.96
N VAL D 221 -21.09 7.87 34.63
CA VAL D 221 -21.31 9.06 33.81
C VAL D 221 -22.81 9.34 33.70
N LEU D 222 -23.57 8.32 33.29
CA LEU D 222 -25.02 8.45 33.11
C LEU D 222 -25.68 9.15 34.30
N GLU D 223 -25.15 8.88 35.52
CA GLU D 223 -25.59 9.54 36.77
C GLU D 223 -25.39 11.04 36.70
N ILE D 224 -24.28 11.52 36.13
CA ILE D 224 -24.15 12.96 35.89
C ILE D 224 -25.09 13.41 34.78
N ARG D 225 -25.20 12.63 33.71
CA ARG D 225 -26.02 13.05 32.56
C ARG D 225 -27.52 13.08 32.81
N GLU D 226 -28.01 12.25 33.74
CA GLU D 226 -29.43 12.32 34.11
C GLU D 226 -29.74 13.60 34.94
N ILE D 227 -28.76 14.09 35.70
CA ILE D 227 -28.90 15.34 36.45
C ILE D 227 -28.87 16.51 35.48
N LEU D 228 -28.07 16.37 34.43
CA LEU D 228 -27.98 17.41 33.39
C LEU D 228 -29.27 17.47 32.59
N GLU D 229 -29.75 16.31 32.13
CA GLU D 229 -30.91 16.28 31.25
C GLU D 229 -32.17 16.85 31.91
N GLU D 230 -32.25 16.84 33.25
CA GLU D 230 -33.38 17.44 33.96
C GLU D 230 -33.51 18.93 33.70
N GLN D 231 -32.41 19.66 33.88
CA GLN D 231 -32.40 21.10 33.60
C GLN D 231 -32.01 21.41 32.15
N LYS D 232 -32.15 20.43 31.25
CA LYS D 232 -31.72 20.58 29.85
C LYS D 232 -30.40 21.34 29.84
N ALA D 233 -29.39 20.77 30.49
CA ALA D 233 -28.21 21.55 30.85
C ALA D 233 -27.28 21.85 29.67
N ASN D 234 -26.96 20.84 28.87
CA ASN D 234 -25.86 20.93 27.88
C ASN D 234 -24.50 21.38 28.47
N ILE D 235 -23.79 20.40 29.02
CA ILE D 235 -22.43 20.56 29.47
C ILE D 235 -21.67 19.31 29.04
N SER D 236 -20.40 19.47 28.69
CA SER D 236 -19.61 18.32 28.31
C SER D 236 -19.07 17.61 29.54
N VAL D 237 -19.19 16.28 29.53
CA VAL D 237 -18.78 15.47 30.66
C VAL D 237 -17.54 14.66 30.28
N PHE D 238 -16.51 14.80 31.12
CA PHE D 238 -15.17 14.25 30.86
C PHE D 238 -14.72 13.39 32.03
N PRO D 239 -14.82 12.06 31.91
CA PRO D 239 -14.41 11.13 32.95
C PRO D 239 -12.95 11.22 33.34
N LYS D 240 -12.61 10.78 34.56
CA LYS D 240 -11.23 10.82 35.01
C LYS D 240 -10.48 9.48 35.12
N ILE D 241 -11.06 8.35 34.72
CA ILE D 241 -10.30 7.08 34.58
C ILE D 241 -9.02 7.03 35.40
N GLU D 242 -9.11 6.49 36.62
CA GLU D 242 -7.96 6.43 37.57
C GLU D 242 -7.58 5.01 38.00
N ASN D 243 -8.25 3.99 37.47
CA ASN D 243 -7.95 2.62 37.86
C ASN D 243 -8.24 1.58 36.77
N GLN D 244 -7.89 0.32 37.06
CA GLN D 244 -8.02 -0.76 36.07
C GLN D 244 -9.41 -0.89 35.52
N GLU D 245 -10.41 -0.88 36.39
CA GLU D 245 -11.77 -1.04 35.92
C GLU D 245 -12.11 0.01 34.87
N GLY D 246 -11.54 1.21 35.02
CA GLY D 246 -11.77 2.30 34.05
C GLY D 246 -10.98 2.09 32.78
N ILE D 247 -9.71 1.73 32.92
CA ILE D 247 -8.85 1.38 31.77
C ILE D 247 -9.58 0.27 30.99
N ASP D 248 -9.95 -0.77 31.72
CA ASP D 248 -10.61 -1.92 31.12
C ASP D 248 -11.87 -1.52 30.36
N ASN D 249 -12.65 -0.58 30.89
CA ASN D 249 -13.91 -0.23 30.26
C ASN D 249 -13.82 1.02 29.41
N ILE D 250 -12.65 1.31 28.86
CA ILE D 250 -12.47 2.59 28.22
C ILE D 250 -13.42 2.85 27.05
N GLU D 251 -13.70 1.82 26.26
CA GLU D 251 -14.55 2.01 25.10
C GLU D 251 -15.97 2.33 25.49
N GLU D 252 -16.50 1.58 26.45
CA GLU D 252 -17.89 1.73 26.89
C GLU D 252 -18.13 3.05 27.63
N ILE D 253 -17.07 3.61 28.23
CA ILE D 253 -17.16 4.86 28.97
C ILE D 253 -17.24 6.00 27.99
N LEU D 254 -16.32 5.99 27.03
CA LEU D 254 -16.33 6.94 25.94
C LEU D 254 -17.65 6.88 25.17
N GLU D 255 -18.17 5.69 24.92
CA GLU D 255 -19.46 5.56 24.27
C GLU D 255 -20.45 6.60 24.84
N VAL D 256 -20.41 6.75 26.17
CA VAL D 256 -21.37 7.55 26.91
C VAL D 256 -20.84 8.93 27.27
N SER D 257 -19.56 9.21 27.00
CA SER D 257 -18.94 10.46 27.45
C SER D 257 -18.69 11.43 26.32
N ASP D 258 -18.50 12.69 26.66
CA ASP D 258 -18.24 13.74 25.68
C ASP D 258 -16.74 14.00 25.54
N GLY D 259 -15.91 13.34 26.34
CA GLY D 259 -14.46 13.59 26.27
C GLY D 259 -13.74 12.71 27.26
N LEU D 260 -12.55 13.11 27.72
CA LEU D 260 -11.81 12.32 28.72
C LEU D 260 -10.61 13.02 29.40
N MET D 261 -10.34 12.63 30.64
CA MET D 261 -9.18 13.14 31.34
C MET D 261 -8.30 11.99 31.78
N VAL D 262 -7.00 12.17 31.67
CA VAL D 262 -6.04 11.19 32.12
C VAL D 262 -5.21 11.81 33.26
N ALA D 263 -5.63 11.47 34.48
CA ALA D 263 -4.95 11.84 35.71
C ALA D 263 -3.88 10.81 35.96
N ARG D 264 -2.62 11.17 35.69
CA ARG D 264 -1.50 10.20 35.84
C ARG D 264 -1.09 9.96 37.29
N GLY D 265 -1.03 11.03 38.07
CA GLY D 265 -0.74 10.92 39.50
C GLY D 265 -1.62 9.89 40.18
N ASP D 266 -2.92 10.08 40.02
CA ASP D 266 -3.93 9.21 40.61
C ASP D 266 -3.80 7.77 40.09
N MET D 267 -3.51 7.64 38.82
CA MET D 267 -3.37 6.35 38.17
C MET D 267 -2.15 5.60 38.68
N GLY D 268 -1.08 6.37 38.94
CA GLY D 268 0.20 5.83 39.32
C GLY D 268 0.22 5.20 40.70
N VAL D 269 -0.87 5.35 41.44
CA VAL D 269 -1.07 4.66 42.71
C VAL D 269 -1.55 3.21 42.50
N GLU D 270 -2.61 3.03 41.69
CA GLU D 270 -3.24 1.72 41.48
C GLU D 270 -2.55 0.88 40.40
N ILE D 271 -1.89 1.52 39.44
CA ILE D 271 -1.12 0.77 38.43
C ILE D 271 0.28 1.34 38.37
N PRO D 272 1.28 0.45 38.27
CA PRO D 272 2.69 0.81 38.41
C PRO D 272 3.16 1.98 37.56
N PRO D 273 3.86 2.96 38.16
CA PRO D 273 4.48 4.03 37.38
C PRO D 273 5.06 3.52 36.04
N GLU D 274 5.86 2.46 36.11
CA GLU D 274 6.51 1.84 34.94
C GLU D 274 5.58 1.59 33.77
N LYS D 275 4.30 1.33 34.03
CA LYS D 275 3.37 0.93 32.98
C LYS D 275 2.50 2.06 32.48
N VAL D 276 2.41 3.15 33.24
CA VAL D 276 1.43 4.25 32.96
C VAL D 276 1.58 4.86 31.58
N PRO D 277 2.82 5.14 31.14
CA PRO D 277 2.99 5.79 29.86
C PRO D 277 2.41 4.98 28.74
N MET D 278 2.50 3.66 28.83
CA MET D 278 1.94 2.81 27.80
C MET D 278 0.41 2.84 27.84
N VAL D 279 -0.11 2.84 29.04
CA VAL D 279 -1.54 2.93 29.23
C VAL D 279 -2.07 4.25 28.71
N GLN D 280 -1.34 5.31 29.01
CA GLN D 280 -1.72 6.65 28.60
C GLN D 280 -1.87 6.65 27.10
N LYS D 281 -0.80 6.27 26.40
CA LYS D 281 -0.81 6.16 24.95
C LYS D 281 -2.09 5.50 24.50
N ASP D 282 -2.39 4.33 25.06
CA ASP D 282 -3.51 3.59 24.53
C ASP D 282 -4.89 4.20 24.81
N LEU D 283 -4.97 5.03 25.83
CA LEU D 283 -6.22 5.71 26.15
C LEU D 283 -6.41 6.79 25.12
N ILE D 284 -5.39 7.64 24.99
CA ILE D 284 -5.42 8.79 24.09
C ILE D 284 -5.74 8.31 22.68
N ARG D 285 -5.12 7.20 22.31
CA ARG D 285 -5.38 6.54 21.04
C ARG D 285 -6.87 6.27 20.88
N GLN D 286 -7.48 5.71 21.91
CA GLN D 286 -8.88 5.31 21.84
C GLN D 286 -9.86 6.49 21.82
N CYS D 287 -9.33 7.69 22.10
CA CYS D 287 -10.15 8.90 22.08
C CYS D 287 -10.03 9.53 20.71
N ASN D 288 -8.80 9.64 20.23
CA ASN D 288 -8.54 10.03 18.86
C ASN D 288 -9.38 9.16 17.93
N LYS D 289 -9.51 7.87 18.19
CA LYS D 289 -10.35 7.03 17.34
C LYS D 289 -11.77 7.57 17.19
N LEU D 290 -12.42 7.90 18.30
CA LEU D 290 -13.82 8.36 18.30
C LEU D 290 -14.00 9.89 18.24
N GLY D 291 -12.89 10.62 18.15
CA GLY D 291 -12.90 12.08 18.03
C GLY D 291 -13.28 12.84 19.28
N LYS D 292 -13.10 12.19 20.44
CA LYS D 292 -13.39 12.81 21.74
C LYS D 292 -12.11 13.45 22.21
N PRO D 293 -12.21 14.69 22.67
CA PRO D 293 -11.05 15.39 23.21
C PRO D 293 -10.48 14.70 24.45
N VAL D 294 -9.17 14.77 24.60
CA VAL D 294 -8.50 14.20 25.74
C VAL D 294 -7.61 15.21 26.40
N ILE D 295 -7.72 15.29 27.74
CA ILE D 295 -6.87 16.19 28.52
C ILE D 295 -5.89 15.36 29.23
N THR D 296 -4.62 15.64 29.06
CA THR D 296 -3.61 14.93 29.79
C THR D 296 -3.31 15.76 31.01
N ALA D 297 -3.32 15.08 32.17
CA ALA D 297 -3.47 15.75 33.45
C ALA D 297 -2.41 15.36 34.44
N THR D 298 -1.98 16.35 35.25
CA THR D 298 -1.14 16.14 36.46
C THR D 298 0.29 15.85 36.12
N GLN D 299 1.19 16.18 37.02
CA GLN D 299 2.63 15.87 36.87
C GLN D 299 3.25 16.41 35.60
N MET D 300 2.74 17.55 35.13
CA MET D 300 3.27 18.14 33.92
C MET D 300 4.50 18.94 34.29
N LEU D 301 4.30 20.13 34.87
CA LEU D 301 5.42 21.02 35.21
C LEU D 301 5.46 21.32 36.73
N ASP D 302 5.25 20.29 37.53
CA ASP D 302 5.02 20.47 38.96
C ASP D 302 6.13 21.28 39.65
N SER D 303 7.37 21.17 39.19
CA SER D 303 8.48 21.92 39.79
C SER D 303 8.42 23.43 39.54
N MET D 304 7.42 23.89 38.83
CA MET D 304 7.26 25.32 38.59
C MET D 304 6.27 25.99 39.58
N GLN D 305 5.86 25.23 40.60
CA GLN D 305 5.25 25.80 41.80
C GLN D 305 6.35 26.59 42.49
N ARG D 306 7.54 25.99 42.57
CA ARG D 306 8.68 26.52 43.32
C ARG D 306 9.69 27.27 42.44
N ASN D 307 9.95 26.76 41.23
CA ASN D 307 10.96 27.34 40.32
C ASN D 307 10.37 28.08 39.12
N PRO D 308 11.16 29.03 38.55
CA PRO D 308 10.73 29.80 37.38
C PRO D 308 10.94 29.10 36.03
N ARG D 309 11.58 27.92 36.03
CA ARG D 309 11.70 27.14 34.80
C ARG D 309 11.69 25.65 35.06
N ALA D 310 11.03 24.91 34.17
CA ALA D 310 10.80 23.48 34.37
C ALA D 310 12.03 22.67 34.03
N THR D 311 12.08 21.47 34.60
CA THR D 311 13.20 20.59 34.40
C THR D 311 13.02 19.84 33.10
N ARG D 312 14.13 19.38 32.56
CA ARG D 312 14.13 18.61 31.34
C ARG D 312 13.14 17.44 31.38
N ALA D 313 13.22 16.65 32.44
CA ALA D 313 12.35 15.48 32.60
C ALA D 313 10.90 15.90 32.45
N GLU D 314 10.57 17.08 33.00
CA GLU D 314 9.22 17.60 32.93
C GLU D 314 8.89 18.00 31.51
N ALA D 315 9.81 18.71 30.85
CA ALA D 315 9.58 19.09 29.43
C ALA D 315 9.29 17.86 28.55
N SER D 316 10.16 16.88 28.66
CA SER D 316 9.99 15.60 27.95
C SER D 316 8.57 15.08 28.13
N ASP D 317 8.15 15.03 29.38
CA ASP D 317 6.85 14.52 29.73
C ASP D 317 5.81 15.21 28.86
N VAL D 318 5.84 16.54 28.87
CA VAL D 318 4.80 17.33 28.22
C VAL D 318 4.79 17.01 26.75
N ALA D 319 5.97 17.00 26.14
CA ALA D 319 6.06 16.67 24.70
C ALA D 319 5.42 15.32 24.45
N ASN D 320 5.86 14.27 25.12
CA ASN D 320 5.26 12.96 24.91
C ASN D 320 3.77 13.06 24.95
N ALA D 321 3.25 13.94 25.81
CA ALA D 321 1.82 14.13 25.93
C ALA D 321 1.26 14.49 24.58
N ILE D 322 2.02 15.31 23.86
CA ILE D 322 1.62 15.79 22.55
C ILE D 322 1.81 14.72 21.50
N TYR D 323 3.00 14.12 21.43
CA TYR D 323 3.25 13.05 20.47
C TYR D 323 2.25 11.89 20.62
N ASP D 324 1.80 11.65 21.85
CA ASP D 324 0.81 10.60 22.11
C ASP D 324 -0.54 10.96 21.51
N GLY D 325 -0.87 12.26 21.49
CA GLY D 325 -2.02 12.75 20.72
C GLY D 325 -3.08 13.51 21.48
N THR D 326 -2.65 14.31 22.43
CA THR D 326 -3.58 14.89 23.38
C THR D 326 -4.21 16.11 22.78
N ASP D 327 -5.53 16.25 22.93
CA ASP D 327 -6.16 17.47 22.48
C ASP D 327 -5.70 18.56 23.44
N ALA D 328 -5.39 18.22 24.70
CA ALA D 328 -5.06 19.28 25.67
C ALA D 328 -4.12 18.95 26.84
N VAL D 329 -3.53 19.98 27.40
CA VAL D 329 -2.58 19.82 28.48
C VAL D 329 -3.00 20.62 29.71
N MET D 330 -2.91 20.04 30.91
CA MET D 330 -3.45 20.68 32.13
C MET D 330 -2.39 21.05 33.15
N LEU D 331 -2.50 22.26 33.68
CA LEU D 331 -1.67 22.65 34.81
C LEU D 331 -2.50 22.61 36.09
N SER D 332 -2.01 21.90 37.12
CA SER D 332 -2.71 21.83 38.41
C SER D 332 -2.19 22.91 39.36
N GLY D 333 -1.39 22.51 40.35
CA GLY D 333 -0.92 23.43 41.41
C GLY D 333 -0.03 24.56 40.92
N GLU D 334 0.68 24.32 39.83
CA GLU D 334 1.54 25.33 39.20
C GLU D 334 0.86 26.70 39.08
N THR D 335 -0.41 26.70 38.68
CA THR D 335 -1.17 27.93 38.46
C THR D 335 -2.07 28.30 39.65
N ALA D 336 -2.50 27.32 40.42
CA ALA D 336 -3.47 27.57 41.50
C ALA D 336 -2.79 28.09 42.80
N ALA D 337 -1.71 27.44 43.19
CA ALA D 337 -0.99 27.86 44.38
C ALA D 337 0.51 27.73 44.20
N GLY D 338 1.01 28.22 43.06
CA GLY D 338 2.44 28.19 42.76
C GLY D 338 2.95 29.61 42.68
N LEU D 339 4.26 29.78 42.87
CA LEU D 339 4.88 31.12 42.91
C LEU D 339 5.03 31.65 41.49
N TYR D 340 5.20 30.73 40.56
CA TYR D 340 5.27 31.09 39.16
C TYR D 340 4.08 30.43 38.51
N PRO D 341 3.08 31.24 38.11
CA PRO D 341 1.95 30.76 37.36
C PRO D 341 2.01 31.18 35.87
N GLU D 342 2.06 32.48 35.60
CA GLU D 342 2.25 32.98 34.23
C GLU D 342 3.37 32.19 33.56
N GLU D 343 4.52 32.15 34.20
CA GLU D 343 5.68 31.47 33.64
C GLU D 343 5.31 30.03 33.30
N ALA D 344 4.63 29.39 34.24
CA ALA D 344 4.13 28.04 34.05
C ALA D 344 3.26 27.86 32.77
N VAL D 345 2.47 28.87 32.43
CA VAL D 345 1.60 28.80 31.27
C VAL D 345 2.38 29.14 29.99
N LYS D 346 3.10 30.24 30.03
CA LYS D 346 4.02 30.62 28.98
C LYS D 346 4.93 29.44 28.60
N THR D 347 5.53 28.79 29.58
CA THR D 347 6.39 27.66 29.29
C THR D 347 5.61 26.49 28.70
N MET D 348 4.38 26.28 29.17
CA MET D 348 3.56 25.19 28.73
C MET D 348 3.34 25.37 27.27
N ARG D 349 3.13 26.62 26.90
CA ARG D 349 2.88 26.98 25.52
C ARG D 349 4.09 26.72 24.65
N ASN D 350 5.21 27.29 25.03
CA ASN D 350 6.42 27.13 24.27
C ASN D 350 6.72 25.67 23.95
N ILE D 351 6.61 24.80 24.96
CA ILE D 351 6.91 23.38 24.76
C ILE D 351 5.95 22.85 23.74
N ALA D 352 4.68 23.21 23.89
CA ALA D 352 3.64 22.84 22.93
C ALA D 352 4.08 23.17 21.50
N VAL D 353 4.29 24.46 21.23
CA VAL D 353 4.60 24.90 19.87
C VAL D 353 5.84 24.22 19.30
N SER D 354 6.87 24.02 20.14
CA SER D 354 8.11 23.34 19.73
C SER D 354 7.87 21.88 19.39
N ALA D 355 7.16 21.21 20.29
CA ALA D 355 6.90 19.81 20.17
C ALA D 355 6.11 19.53 18.92
N GLU D 356 5.30 20.51 18.53
CA GLU D 356 4.42 20.36 17.39
C GLU D 356 5.22 20.62 16.15
N ALA D 357 5.92 21.75 16.16
CA ALA D 357 6.74 22.16 15.05
C ALA D 357 7.47 20.97 14.43
N ALA D 358 8.06 20.13 15.27
CA ALA D 358 8.85 19.02 14.79
C ALA D 358 8.06 17.72 14.89
N GLN D 359 6.92 17.65 14.20
CA GLN D 359 6.21 16.37 14.03
C GLN D 359 5.62 16.27 12.64
N ASP D 360 5.40 15.05 12.19
CA ASP D 360 5.08 14.80 10.79
C ASP D 360 3.60 14.65 10.53
N TYR D 361 2.97 15.68 9.97
CA TYR D 361 1.51 15.63 9.77
C TYR D 361 1.06 14.61 8.71
N LYS D 362 2.01 14.04 8.00
CA LYS D 362 1.75 12.96 7.07
C LYS D 362 1.52 11.69 7.86
N LYS D 363 2.46 11.39 8.77
CA LYS D 363 2.36 10.25 9.70
C LYS D 363 1.10 10.38 10.52
N LEU D 364 0.89 11.57 11.09
CA LEU D 364 -0.26 11.80 11.96
C LEU D 364 -1.53 11.45 11.23
N LEU D 365 -1.62 11.85 9.96
CA LEU D 365 -2.78 11.53 9.12
C LEU D 365 -2.78 10.06 8.81
N SER D 366 -1.66 9.57 8.30
CA SER D 366 -1.52 8.16 7.97
C SER D 366 -1.99 7.23 9.11
N ASP D 367 -1.58 7.55 10.34
CA ASP D 367 -2.08 6.87 11.55
C ASP D 367 -3.60 6.91 11.72
N ARG D 368 -4.19 8.09 11.62
CA ARG D 368 -5.65 8.23 11.74
C ARG D 368 -6.41 7.63 10.57
N THR D 369 -5.84 7.65 9.38
CA THR D 369 -6.52 7.11 8.23
C THR D 369 -6.85 5.65 8.45
N LYS D 370 -5.88 4.91 8.99
CA LYS D 370 -6.06 3.48 9.29
C LYS D 370 -6.97 3.22 10.51
N LEU D 371 -6.80 4.07 11.53
CA LEU D 371 -7.36 3.88 12.89
C LEU D 371 -8.90 4.10 13.00
N VAL D 372 -9.42 5.16 12.39
CA VAL D 372 -10.87 5.47 12.40
C VAL D 372 -11.70 4.70 11.33
N GLU D 373 -13.01 4.68 11.55
CA GLU D 373 -13.92 3.82 10.83
C GLU D 373 -14.48 4.52 9.60
N THR D 374 -15.15 3.75 8.74
CA THR D 374 -15.84 4.29 7.58
C THR D 374 -17.28 4.68 7.96
N SER D 375 -17.62 5.94 7.71
CA SER D 375 -18.96 6.50 7.94
C SER D 375 -19.17 7.72 7.04
N LEU D 376 -20.42 8.06 6.79
CA LEU D 376 -20.75 9.27 6.03
C LEU D 376 -19.99 10.49 6.55
N VAL D 377 -20.01 10.68 7.87
CA VAL D 377 -19.38 11.85 8.49
C VAL D 377 -17.87 11.79 8.34
N ASN D 378 -17.32 10.59 8.56
CA ASN D 378 -15.86 10.43 8.50
C ASN D 378 -15.33 10.52 7.08
N ALA D 379 -16.17 10.15 6.11
CA ALA D 379 -15.82 10.30 4.69
C ALA D 379 -15.33 11.72 4.46
N ILE D 380 -16.17 12.66 4.86
CA ILE D 380 -15.83 14.06 4.70
C ILE D 380 -14.59 14.45 5.48
N GLY D 381 -14.43 13.85 6.65
CA GLY D 381 -13.20 14.08 7.42
C GLY D 381 -11.95 13.67 6.67
N ILE D 382 -11.91 12.42 6.24
CA ILE D 382 -10.76 11.92 5.45
C ILE D 382 -10.57 12.69 4.11
N SER D 383 -11.67 13.10 3.48
CA SER D 383 -11.52 13.92 2.30
C SER D 383 -10.83 15.22 2.71
N VAL D 384 -11.41 15.95 3.63
CA VAL D 384 -10.83 17.24 4.01
C VAL D 384 -9.36 17.10 4.52
N ALA D 385 -9.06 15.99 5.19
CA ALA D 385 -7.69 15.72 5.63
C ALA D 385 -6.70 15.62 4.47
N HIS D 386 -6.92 14.63 3.60
CA HIS D 386 -6.01 14.35 2.50
C HIS D 386 -5.85 15.58 1.66
N THR D 387 -6.99 16.15 1.31
CA THR D 387 -7.02 17.32 0.48
C THR D 387 -6.21 18.44 1.04
N ALA D 388 -6.39 18.73 2.32
CA ALA D 388 -5.65 19.82 2.95
C ALA D 388 -4.15 19.58 2.90
N LEU D 389 -3.73 18.35 3.18
CA LEU D 389 -2.31 17.98 3.06
C LEU D 389 -1.73 18.09 1.62
N ASN D 390 -2.48 17.57 0.64
CA ASN D 390 -1.99 17.52 -0.75
C ASN D 390 -1.87 18.90 -1.36
N LEU D 391 -2.91 19.70 -1.15
CA LEU D 391 -3.03 20.98 -1.81
C LEU D 391 -2.46 22.07 -0.94
N ASN D 392 -2.02 21.68 0.26
CA ASN D 392 -1.33 22.57 1.18
C ASN D 392 -2.22 23.77 1.45
N VAL D 393 -3.43 23.50 1.92
CA VAL D 393 -4.41 24.54 2.23
C VAL D 393 -4.03 25.29 3.52
N LYS D 394 -4.21 26.60 3.53
CA LYS D 394 -3.85 27.42 4.68
C LYS D 394 -4.82 27.26 5.87
N ALA D 395 -6.08 26.95 5.59
CA ALA D 395 -7.07 26.89 6.67
C ALA D 395 -8.32 26.12 6.27
N ILE D 396 -8.84 25.34 7.22
CA ILE D 396 -10.10 24.63 7.09
C ILE D 396 -11.13 25.31 7.99
N VAL D 397 -12.12 25.93 7.39
CA VAL D 397 -13.10 26.71 8.13
C VAL D 397 -14.30 25.79 8.28
N ALA D 398 -14.60 25.45 9.54
CA ALA D 398 -15.59 24.45 9.89
C ALA D 398 -16.79 25.15 10.45
N ALA D 399 -17.93 25.09 9.73
CA ALA D 399 -19.16 25.75 10.15
C ALA D 399 -19.99 24.77 10.96
N THR D 400 -20.16 25.08 12.24
CA THR D 400 -20.84 24.20 13.19
C THR D 400 -21.80 24.98 14.03
N GLU D 401 -22.83 24.30 14.50
CA GLU D 401 -23.74 24.83 15.50
C GLU D 401 -23.45 24.16 16.83
N SER D 402 -23.26 22.84 16.80
CA SER D 402 -22.91 22.06 17.98
C SER D 402 -21.41 22.02 18.26
N GLY D 403 -20.63 21.73 17.23
CA GLY D 403 -19.20 21.58 17.38
C GLY D 403 -18.70 20.27 16.78
N SER D 404 -19.59 19.31 16.51
CA SER D 404 -19.16 18.02 15.93
C SER D 404 -18.44 18.09 14.57
N THR D 405 -18.75 19.05 13.70
CA THR D 405 -17.95 19.14 12.49
C THR D 405 -16.55 19.45 12.93
N ALA D 406 -16.35 20.54 13.65
CA ALA D 406 -15.00 20.94 14.14
C ALA D 406 -14.22 19.76 14.68
N ARG D 407 -14.92 18.85 15.36
CA ARG D 407 -14.29 17.67 15.93
C ARG D 407 -14.04 16.63 14.86
N THR D 408 -15.06 16.33 14.04
CA THR D 408 -14.84 15.42 12.91
C THR D 408 -13.58 15.81 12.15
N ILE D 409 -13.38 17.11 11.88
CA ILE D 409 -12.15 17.58 11.23
C ILE D 409 -10.91 17.47 12.12
N SER D 410 -11.06 17.69 13.43
CA SER D 410 -9.89 17.78 14.30
C SER D 410 -9.29 16.41 14.55
N LYS D 411 -10.10 15.37 14.43
CA LYS D 411 -9.61 14.04 14.80
C LYS D 411 -8.50 13.56 13.86
N TYR D 412 -8.62 13.94 12.59
CA TYR D 412 -7.65 13.58 11.53
C TYR D 412 -6.40 14.41 11.56
N ARG D 413 -6.37 15.42 12.42
CA ARG D 413 -5.14 16.14 12.76
C ARG D 413 -4.40 16.68 11.53
N PRO D 414 -4.95 17.71 10.89
CA PRO D 414 -4.25 18.19 9.72
C PRO D 414 -3.46 19.44 10.03
N HIS D 415 -2.43 19.71 9.21
CA HIS D 415 -1.54 20.85 9.45
C HIS D 415 -2.33 22.11 9.46
N SER D 416 -3.28 22.17 8.53
CA SER D 416 -4.10 23.35 8.32
C SER D 416 -4.70 23.80 9.61
N ASP D 417 -4.78 25.10 9.81
CA ASP D 417 -5.45 25.63 10.98
C ASP D 417 -6.92 25.29 10.85
N ILE D 418 -7.56 24.96 11.96
CA ILE D 418 -8.99 24.76 11.94
C ILE D 418 -9.66 26.03 12.50
N ILE D 419 -10.79 26.43 11.91
CA ILE D 419 -11.52 27.63 12.29
C ILE D 419 -12.97 27.20 12.44
N ALA D 420 -13.46 27.21 13.68
CA ALA D 420 -14.83 26.81 13.97
C ALA D 420 -15.74 28.04 14.02
N VAL D 421 -16.39 28.36 12.89
CA VAL D 421 -17.35 29.45 12.87
C VAL D 421 -18.68 28.92 13.32
N THR D 422 -19.19 29.58 14.37
CA THR D 422 -20.40 29.16 15.05
C THR D 422 -21.30 30.35 15.49
N PRO D 423 -22.62 30.12 15.55
CA PRO D 423 -23.46 31.16 16.10
C PRO D 423 -23.58 31.06 17.62
N SER D 424 -23.30 29.88 18.18
CA SER D 424 -23.44 29.60 19.62
C SER D 424 -22.20 29.95 20.43
N GLU D 425 -22.40 30.83 21.41
CA GLU D 425 -21.33 31.31 22.29
C GLU D 425 -20.84 30.20 23.22
N GLU D 426 -21.74 29.29 23.62
CA GLU D 426 -21.30 28.14 24.38
C GLU D 426 -20.55 27.12 23.52
N THR D 427 -21.05 26.81 22.33
CA THR D 427 -20.34 25.80 21.55
C THR D 427 -18.98 26.34 21.12
N ALA D 428 -18.85 27.66 21.02
CA ALA D 428 -17.52 28.24 20.86
C ALA D 428 -16.62 27.74 22.02
N ARG D 429 -17.04 27.98 23.25
CA ARG D 429 -16.27 27.56 24.42
C ARG D 429 -16.13 26.04 24.52
N GLN D 430 -17.10 25.32 23.95
CA GLN D 430 -17.00 23.86 23.85
C GLN D 430 -15.75 23.45 23.01
N CYS D 431 -15.34 24.35 22.11
CA CYS D 431 -14.28 24.03 21.16
C CYS D 431 -12.93 24.45 21.61
N SER D 432 -12.90 25.37 22.57
CA SER D 432 -11.61 25.88 23.08
C SER D 432 -10.69 24.76 23.51
N ILE D 433 -11.26 23.62 23.94
CA ILE D 433 -10.43 22.47 24.30
C ILE D 433 -10.03 21.54 23.20
N VAL D 434 -10.70 21.64 22.05
CA VAL D 434 -10.43 20.75 20.93
C VAL D 434 -9.16 21.12 20.20
N TRP D 435 -8.37 20.11 19.92
CA TRP D 435 -7.14 20.24 19.14
C TRP D 435 -7.34 20.91 17.79
N GLY D 436 -6.46 21.87 17.51
CA GLY D 436 -6.41 22.58 16.26
C GLY D 436 -7.42 23.70 16.11
N VAL D 437 -8.59 23.54 16.73
CA VAL D 437 -9.73 24.44 16.47
C VAL D 437 -9.62 25.81 17.14
N GLN D 438 -9.65 26.86 16.32
CA GLN D 438 -9.74 28.24 16.82
C GLN D 438 -11.12 28.73 16.44
N PRO D 439 -11.98 28.92 17.44
CA PRO D 439 -13.38 29.25 17.22
C PRO D 439 -13.68 30.75 17.09
N VAL D 440 -14.56 31.13 16.16
CA VAL D 440 -15.13 32.49 16.12
C VAL D 440 -16.63 32.37 16.17
N VAL D 441 -17.29 33.42 16.63
CA VAL D 441 -18.74 33.44 16.78
C VAL D 441 -19.32 34.48 15.84
N LYS D 442 -19.83 34.03 14.69
CA LYS D 442 -20.48 34.90 13.69
C LYS D 442 -21.93 34.49 13.60
N LYS D 443 -22.81 35.48 13.52
CA LYS D 443 -24.24 35.24 13.58
C LYS D 443 -24.70 34.51 12.35
N GLY D 444 -25.57 33.53 12.55
CA GLY D 444 -25.84 32.51 11.55
C GLY D 444 -26.44 33.00 10.25
N ARG D 445 -25.95 32.45 9.14
CA ARG D 445 -26.57 32.69 7.84
C ARG D 445 -27.68 31.68 7.68
N LYS D 446 -28.42 31.76 6.60
CA LYS D 446 -29.38 30.70 6.30
C LYS D 446 -28.89 29.86 5.14
N SER D 447 -28.83 30.45 3.96
CA SER D 447 -28.50 29.70 2.74
C SER D 447 -27.01 29.34 2.68
N THR D 448 -26.72 28.20 2.08
CA THR D 448 -25.37 27.73 1.90
C THR D 448 -24.51 28.79 1.26
N ASP D 449 -25.07 29.49 0.27
CA ASP D 449 -24.26 30.41 -0.49
C ASP D 449 -23.73 31.52 0.39
N ALA D 450 -24.56 31.98 1.31
CA ALA D 450 -24.13 32.95 2.34
C ALA D 450 -23.13 32.27 3.30
N LEU D 451 -23.47 31.08 3.75
CA LEU D 451 -22.58 30.30 4.62
C LEU D 451 -21.15 30.32 4.07
N LEU D 452 -21.04 30.00 2.79
CA LEU D 452 -19.74 29.89 2.18
C LEU D 452 -19.05 31.23 2.23
N ASN D 453 -19.76 32.28 1.84
CA ASN D 453 -19.15 33.61 1.74
C ASN D 453 -18.75 34.15 3.09
N ASN D 454 -19.54 33.83 4.11
CA ASN D 454 -19.17 34.17 5.46
C ASN D 454 -17.86 33.46 5.80
N ALA D 455 -17.82 32.13 5.65
CA ALA D 455 -16.60 31.37 5.89
C ALA D 455 -15.39 32.17 5.41
N VAL D 456 -15.38 32.43 4.10
CA VAL D 456 -14.26 33.10 3.46
C VAL D 456 -13.92 34.39 4.22
N ALA D 457 -14.95 35.19 4.47
CA ALA D 457 -14.84 36.44 5.25
C ALA D 457 -14.12 36.17 6.56
N THR D 458 -14.68 35.23 7.32
CA THR D 458 -14.19 34.95 8.64
C THR D 458 -12.76 34.51 8.62
N ALA D 459 -12.39 33.79 7.59
CA ALA D 459 -11.06 33.26 7.47
C ALA D 459 -10.10 34.42 7.34
N VAL D 460 -10.49 35.43 6.60
CA VAL D 460 -9.56 36.48 6.25
C VAL D 460 -9.43 37.39 7.44
N GLU D 461 -10.56 37.60 8.12
CA GLU D 461 -10.64 38.57 9.21
C GLU D 461 -9.82 38.09 10.40
N THR D 462 -9.48 36.81 10.40
CA THR D 462 -8.57 36.29 11.42
C THR D 462 -7.12 36.70 11.15
N GLY D 463 -6.83 37.10 9.91
CA GLY D 463 -5.49 37.46 9.50
C GLY D 463 -4.69 36.23 9.14
N ARG D 464 -5.34 35.08 9.22
CA ARG D 464 -4.69 33.79 9.08
C ARG D 464 -4.56 33.40 7.60
N VAL D 465 -5.44 33.95 6.76
CA VAL D 465 -5.42 33.73 5.30
C VAL D 465 -5.53 35.09 4.57
N THR D 466 -4.79 35.26 3.47
CA THR D 466 -4.97 36.40 2.56
C THR D 466 -5.30 35.88 1.16
N ASN D 467 -5.03 36.68 0.11
CA ASN D 467 -5.54 36.37 -1.23
C ASN D 467 -4.92 35.19 -1.93
N GLY D 468 -3.62 35.02 -1.80
CA GLY D 468 -2.99 33.88 -2.44
C GLY D 468 -3.53 32.52 -2.02
N ASP D 469 -4.28 32.46 -0.91
CA ASP D 469 -4.38 31.24 -0.12
C ASP D 469 -5.51 30.31 -0.52
N LEU D 470 -5.36 29.05 -0.12
CA LEU D 470 -6.36 28.01 -0.33
C LEU D 470 -7.04 27.66 0.97
N ILE D 471 -8.36 27.57 0.88
CA ILE D 471 -9.20 27.44 2.05
C ILE D 471 -10.12 26.31 1.73
N ILE D 472 -10.40 25.48 2.72
CA ILE D 472 -11.39 24.45 2.54
C ILE D 472 -12.52 24.74 3.51
N ILE D 473 -13.76 24.64 3.03
CA ILE D 473 -14.91 25.07 3.78
C ILE D 473 -15.79 23.87 3.95
N THR D 474 -15.85 23.32 5.16
CA THR D 474 -16.70 22.18 5.43
C THR D 474 -17.76 22.60 6.39
N ALA D 475 -18.93 21.98 6.27
CA ALA D 475 -20.14 22.37 7.01
C ALA D 475 -21.25 21.35 6.79
N GLY D 476 -22.33 21.49 7.54
CA GLY D 476 -23.43 20.52 7.49
C GLY D 476 -24.70 21.14 6.96
N VAL D 477 -24.88 21.06 5.64
CA VAL D 477 -26.00 21.71 4.96
C VAL D 477 -27.09 20.72 4.51
N PRO D 478 -28.36 21.18 4.47
CA PRO D 478 -28.83 22.48 4.97
C PRO D 478 -28.71 22.57 6.51
N THR D 479 -28.55 23.78 7.03
CA THR D 479 -28.19 23.96 8.44
C THR D 479 -29.34 23.69 9.43
N GLY D 480 -30.55 23.44 8.92
CA GLY D 480 -31.68 22.97 9.74
C GLY D 480 -31.40 21.68 10.49
N GLU D 481 -31.48 20.54 9.78
CA GLU D 481 -31.19 19.22 10.36
C GLU D 481 -29.81 19.16 10.99
N THR D 482 -28.85 19.75 10.28
CA THR D 482 -27.43 19.75 10.67
C THR D 482 -26.96 18.37 11.15
N GLY D 483 -26.83 18.13 12.46
CA GLY D 483 -26.44 16.82 13.00
C GLY D 483 -25.09 16.34 12.49
N THR D 484 -25.07 15.76 11.29
CA THR D 484 -23.84 15.36 10.61
C THR D 484 -23.32 16.52 9.77
N THR D 485 -22.01 16.48 9.49
CA THR D 485 -21.39 17.34 8.50
C THR D 485 -21.35 16.57 7.18
N ASN D 486 -21.76 17.22 6.10
CA ASN D 486 -21.99 16.49 4.85
C ASN D 486 -21.48 17.15 3.57
N MET D 487 -20.62 18.16 3.68
CA MET D 487 -20.04 18.74 2.47
C MET D 487 -18.77 19.55 2.67
N MET D 488 -18.01 19.70 1.57
CA MET D 488 -16.82 20.53 1.54
C MET D 488 -16.70 21.26 0.19
N LYS D 489 -16.14 22.48 0.27
CA LYS D 489 -15.77 23.27 -0.88
C LYS D 489 -14.29 23.68 -0.75
N ILE D 490 -13.55 23.56 -1.86
CA ILE D 490 -12.17 24.05 -1.90
C ILE D 490 -12.27 25.42 -2.52
N HIS D 491 -11.51 26.40 -1.98
CA HIS D 491 -11.71 27.81 -2.35
C HIS D 491 -10.42 28.56 -2.32
N LEU D 492 -10.09 29.20 -3.48
CA LEU D 492 -8.88 30.04 -3.63
C LEU D 492 -9.30 31.46 -3.41
N VAL D 493 -8.72 32.15 -2.42
CA VAL D 493 -9.26 33.41 -1.88
C VAL D 493 -9.11 34.58 -2.87
N GLY D 494 -9.90 34.53 -3.94
CA GLY D 494 -9.91 35.54 -5.01
C GLY D 494 -8.52 35.73 -5.59
N ASP D 495 -8.37 36.68 -6.52
CA ASP D 495 -9.47 37.31 -7.22
C ASP D 495 -8.99 37.87 -8.56
N GLU D 496 -8.23 37.06 -9.29
CA GLU D 496 -7.78 37.31 -10.67
C GLU D 496 -7.62 38.76 -11.13
N ILE D 497 -6.38 39.23 -11.23
CA ILE D 497 -6.06 40.58 -11.69
C ILE D 497 -6.47 40.81 -13.14
N ALA D 498 -6.20 39.83 -13.99
CA ALA D 498 -6.66 39.87 -15.36
C ALA D 498 -7.08 38.49 -15.71
N ASN D 499 -7.63 38.34 -16.91
CA ASN D 499 -7.81 37.01 -17.48
C ASN D 499 -7.90 37.01 -19.04
N GLY D 500 -7.91 35.82 -19.61
CA GLY D 500 -7.97 35.68 -21.02
C GLY D 500 -7.89 34.23 -21.39
N GLN D 501 -7.24 33.95 -22.53
CA GLN D 501 -7.14 32.61 -23.08
C GLN D 501 -5.77 32.00 -22.74
N GLY D 502 -5.78 31.00 -21.88
CA GLY D 502 -4.55 30.38 -21.46
C GLY D 502 -4.11 29.30 -22.41
N ILE D 503 -2.84 29.31 -22.79
CA ILE D 503 -2.26 28.26 -23.59
C ILE D 503 -1.35 27.45 -22.69
N GLY D 504 -1.38 26.14 -22.86
CA GLY D 504 -0.65 25.24 -21.96
C GLY D 504 -1.55 24.96 -20.77
N ARG D 505 -1.06 24.18 -19.81
CA ARG D 505 -1.84 23.89 -18.60
C ARG D 505 -1.09 24.21 -17.29
N GLY D 506 0.16 24.65 -17.37
CA GLY D 506 1.00 24.81 -16.16
C GLY D 506 0.75 26.11 -15.40
N SER D 507 1.74 26.56 -14.64
CA SER D 507 1.64 27.83 -13.90
C SER D 507 2.99 28.23 -13.28
N VAL D 508 3.14 29.53 -13.03
CA VAL D 508 4.33 30.03 -12.37
C VAL D 508 4.10 31.37 -11.69
N VAL D 509 5.04 31.70 -10.82
CA VAL D 509 5.06 33.01 -10.16
C VAL D 509 6.35 33.70 -10.52
N GLY D 510 6.30 35.01 -10.67
CA GLY D 510 7.49 35.78 -11.05
C GLY D 510 7.11 37.21 -11.31
N THR D 511 8.09 38.10 -11.30
CA THR D 511 7.82 39.53 -11.44
C THR D 511 7.64 39.93 -12.89
N THR D 512 6.64 40.78 -13.16
CA THR D 512 6.36 41.23 -14.51
C THR D 512 7.52 42.01 -15.12
N LEU D 513 7.58 42.03 -16.46
CA LEU D 513 8.37 43.01 -17.21
C LEU D 513 7.54 43.48 -18.38
N VAL D 514 6.77 44.55 -18.18
CA VAL D 514 5.96 45.11 -19.24
C VAL D 514 6.90 45.62 -20.34
N ALA D 515 6.87 44.97 -21.51
CA ALA D 515 7.71 45.37 -22.64
C ALA D 515 6.83 45.95 -23.72
N GLU D 516 6.98 47.25 -23.95
CA GLU D 516 6.20 47.95 -24.96
C GLU D 516 6.82 47.72 -26.34
N THR D 517 8.11 47.40 -26.36
CA THR D 517 8.84 47.09 -27.60
C THR D 517 9.94 46.07 -27.31
N VAL D 518 10.57 45.58 -28.37
CA VAL D 518 11.63 44.56 -28.25
C VAL D 518 12.84 45.11 -27.53
N LYS D 519 13.14 46.38 -27.76
CA LYS D 519 14.28 47.08 -27.16
C LYS D 519 14.00 47.41 -25.69
N ASP D 520 12.73 47.29 -25.30
CA ASP D 520 12.29 47.54 -23.93
C ASP D 520 12.62 46.37 -22.99
N LEU D 521 13.42 45.42 -23.46
CA LEU D 521 13.93 44.34 -22.63
C LEU D 521 15.24 43.75 -23.19
N GLU D 522 15.98 44.56 -23.94
CA GLU D 522 17.08 44.04 -24.77
C GLU D 522 18.28 43.63 -23.93
N GLY D 523 18.90 44.62 -23.27
CA GLY D 523 20.11 44.38 -22.50
C GLY D 523 19.87 44.24 -21.01
N LYS D 524 18.62 44.41 -20.60
CA LYS D 524 18.24 44.37 -19.18
C LYS D 524 17.41 43.11 -18.89
N ASP D 525 18.03 41.95 -19.10
CA ASP D 525 17.28 40.71 -19.09
C ASP D 525 17.95 39.57 -18.32
N LEU D 526 17.31 39.16 -17.22
CA LEU D 526 17.56 37.86 -16.61
C LEU D 526 16.32 36.99 -16.90
N SER D 527 16.33 35.78 -16.33
CA SER D 527 15.21 34.85 -16.42
C SER D 527 14.08 35.31 -15.50
N ASP D 528 13.56 34.40 -14.66
CA ASP D 528 12.67 34.69 -13.49
C ASP D 528 11.57 35.77 -13.63
N LYS D 529 11.17 36.10 -14.86
CA LYS D 529 10.16 37.13 -15.08
C LYS D 529 9.11 36.64 -16.05
N VAL D 530 7.92 37.26 -16.00
CA VAL D 530 6.84 36.98 -16.95
C VAL D 530 6.56 38.24 -17.76
N ILE D 531 6.93 38.22 -19.05
CA ILE D 531 6.89 39.43 -19.87
C ILE D 531 5.46 39.71 -20.32
N VAL D 532 5.09 40.98 -20.32
CA VAL D 532 3.77 41.44 -20.76
C VAL D 532 3.88 42.40 -21.95
N THR D 533 3.60 41.91 -23.16
CA THR D 533 3.77 42.72 -24.38
C THR D 533 2.46 42.83 -25.11
N ASN D 534 2.48 43.45 -26.29
CA ASN D 534 1.32 43.49 -27.19
C ASN D 534 1.14 42.18 -27.95
N SER D 535 2.07 41.89 -28.84
CA SER D 535 2.11 40.61 -29.53
C SER D 535 3.56 40.14 -29.63
N ILE D 536 3.76 38.98 -30.24
CA ILE D 536 5.11 38.46 -30.48
C ILE D 536 5.50 38.57 -31.96
N ASP D 537 6.56 39.33 -32.22
CA ASP D 537 7.21 39.40 -33.54
C ASP D 537 8.22 38.26 -33.64
N GLU D 538 9.01 38.28 -34.71
CA GLU D 538 10.22 37.47 -34.79
C GLU D 538 11.30 38.00 -33.83
N THR D 539 11.25 39.30 -33.52
CA THR D 539 12.26 39.96 -32.66
C THR D 539 11.99 39.66 -31.20
N PHE D 540 10.76 39.29 -30.89
CA PHE D 540 10.40 38.92 -29.52
C PHE D 540 10.71 37.44 -29.24
N VAL D 541 10.54 36.58 -30.23
CA VAL D 541 10.67 35.12 -30.01
C VAL D 541 11.97 34.64 -29.34
N PRO D 542 13.11 35.33 -29.58
CA PRO D 542 14.34 34.92 -28.89
C PRO D 542 14.31 35.24 -27.40
N TYR D 543 13.70 36.37 -27.01
CA TYR D 543 13.64 36.77 -25.62
C TYR D 543 12.60 35.95 -24.83
N VAL D 544 11.46 35.64 -25.43
CA VAL D 544 10.37 34.92 -24.74
C VAL D 544 10.81 33.60 -24.14
N GLU D 545 11.57 32.81 -24.89
CA GLU D 545 11.99 31.49 -24.43
C GLU D 545 12.96 31.54 -23.24
N LYS D 546 13.58 32.68 -23.00
CA LYS D 546 14.45 32.86 -21.82
C LYS D 546 13.63 33.09 -20.53
N ALA D 547 12.35 33.38 -20.68
CA ALA D 547 11.52 33.87 -19.58
C ALA D 547 10.90 32.73 -18.79
N LEU D 548 10.09 33.09 -17.77
CA LEU D 548 9.29 32.14 -17.00
C LEU D 548 7.87 32.03 -17.53
N GLY D 549 7.27 33.19 -17.81
CA GLY D 549 5.89 33.25 -18.32
C GLY D 549 5.70 34.28 -19.41
N LEU D 550 4.47 34.43 -19.87
CA LEU D 550 4.19 35.37 -20.95
C LEU D 550 2.72 35.76 -20.88
N ILE D 551 2.46 37.06 -20.95
CA ILE D 551 1.09 37.57 -21.14
C ILE D 551 1.07 38.52 -22.31
N THR D 552 0.18 38.28 -23.27
CA THR D 552 0.13 39.07 -24.49
C THR D 552 -1.23 39.77 -24.64
N GLU D 553 -1.25 40.90 -25.35
CA GLU D 553 -2.36 41.87 -25.29
C GLU D 553 -3.64 41.33 -25.86
N GLU D 554 -3.53 40.75 -27.03
CA GLU D 554 -4.71 40.27 -27.72
C GLU D 554 -4.35 38.87 -28.22
N ASN D 555 -4.75 38.54 -29.46
CA ASN D 555 -4.31 37.32 -30.13
C ASN D 555 -5.34 36.17 -29.98
N GLY D 556 -5.14 35.11 -30.76
CA GLY D 556 -5.93 33.87 -30.71
C GLY D 556 -5.04 32.69 -30.40
N ILE D 557 -5.51 31.47 -30.67
CA ILE D 557 -4.80 30.25 -30.15
C ILE D 557 -3.60 29.79 -30.96
N THR D 558 -3.60 30.03 -32.26
CA THR D 558 -2.46 29.64 -33.09
C THR D 558 -1.52 30.84 -33.38
N SER D 559 -1.80 31.99 -32.77
CA SER D 559 -1.00 33.22 -32.95
C SER D 559 0.46 33.03 -32.65
N PRO D 560 1.30 33.97 -33.12
CA PRO D 560 2.73 33.86 -32.85
C PRO D 560 3.01 33.78 -31.35
N SER D 561 2.27 34.58 -30.59
CA SER D 561 2.41 34.68 -29.14
C SER D 561 2.00 33.39 -28.42
N ALA D 562 0.90 32.79 -28.86
CA ALA D 562 0.39 31.54 -28.30
C ALA D 562 1.22 30.33 -28.70
N ILE D 563 1.59 30.27 -29.95
CA ILE D 563 2.26 29.08 -30.49
C ILE D 563 3.64 28.87 -29.84
N VAL D 564 4.38 29.96 -29.65
CA VAL D 564 5.73 29.90 -29.11
C VAL D 564 5.74 29.38 -27.68
N GLY D 565 4.74 29.77 -26.90
CA GLY D 565 4.65 29.30 -25.52
C GLY D 565 4.46 27.80 -25.42
N LEU D 566 3.51 27.26 -26.20
CA LEU D 566 3.27 25.82 -26.17
C LEU D 566 4.49 25.02 -26.68
N GLU D 567 5.23 25.58 -27.64
CA GLU D 567 6.40 24.85 -28.18
C GLU D 567 7.49 24.72 -27.14
N LYS D 568 7.75 25.81 -26.41
CA LYS D 568 8.85 25.87 -25.46
C LYS D 568 8.39 25.68 -24.00
N GLY D 569 7.20 25.13 -23.82
CA GLY D 569 6.70 24.72 -22.50
C GLY D 569 6.47 25.83 -21.49
N ILE D 570 6.31 27.05 -21.97
CA ILE D 570 6.13 28.20 -21.08
C ILE D 570 4.64 28.50 -20.89
N PRO D 571 4.20 28.58 -19.63
CA PRO D 571 2.82 28.94 -19.36
C PRO D 571 2.52 30.36 -19.85
N THR D 572 1.48 30.51 -20.64
CA THR D 572 1.18 31.79 -21.26
C THR D 572 -0.31 32.04 -21.18
N VAL D 573 -0.71 33.30 -21.30
CA VAL D 573 -2.12 33.68 -21.53
C VAL D 573 -2.21 34.69 -22.68
N VAL D 574 -3.20 34.51 -23.54
CA VAL D 574 -3.40 35.40 -24.70
C VAL D 574 -4.79 36.04 -24.63
N GLY D 575 -4.98 37.15 -25.34
CA GLY D 575 -6.27 37.83 -25.36
C GLY D 575 -6.55 38.51 -24.05
N VAL D 576 -5.55 39.18 -23.48
CA VAL D 576 -5.64 39.84 -22.17
C VAL D 576 -5.96 41.33 -22.28
N GLU D 577 -7.26 41.64 -22.38
CA GLU D 577 -7.80 42.98 -22.66
C GLU D 577 -6.80 44.12 -22.87
N LYS D 578 -6.21 44.62 -21.79
CA LYS D 578 -5.27 45.73 -21.89
C LYS D 578 -4.08 45.46 -21.00
N ALA D 579 -3.36 44.38 -21.29
CA ALA D 579 -2.28 43.94 -20.43
C ALA D 579 -1.17 44.99 -20.19
N VAL D 580 -0.77 45.75 -21.20
CA VAL D 580 0.36 46.65 -21.03
C VAL D 580 0.00 47.84 -20.14
N LYS D 581 -1.23 48.33 -20.29
CA LYS D 581 -1.76 49.45 -19.50
C LYS D 581 -2.15 49.02 -18.08
N ASN D 582 -2.96 47.97 -17.98
CA ASN D 582 -3.57 47.56 -16.70
C ASN D 582 -2.60 46.86 -15.76
N ILE D 583 -1.82 45.90 -16.27
CA ILE D 583 -0.84 45.19 -15.44
C ILE D 583 0.41 46.01 -15.18
N SER D 584 0.77 46.14 -13.91
CA SER D 584 1.89 46.98 -13.52
C SER D 584 3.24 46.32 -13.81
N ASN D 585 4.28 47.16 -13.80
CA ASN D 585 5.64 46.72 -14.06
C ASN D 585 6.32 46.32 -12.76
N ASN D 586 7.12 45.27 -12.85
CA ASN D 586 7.96 44.78 -11.76
C ASN D 586 7.21 44.33 -10.49
N VAL D 587 5.90 44.07 -10.62
CA VAL D 587 5.10 43.51 -9.52
C VAL D 587 4.94 42.00 -9.69
N LEU D 588 5.12 41.28 -8.58
CA LEU D 588 5.09 39.81 -8.57
C LEU D 588 3.70 39.34 -8.91
N VAL D 589 3.61 38.35 -9.80
CA VAL D 589 2.32 37.88 -10.30
C VAL D 589 2.36 36.37 -10.48
N THR D 590 1.17 35.75 -10.46
CA THR D 590 1.04 34.31 -10.73
C THR D 590 0.16 34.07 -11.92
N ILE D 591 0.63 33.29 -12.90
CA ILE D 591 -0.20 33.00 -14.07
C ILE D 591 -0.65 31.55 -14.04
N ASP D 592 -1.89 31.32 -14.44
CA ASP D 592 -2.47 29.99 -14.48
C ASP D 592 -2.85 29.59 -15.90
N ALA D 593 -2.07 28.71 -16.49
CA ALA D 593 -2.30 28.26 -17.88
C ALA D 593 -3.72 27.68 -18.09
N ALA D 594 -4.11 26.64 -17.33
CA ALA D 594 -5.51 26.21 -17.34
C ALA D 594 -6.25 27.40 -16.81
N GLN D 595 -7.58 27.39 -16.84
CA GLN D 595 -8.41 28.52 -16.33
C GLN D 595 -8.17 29.86 -17.04
N GLY D 596 -6.91 30.21 -17.25
CA GLY D 596 -6.56 31.44 -17.98
C GLY D 596 -6.73 32.67 -17.11
N LYS D 597 -6.19 32.61 -15.90
CA LYS D 597 -6.32 33.69 -14.95
C LYS D 597 -4.95 34.19 -14.64
N ILE D 598 -4.87 35.41 -14.14
CA ILE D 598 -3.64 36.04 -13.70
C ILE D 598 -3.84 36.69 -12.35
N PHE D 599 -2.99 36.40 -11.37
CA PHE D 599 -3.23 36.82 -9.97
C PHE D 599 -2.23 37.83 -9.41
N GLU D 600 -2.65 38.47 -8.32
CA GLU D 600 -1.93 39.59 -7.69
C GLU D 600 -0.53 39.24 -7.19
N GLY D 601 -0.29 38.02 -6.72
CA GLY D 601 1.08 37.63 -6.33
C GLY D 601 1.13 36.39 -5.48
N TYR D 602 1.32 35.24 -6.12
CA TYR D 602 1.27 33.92 -5.47
C TYR D 602 -0.16 33.41 -5.26
N ALA D 603 -0.47 32.18 -5.68
CA ALA D 603 -1.81 31.61 -5.46
C ALA D 603 -1.90 30.06 -5.40
N ASN D 604 -2.28 29.39 -6.50
CA ASN D 604 -2.36 27.91 -6.58
C ASN D 604 -3.04 27.44 -7.86
#